data_3BSZ
#
_entry.id   3BSZ
#
_cell.length_a   159.620
_cell.length_b   223.180
_cell.length_c   121.430
_cell.angle_alpha   90.00
_cell.angle_beta   90.00
_cell.angle_gamma   90.00
#
_symmetry.space_group_name_H-M   'C 2 2 2'
#
loop_
_entity.id
_entity.type
_entity.pdbx_description
1 polymer Transthyretin
2 polymer 'Plasma retinol-binding protein'
3 polymer 'Fab fragment heavy chain'
4 polymer 'Fab fragment light chain'
5 non-polymer RETINOL
6 water water
#
loop_
_entity_poly.entity_id
_entity_poly.type
_entity_poly.pdbx_seq_one_letter_code
_entity_poly.pdbx_strand_id
1 'polypeptide(L)'
;GPTGTGESKCPLMVKVLDAVRGSPAINVAVHVFRKAADDTWEPFASGKTSESGELHGLTTEEEFVEGIYKVEIDTKSYWK
ALGISPFHEHAEVVFTANDSGPRRYTIAALLSPYSYSTTAVVTNPKE
;
A,B,C,D
2 'polypeptide(L)'
;ERDCRVSSFRVKENFDKARFSGTWYAMAKKDPEGLFLQDNIVAEFSVDETGQMSATAKGRVRLLNNWDVCADMVGTFTDT
EDPAKFKMKYWGVASFLQKGNDDHWIVDTDYDTYAVQYSCRLLNLDGTCADSYSFVFSRDPNGLPPEAQKIVRQRQEELC
LARQYRLIVHNGYCDG
;
E,F
3 'polypeptide(L)'
;DIVLTQSPSSLAVSLGQRATISCRASESVDSYGNSFMHWYQQKPGQPPKLLIYRASNLESGIPARFSGSGSRTDFTLTIN
PVEADDVATYYCQQSNEDPYTFGGGTKLEIKRADAAPTVSIFPPSSEQLTSGGASVVCFLNNFYPKDINVKWKIDGSERQ
NGVLNSWTDQDSKDSTYSMSSTLTLTKDEYERHNSYTCEATHKTSTSPIVKSFNR
;
L,M
4 'polypeptide(L)'
;DVQLQESGTVLARPGASVKMSCKASGYSFTSYWMHWIKQRPGQGLEWIGGVYPGDSHTSYNQKFKGKAKLTAVTSASTAY
MELSSLTNEDSAVYYCTRSGFDYGNEDWGQGTTLTVSSAKTTPPSVYPLAPGSAAQTNSMVTLGCLVKGYFPEPVTVTWN
SGSLSSGVHTFPAVLQSDLYTLSSSVTVPSSPRPSETVTCNVAHPASSTKVDKKI
;
H,N
#
# COMPACT_ATOMS: atom_id res chain seq x y z
N GLU A 7 40.04 16.73 -12.60
CA GLU A 7 39.48 15.62 -11.76
C GLU A 7 39.33 16.04 -10.31
N SER A 8 38.23 15.59 -9.68
CA SER A 8 37.95 15.92 -8.29
C SER A 8 36.80 15.07 -7.70
N LYS A 9 36.10 15.63 -6.72
CA LYS A 9 34.97 14.97 -6.05
C LYS A 9 33.70 15.08 -6.92
N CYS A 10 32.57 14.65 -6.37
CA CYS A 10 31.31 14.74 -7.10
C CYS A 10 30.14 14.85 -6.14
N PRO A 11 29.62 16.07 -6.00
CA PRO A 11 28.49 16.39 -5.11
C PRO A 11 27.25 15.56 -5.45
N LEU A 12 27.22 15.02 -6.67
CA LEU A 12 26.09 14.22 -7.11
C LEU A 12 26.54 12.89 -7.69
N MET A 13 25.90 11.81 -7.21
CA MET A 13 26.18 10.46 -7.68
C MET A 13 24.86 9.75 -7.79
N VAL A 14 24.71 8.95 -8.83
CA VAL A 14 23.46 8.22 -9.09
C VAL A 14 23.71 6.70 -9.24
N LYS A 15 23.21 5.94 -8.27
CA LYS A 15 23.37 4.48 -8.23
C LYS A 15 22.03 3.74 -8.42
N VAL A 16 22.08 2.58 -9.07
CA VAL A 16 20.87 1.77 -9.30
C VAL A 16 21.13 0.27 -9.32
N LEU A 17 20.30 -0.47 -8.60
CA LEU A 17 20.40 -1.93 -8.53
C LEU A 17 19.23 -2.66 -9.24
N ASP A 18 19.53 -3.74 -9.96
CA ASP A 18 18.49 -4.49 -10.63
C ASP A 18 17.80 -5.49 -9.69
N ALA A 19 16.62 -5.08 -9.25
CA ALA A 19 15.76 -5.80 -8.32
C ALA A 19 15.45 -7.27 -8.64
N VAL A 20 15.21 -7.56 -9.91
CA VAL A 20 14.89 -8.90 -10.27
C VAL A 20 16.14 -9.72 -10.11
N ARG A 21 17.19 -9.31 -10.83
CA ARG A 21 18.50 -9.98 -10.83
C ARG A 21 19.32 -9.99 -9.53
N GLY A 22 19.20 -8.94 -8.72
CA GLY A 22 19.99 -8.91 -7.52
C GLY A 22 21.41 -8.65 -8.00
N SER A 23 21.54 -7.57 -8.77
CA SER A 23 22.80 -7.13 -9.36
C SER A 23 22.73 -5.64 -9.64
N PRO A 24 23.81 -5.09 -10.22
CA PRO A 24 23.77 -3.65 -10.51
C PRO A 24 23.04 -3.38 -11.85
N ALA A 25 22.21 -2.34 -11.90
CA ALA A 25 21.50 -2.02 -13.13
C ALA A 25 22.54 -1.36 -14.04
N ILE A 26 23.14 -2.15 -14.92
CA ILE A 26 24.16 -1.62 -15.81
C ILE A 26 23.68 -1.11 -17.17
N ASN A 27 24.37 -0.07 -17.64
CA ASN A 27 24.07 0.56 -18.94
C ASN A 27 22.86 1.48 -18.85
N VAL A 28 22.40 1.77 -17.64
CA VAL A 28 21.24 2.65 -17.47
C VAL A 28 21.54 4.10 -17.81
N ALA A 29 20.66 4.69 -18.62
CA ALA A 29 20.84 6.06 -19.03
C ALA A 29 20.21 6.95 -17.99
N VAL A 30 20.89 8.07 -17.73
CA VAL A 30 20.43 9.02 -16.75
C VAL A 30 20.49 10.45 -17.28
N HIS A 31 19.60 11.29 -16.79
CA HIS A 31 19.57 12.67 -17.20
C HIS A 31 19.11 13.53 -16.04
N VAL A 32 19.91 14.53 -15.71
CA VAL A 32 19.58 15.40 -14.63
C VAL A 32 19.39 16.79 -15.23
N PHE A 33 18.50 17.57 -14.63
CA PHE A 33 18.22 18.92 -15.11
C PHE A 33 18.12 19.91 -13.96
N ARG A 34 17.97 21.17 -14.32
CA ARG A 34 17.86 22.28 -13.37
C ARG A 34 16.72 23.20 -13.86
N LYS A 35 15.87 23.61 -12.92
CA LYS A 35 14.76 24.51 -13.22
C LYS A 35 15.34 25.88 -13.55
N ALA A 36 15.16 26.34 -14.78
CA ALA A 36 15.69 27.63 -15.18
C ALA A 36 14.77 28.77 -14.77
N ALA A 37 14.98 29.91 -15.39
CA ALA A 37 14.18 31.10 -15.10
C ALA A 37 12.94 31.15 -15.98
N ASP A 38 12.16 30.07 -15.94
CA ASP A 38 10.93 29.97 -16.73
C ASP A 38 10.11 28.75 -16.32
N ASP A 39 10.61 27.98 -15.36
CA ASP A 39 9.94 26.77 -14.87
C ASP A 39 10.26 25.60 -15.80
N THR A 40 11.13 25.83 -16.78
CA THR A 40 11.53 24.82 -17.76
C THR A 40 12.62 23.92 -17.20
N TRP A 41 13.00 22.90 -17.97
CA TRP A 41 14.04 21.95 -17.56
C TRP A 41 15.23 21.97 -18.53
N GLU A 42 16.31 22.65 -18.13
CA GLU A 42 17.48 22.76 -18.97
C GLU A 42 18.50 21.64 -18.74
N PRO A 43 18.97 21.02 -19.83
CA PRO A 43 19.95 19.93 -19.71
C PRO A 43 21.16 20.27 -18.87
N PHE A 44 21.23 19.65 -17.69
CA PHE A 44 22.35 19.86 -16.78
C PHE A 44 23.52 18.90 -17.00
N ALA A 45 23.21 17.65 -17.35
CA ALA A 45 24.22 16.60 -17.61
C ALA A 45 23.60 15.19 -17.79
N SER A 46 24.24 14.34 -18.60
CA SER A 46 23.77 12.98 -18.84
C SER A 46 24.86 11.93 -18.58
N GLY A 47 24.60 10.68 -18.92
CA GLY A 47 25.58 9.63 -18.70
C GLY A 47 24.91 8.28 -18.57
N LYS A 48 25.70 7.24 -18.33
CA LYS A 48 25.16 5.89 -18.18
C LYS A 48 25.95 5.06 -17.19
N THR A 49 25.23 4.27 -16.39
CA THR A 49 25.82 3.40 -15.36
C THR A 49 26.94 2.51 -15.85
N SER A 50 27.97 2.35 -15.02
CA SER A 50 29.12 1.50 -15.34
C SER A 50 28.95 0.13 -14.69
N GLU A 51 29.92 -0.75 -14.91
CA GLU A 51 29.90 -2.10 -14.32
C GLU A 51 29.32 -2.00 -12.90
N SER A 52 29.82 -1.04 -12.13
CA SER A 52 29.41 -0.80 -10.75
C SER A 52 27.92 -0.72 -10.55
N GLY A 53 27.27 0.00 -11.46
CA GLY A 53 25.85 0.21 -11.38
C GLY A 53 25.68 1.68 -10.99
N GLU A 54 26.79 2.27 -10.56
CA GLU A 54 26.84 3.67 -10.14
C GLU A 54 26.99 4.58 -11.36
N LEU A 55 27.28 5.85 -11.10
CA LEU A 55 27.44 6.84 -12.16
C LEU A 55 28.23 8.00 -11.57
N HIS A 56 29.48 8.15 -12.00
CA HIS A 56 30.34 9.20 -11.44
C HIS A 56 30.88 10.31 -12.39
N GLY A 57 30.92 11.53 -11.85
CA GLY A 57 31.43 12.65 -12.61
C GLY A 57 30.42 13.55 -13.30
N LEU A 58 29.14 13.35 -13.03
CA LEU A 58 28.11 14.16 -13.65
C LEU A 58 28.42 15.66 -13.66
N THR A 59 28.82 16.20 -12.52
CA THR A 59 29.15 17.61 -12.44
C THR A 59 30.32 17.83 -11.49
N THR A 60 30.43 19.03 -10.94
CA THR A 60 31.51 19.35 -10.02
C THR A 60 30.99 20.08 -8.82
N GLU A 61 31.83 20.13 -7.78
CA GLU A 61 31.50 20.80 -6.54
C GLU A 61 31.17 22.25 -6.91
N GLU A 62 31.49 22.61 -8.14
CA GLU A 62 31.25 23.98 -8.63
C GLU A 62 30.09 24.13 -9.62
N GLU A 63 30.13 23.39 -10.73
CA GLU A 63 29.06 23.46 -11.71
C GLU A 63 27.74 23.19 -10.96
N PHE A 64 27.70 22.10 -10.20
CA PHE A 64 26.51 21.77 -9.43
C PHE A 64 26.24 22.88 -8.41
N VAL A 65 25.24 23.73 -8.71
CA VAL A 65 24.87 24.85 -7.83
C VAL A 65 23.49 24.73 -7.20
N GLU A 66 23.10 25.75 -6.44
CA GLU A 66 21.80 25.73 -5.79
C GLU A 66 20.75 25.71 -6.88
N GLY A 67 19.57 25.19 -6.51
CA GLY A 67 18.47 25.11 -7.46
C GLY A 67 17.75 23.79 -7.36
N ILE A 68 16.61 23.69 -8.03
CA ILE A 68 15.85 22.47 -8.02
C ILE A 68 16.35 21.65 -9.20
N TYR A 69 16.72 20.40 -8.97
CA TYR A 69 17.20 19.57 -10.07
C TYR A 69 16.28 18.38 -10.30
N LYS A 70 16.45 17.72 -11.43
CA LYS A 70 15.64 16.54 -11.79
C LYS A 70 16.49 15.42 -12.39
N VAL A 71 16.56 14.31 -11.67
CA VAL A 71 17.30 13.17 -12.17
C VAL A 71 16.30 12.16 -12.72
N GLU A 72 16.49 11.80 -13.98
CA GLU A 72 15.59 10.86 -14.61
C GLU A 72 16.25 9.55 -14.97
N ILE A 73 15.99 8.54 -14.16
CA ILE A 73 16.55 7.22 -14.40
C ILE A 73 15.79 6.54 -15.54
N ASP A 74 16.48 6.32 -16.66
CA ASP A 74 15.86 5.68 -17.79
C ASP A 74 15.59 4.21 -17.44
N THR A 75 14.53 3.96 -16.70
CA THR A 75 14.21 2.60 -16.29
C THR A 75 13.67 1.71 -17.42
N LYS A 76 12.73 2.25 -18.20
CA LYS A 76 12.13 1.50 -19.30
C LYS A 76 13.19 0.88 -20.19
N SER A 77 14.13 1.69 -20.67
CA SER A 77 15.18 1.19 -21.55
C SER A 77 16.05 0.15 -20.86
N TYR A 78 15.94 0.04 -19.54
CA TYR A 78 16.71 -0.98 -18.87
C TYR A 78 15.92 -2.24 -19.11
N TRP A 79 14.83 -2.38 -18.37
CA TRP A 79 13.99 -3.56 -18.50
C TRP A 79 13.73 -4.01 -19.93
N LYS A 80 13.03 -3.19 -20.71
CA LYS A 80 12.71 -3.54 -22.08
C LYS A 80 13.94 -4.14 -22.76
N ALA A 81 15.08 -3.46 -22.69
CA ALA A 81 16.31 -3.96 -23.30
C ALA A 81 16.58 -5.42 -22.93
N LEU A 82 16.46 -5.74 -21.65
CA LEU A 82 16.72 -7.09 -21.19
C LEU A 82 15.65 -8.02 -21.68
N GLY A 83 14.39 -7.60 -21.66
CA GLY A 83 13.35 -8.48 -22.16
C GLY A 83 11.98 -8.44 -21.53
N ILE A 84 11.80 -7.71 -20.44
CA ILE A 84 10.50 -7.61 -19.78
C ILE A 84 9.76 -6.34 -20.22
N SER A 85 8.44 -6.36 -20.07
CA SER A 85 7.65 -5.19 -20.42
C SER A 85 7.38 -4.44 -19.13
N PRO A 86 8.34 -3.61 -18.73
CA PRO A 86 8.30 -2.80 -17.52
C PRO A 86 7.04 -1.95 -17.51
N PHE A 87 6.66 -1.45 -16.34
CA PHE A 87 5.48 -0.63 -16.24
C PHE A 87 5.71 0.87 -16.24
N HIS A 88 6.60 1.32 -15.37
CA HIS A 88 6.88 2.75 -15.31
C HIS A 88 7.66 3.21 -16.55
N GLU A 89 7.19 4.25 -17.22
CA GLU A 89 7.89 4.76 -18.40
C GLU A 89 9.34 5.11 -18.00
N HIS A 90 9.51 5.65 -16.80
CA HIS A 90 10.83 6.01 -16.30
C HIS A 90 10.74 6.55 -14.90
N ALA A 91 11.84 6.49 -14.16
CA ALA A 91 11.85 6.99 -12.79
C ALA A 91 12.51 8.36 -12.73
N GLU A 92 11.97 9.24 -11.91
CA GLU A 92 12.51 10.58 -11.78
C GLU A 92 12.81 10.96 -10.33
N VAL A 93 13.65 11.98 -10.16
CA VAL A 93 14.02 12.46 -8.83
C VAL A 93 14.17 13.98 -8.83
N VAL A 94 13.41 14.64 -7.99
CA VAL A 94 13.49 16.09 -7.92
C VAL A 94 13.57 16.56 -6.48
N PHE A 95 14.57 17.40 -6.24
CA PHE A 95 14.87 17.92 -4.92
C PHE A 95 15.50 19.30 -5.05
N THR A 96 15.57 19.99 -3.92
CA THR A 96 16.15 21.31 -3.89
C THR A 96 17.64 21.15 -3.55
N ALA A 97 18.48 21.25 -4.58
CA ALA A 97 19.93 21.09 -4.42
C ALA A 97 20.63 22.20 -3.64
N ASN A 98 21.66 21.83 -2.89
CA ASN A 98 22.45 22.75 -2.08
C ASN A 98 21.70 23.99 -1.62
N ASP A 99 20.60 23.76 -0.93
CA ASP A 99 19.78 24.84 -0.43
C ASP A 99 20.45 25.45 0.79
N SER A 100 20.66 24.62 1.83
CA SER A 100 21.30 25.11 3.06
C SER A 100 22.81 24.89 3.02
N GLY A 101 23.45 25.54 2.04
CA GLY A 101 24.89 25.41 1.87
C GLY A 101 25.35 24.31 0.90
N PRO A 102 26.61 23.85 1.02
CA PRO A 102 27.19 22.80 0.18
C PRO A 102 26.95 21.38 0.74
N ARG A 103 26.73 20.40 -0.14
CA ARG A 103 26.46 19.02 0.29
C ARG A 103 26.72 17.96 -0.77
N ARG A 104 26.86 16.71 -0.35
CA ARG A 104 27.10 15.62 -1.28
C ARG A 104 25.83 14.81 -1.42
N TYR A 105 25.24 14.80 -2.59
CA TYR A 105 24.01 14.05 -2.81
C TYR A 105 24.19 12.77 -3.60
N THR A 106 23.58 11.73 -3.08
CA THR A 106 23.62 10.42 -3.74
C THR A 106 22.22 9.83 -3.80
N ILE A 107 21.76 9.62 -5.03
CA ILE A 107 20.47 9.06 -5.27
C ILE A 107 20.64 7.57 -5.57
N ALA A 108 19.76 6.77 -5.01
CA ALA A 108 19.83 5.33 -5.21
C ALA A 108 18.51 4.78 -5.69
N ALA A 109 18.57 3.98 -6.75
CA ALA A 109 17.37 3.39 -7.27
C ALA A 109 17.49 1.89 -7.22
N LEU A 110 16.36 1.23 -6.96
CA LEU A 110 16.33 -0.22 -6.94
C LEU A 110 15.15 -0.61 -7.79
N LEU A 111 15.20 -0.20 -9.05
CA LEU A 111 14.13 -0.44 -10.01
C LEU A 111 13.73 -1.89 -10.18
N SER A 112 12.44 -2.06 -10.40
CA SER A 112 11.89 -3.39 -10.62
C SER A 112 10.91 -3.18 -11.77
N PRO A 113 10.51 -4.27 -12.42
CA PRO A 113 9.57 -4.15 -13.54
C PRO A 113 8.25 -3.45 -13.22
N TYR A 114 7.76 -3.59 -12.01
CA TYR A 114 6.47 -2.94 -11.70
C TYR A 114 6.45 -2.05 -10.47
N SER A 115 7.64 -1.60 -10.06
CA SER A 115 7.80 -0.73 -8.88
C SER A 115 9.24 -0.34 -8.59
N TYR A 116 9.44 0.89 -8.13
CA TYR A 116 10.79 1.33 -7.80
C TYR A 116 10.78 2.02 -6.44
N SER A 117 11.96 2.19 -5.86
CA SER A 117 12.09 2.85 -4.56
C SER A 117 13.29 3.78 -4.56
N THR A 118 13.05 4.99 -5.01
CA THR A 118 14.10 5.97 -5.07
C THR A 118 14.48 6.34 -3.66
N THR A 119 15.73 6.69 -3.46
CA THR A 119 16.17 7.00 -2.14
C THR A 119 17.49 7.75 -2.21
N ALA A 120 17.68 8.74 -1.34
CA ALA A 120 18.92 9.50 -1.36
C ALA A 120 19.50 9.72 0.01
N VAL A 121 20.81 9.90 0.04
CA VAL A 121 21.52 10.12 1.30
C VAL A 121 22.46 11.29 1.10
N VAL A 122 22.44 12.25 2.01
CA VAL A 122 23.30 13.38 1.82
C VAL A 122 24.20 13.68 3.01
N THR A 123 25.39 14.21 2.71
CA THR A 123 26.38 14.53 3.73
C THR A 123 27.29 15.69 3.33
N ASN A 124 28.28 15.98 4.18
CA ASN A 124 29.25 17.05 3.94
C ASN A 124 30.59 16.49 3.42
N PRO A 125 31.51 17.36 2.98
CA PRO A 125 32.83 16.99 2.44
C PRO A 125 33.97 16.72 3.45
N GLU B 7 -20.76 6.43 -13.04
CA GLU B 7 -20.74 5.53 -11.85
C GLU B 7 -19.94 4.26 -12.15
N SER B 8 -20.50 3.10 -11.82
CA SER B 8 -19.83 1.81 -12.05
C SER B 8 -18.56 1.73 -11.20
N LYS B 9 -17.42 1.48 -11.87
CA LYS B 9 -16.16 1.37 -11.15
C LYS B 9 -15.08 2.33 -11.62
N CYS B 10 -14.21 2.68 -10.68
CA CYS B 10 -13.09 3.60 -10.85
C CYS B 10 -11.86 2.99 -11.55
N PRO B 11 -11.51 3.48 -12.75
CA PRO B 11 -10.38 3.02 -13.57
C PRO B 11 -9.01 3.16 -12.93
N LEU B 12 -8.61 4.37 -12.56
CA LEU B 12 -7.31 4.61 -11.95
C LEU B 12 -7.39 5.12 -10.51
N MET B 13 -6.55 4.58 -9.64
CA MET B 13 -6.54 5.01 -8.23
C MET B 13 -5.17 4.93 -7.58
N VAL B 14 -4.98 5.76 -6.56
CA VAL B 14 -3.71 5.84 -5.86
C VAL B 14 -3.83 5.52 -4.37
N LYS B 15 -2.77 4.99 -3.79
CA LYS B 15 -2.75 4.68 -2.37
C LYS B 15 -1.33 5.06 -1.88
N VAL B 16 -1.28 5.83 -0.78
CA VAL B 16 -0.03 6.32 -0.18
C VAL B 16 0.11 5.95 1.31
N LEU B 17 1.23 5.33 1.68
CA LEU B 17 1.43 4.95 3.07
C LEU B 17 2.60 5.67 3.73
N ASP B 18 2.42 6.03 5.00
CA ASP B 18 3.46 6.70 5.78
C ASP B 18 4.32 5.65 6.44
N ALA B 19 5.39 5.29 5.75
CA ALA B 19 6.32 4.28 6.22
C ALA B 19 6.80 4.55 7.65
N VAL B 20 6.99 5.82 7.97
CA VAL B 20 7.50 6.17 9.29
C VAL B 20 6.62 5.72 10.44
N ARG B 21 5.35 6.08 10.41
CA ARG B 21 4.48 5.74 11.52
C ARG B 21 3.62 4.49 11.44
N GLY B 22 3.74 3.72 10.36
CA GLY B 22 2.91 2.53 10.24
C GLY B 22 1.43 2.90 10.29
N SER B 23 1.06 3.88 9.47
CA SER B 23 -0.28 4.40 9.38
C SER B 23 -0.43 5.04 8.01
N PRO B 24 -1.67 5.24 7.52
CA PRO B 24 -1.80 5.86 6.19
C PRO B 24 -1.45 7.34 6.28
N ALA B 25 -1.04 7.90 5.16
CA ALA B 25 -0.72 9.32 5.14
C ALA B 25 -2.02 9.92 4.65
N ILE B 26 -2.66 10.76 5.46
CA ILE B 26 -3.93 11.33 5.02
C ILE B 26 -3.85 12.77 4.55
N ASN B 27 -4.82 13.12 3.71
CA ASN B 27 -4.96 14.44 3.09
C ASN B 27 -3.70 14.81 2.30
N VAL B 28 -3.18 13.82 1.59
CA VAL B 28 -2.01 14.02 0.76
C VAL B 28 -2.49 14.27 -0.66
N ALA B 29 -2.03 15.38 -1.22
CA ALA B 29 -2.41 15.78 -2.56
C ALA B 29 -1.93 14.83 -3.63
N VAL B 30 -2.72 14.70 -4.68
CA VAL B 30 -2.35 13.85 -5.78
C VAL B 30 -2.67 14.59 -7.06
N HIS B 31 -1.81 14.46 -8.05
CA HIS B 31 -2.07 15.11 -9.30
C HIS B 31 -1.77 14.22 -10.49
N VAL B 32 -2.78 14.08 -11.34
CA VAL B 32 -2.68 13.23 -12.51
C VAL B 32 -2.76 14.12 -13.74
N PHE B 33 -1.85 13.90 -14.68
CA PHE B 33 -1.85 14.67 -15.92
C PHE B 33 -1.79 13.65 -17.06
N ARG B 34 -2.00 14.11 -18.28
CA ARG B 34 -1.96 13.22 -19.42
C ARG B 34 -1.01 13.77 -20.47
N LYS B 35 0.01 13.01 -20.86
CA LYS B 35 0.94 13.50 -21.89
C LYS B 35 0.10 13.81 -23.13
N ALA B 36 0.15 15.09 -23.52
CA ALA B 36 -0.60 15.64 -24.67
C ALA B 36 0.07 15.63 -26.03
N ALA B 37 -0.75 15.80 -27.06
CA ALA B 37 -0.31 15.81 -28.45
C ALA B 37 0.93 16.68 -28.69
N ASP B 38 1.07 17.76 -27.92
CA ASP B 38 2.21 18.67 -28.07
C ASP B 38 3.47 18.14 -27.40
N ASP B 39 3.53 18.21 -26.07
CA ASP B 39 4.67 17.70 -25.32
C ASP B 39 4.67 18.05 -23.82
N THR B 40 3.59 18.64 -23.32
CA THR B 40 3.52 18.98 -21.90
C THR B 40 2.30 18.32 -21.25
N TRP B 41 2.36 18.11 -19.94
CA TRP B 41 1.26 17.45 -19.24
C TRP B 41 0.04 18.31 -18.90
N GLU B 42 -0.96 18.30 -19.78
CA GLU B 42 -2.17 19.07 -19.52
C GLU B 42 -2.94 18.39 -18.36
N PRO B 43 -3.28 19.17 -17.32
CA PRO B 43 -4.01 18.66 -16.16
C PRO B 43 -5.16 17.72 -16.52
N PHE B 44 -5.25 16.61 -15.79
CA PHE B 44 -6.26 15.60 -16.04
C PHE B 44 -7.12 15.35 -14.81
N ALA B 45 -6.55 15.51 -13.62
CA ALA B 45 -7.30 15.29 -12.37
C ALA B 45 -6.46 15.59 -11.12
N SER B 46 -7.14 15.86 -10.00
CA SER B 46 -6.48 16.14 -8.72
C SER B 46 -7.34 15.63 -7.56
N GLY B 47 -6.84 15.71 -6.34
CA GLY B 47 -7.61 15.23 -5.20
C GLY B 47 -6.80 15.09 -3.92
N LYS B 48 -7.42 14.50 -2.91
CA LYS B 48 -6.76 14.33 -1.62
C LYS B 48 -6.94 12.92 -1.08
N THR B 49 -5.94 12.45 -0.35
CA THR B 49 -5.97 11.12 0.22
C THR B 49 -6.96 10.94 1.39
N SER B 50 -7.89 10.00 1.21
CA SER B 50 -8.91 9.70 2.22
C SER B 50 -8.30 9.07 3.45
N GLU B 51 -9.05 9.01 4.54
CA GLU B 51 -8.57 8.40 5.77
C GLU B 51 -8.08 6.99 5.49
N SER B 52 -8.60 6.41 4.41
CA SER B 52 -8.23 5.06 4.03
C SER B 52 -6.83 5.11 3.43
N GLY B 53 -6.35 6.33 3.23
CA GLY B 53 -5.03 6.54 2.66
C GLY B 53 -5.01 6.35 1.16
N GLU B 54 -6.18 6.40 0.55
CA GLU B 54 -6.29 6.21 -0.90
C GLU B 54 -7.04 7.38 -1.54
N LEU B 55 -7.25 7.33 -2.85
CA LEU B 55 -7.98 8.39 -3.54
C LEU B 55 -8.85 7.71 -4.59
N HIS B 56 -10.05 7.30 -4.18
CA HIS B 56 -10.95 6.62 -5.08
C HIS B 56 -11.68 7.62 -5.94
N GLY B 57 -12.13 7.16 -7.10
CA GLY B 57 -12.85 8.01 -8.02
C GLY B 57 -12.00 9.07 -8.71
N LEU B 58 -10.79 8.70 -9.13
CA LEU B 58 -9.95 9.67 -9.82
C LEU B 58 -10.69 10.08 -11.06
N THR B 59 -10.60 9.30 -12.13
CA THR B 59 -11.32 9.64 -13.37
C THR B 59 -12.31 8.51 -13.61
N THR B 60 -13.17 8.65 -14.62
CA THR B 60 -14.15 7.62 -14.91
C THR B 60 -13.55 6.53 -15.80
N GLU B 61 -14.31 5.48 -16.04
CA GLU B 61 -13.83 4.35 -16.82
C GLU B 61 -13.75 4.54 -18.33
N GLU B 62 -13.69 5.79 -18.79
CA GLU B 62 -13.61 6.03 -20.23
C GLU B 62 -12.96 7.35 -20.62
N GLU B 63 -13.09 8.37 -19.78
CA GLU B 63 -12.47 9.65 -20.09
C GLU B 63 -10.97 9.39 -19.97
N PHE B 64 -10.64 8.46 -19.07
CA PHE B 64 -9.27 8.00 -18.81
C PHE B 64 -8.91 7.24 -20.09
N VAL B 65 -8.82 7.99 -21.18
CA VAL B 65 -8.54 7.42 -22.48
C VAL B 65 -7.27 6.61 -22.50
N GLU B 66 -6.71 6.47 -23.70
CA GLU B 66 -5.48 5.73 -23.90
C GLU B 66 -4.33 6.70 -24.11
N GLY B 67 -3.31 6.61 -23.27
CA GLY B 67 -2.16 7.50 -23.39
C GLY B 67 -1.27 7.53 -22.16
N ILE B 68 -0.26 8.40 -22.18
CA ILE B 68 0.68 8.51 -21.08
C ILE B 68 0.13 9.33 -19.94
N TYR B 69 0.37 8.87 -18.71
CA TYR B 69 -0.12 9.58 -17.54
C TYR B 69 0.97 9.79 -16.50
N LYS B 70 0.81 10.83 -15.69
CA LYS B 70 1.79 11.14 -14.64
C LYS B 70 1.04 11.48 -13.37
N VAL B 71 1.33 10.72 -12.31
CA VAL B 71 0.69 10.95 -11.04
C VAL B 71 1.67 11.61 -10.10
N GLU B 72 1.33 12.80 -9.62
CA GLU B 72 2.18 13.58 -8.72
C GLU B 72 1.73 13.65 -7.24
N ILE B 73 2.40 12.89 -6.39
CA ILE B 73 2.09 12.84 -4.98
C ILE B 73 2.91 13.87 -4.25
N ASP B 74 2.23 14.82 -3.60
CA ASP B 74 2.88 15.90 -2.88
C ASP B 74 3.48 15.41 -1.58
N THR B 75 4.44 14.50 -1.70
CA THR B 75 5.09 13.96 -0.54
C THR B 75 5.69 15.12 0.25
N LYS B 76 5.94 16.24 -0.43
CA LYS B 76 6.58 17.38 0.22
C LYS B 76 5.83 17.98 1.41
N SER B 77 4.77 18.74 1.11
CA SER B 77 4.00 19.39 2.17
C SER B 77 3.62 18.43 3.31
N TYR B 78 3.33 17.19 2.95
CA TYR B 78 2.95 16.19 3.96
C TYR B 78 4.00 16.16 5.06
N TRP B 79 5.17 15.63 4.70
CA TRP B 79 6.29 15.53 5.62
C TRP B 79 6.49 16.88 6.31
N LYS B 80 6.62 17.91 5.49
CA LYS B 80 6.83 19.26 5.96
C LYS B 80 5.82 19.52 7.07
N ALA B 81 4.57 19.15 6.83
CA ALA B 81 3.53 19.37 7.83
C ALA B 81 3.94 18.88 9.23
N LEU B 82 4.55 17.70 9.29
CA LEU B 82 4.97 17.13 10.56
C LEU B 82 6.34 17.65 10.92
N GLY B 83 6.58 18.93 10.63
CA GLY B 83 7.85 19.54 10.93
C GLY B 83 9.11 18.85 10.42
N ILE B 84 8.97 18.00 9.40
CA ILE B 84 10.15 17.32 8.88
C ILE B 84 10.41 17.76 7.46
N SER B 85 11.64 18.17 7.19
CA SER B 85 12.05 18.63 5.87
C SER B 85 12.42 17.42 5.05
N PRO B 86 11.61 17.11 4.02
CA PRO B 86 11.82 15.97 3.13
C PRO B 86 12.72 16.28 1.94
N PHE B 87 13.16 15.24 1.25
CA PHE B 87 14.04 15.38 0.11
C PHE B 87 13.29 15.71 -1.18
N HIS B 88 12.50 14.77 -1.67
CA HIS B 88 11.75 14.92 -2.90
C HIS B 88 10.68 16.01 -2.91
N GLU B 89 10.71 16.84 -3.93
CA GLU B 89 9.75 17.91 -4.06
C GLU B 89 8.36 17.32 -4.35
N HIS B 90 8.32 16.02 -4.60
CA HIS B 90 7.08 15.33 -4.90
C HIS B 90 7.38 13.98 -5.56
N ALA B 91 6.40 13.09 -5.58
CA ALA B 91 6.61 11.79 -6.20
C ALA B 91 5.63 11.58 -7.30
N GLU B 92 6.17 11.25 -8.47
CA GLU B 92 5.34 10.99 -9.62
C GLU B 92 5.53 9.61 -10.21
N VAL B 93 4.50 9.17 -10.89
CA VAL B 93 4.50 7.89 -11.54
C VAL B 93 4.02 8.18 -12.93
N VAL B 94 4.88 7.92 -13.90
CA VAL B 94 4.57 8.18 -15.29
C VAL B 94 4.47 6.85 -15.97
N PHE B 95 3.34 6.63 -16.62
CA PHE B 95 3.11 5.36 -17.30
C PHE B 95 2.21 5.49 -18.51
N THR B 96 2.07 4.37 -19.20
CA THR B 96 1.22 4.32 -20.37
C THR B 96 0.06 3.40 -19.97
N ALA B 97 -1.16 3.89 -20.13
CA ALA B 97 -2.34 3.12 -19.77
C ALA B 97 -3.25 2.87 -20.95
N ASN B 98 -4.29 2.08 -20.70
CA ASN B 98 -5.26 1.75 -21.73
C ASN B 98 -4.74 1.64 -23.17
N ASP B 99 -3.48 1.23 -23.30
CA ASP B 99 -2.86 1.05 -24.61
C ASP B 99 -3.49 -0.19 -25.28
N SER B 100 -3.58 -1.27 -24.51
CA SER B 100 -4.18 -2.50 -24.99
C SER B 100 -5.41 -2.76 -24.11
N GLY B 101 -6.60 -2.64 -24.70
CA GLY B 101 -7.81 -2.86 -23.94
C GLY B 101 -7.82 -2.03 -22.67
N PRO B 102 -8.65 -2.38 -21.66
CA PRO B 102 -8.74 -1.64 -20.40
C PRO B 102 -8.18 -2.37 -19.16
N ARG B 103 -7.21 -1.76 -18.50
CA ARG B 103 -6.62 -2.35 -17.31
C ARG B 103 -6.98 -1.51 -16.08
N ARG B 104 -6.97 -2.15 -14.91
CA ARG B 104 -7.31 -1.47 -13.65
C ARG B 104 -6.04 -1.02 -12.93
N TYR B 105 -5.72 0.26 -13.08
CA TYR B 105 -4.52 0.87 -12.50
C TYR B 105 -4.64 1.32 -11.05
N THR B 106 -3.71 0.84 -10.24
CA THR B 106 -3.67 1.18 -8.82
C THR B 106 -2.26 1.57 -8.42
N ILE B 107 -1.98 2.87 -8.33
CA ILE B 107 -0.63 3.27 -7.96
C ILE B 107 -0.56 3.40 -6.46
N ALA B 108 0.39 2.67 -5.86
CA ALA B 108 0.62 2.65 -4.42
C ALA B 108 1.95 3.29 -4.14
N ALA B 109 2.07 3.89 -2.97
CA ALA B 109 3.32 4.54 -2.61
C ALA B 109 3.65 4.42 -1.14
N LEU B 110 4.90 4.06 -0.86
CA LEU B 110 5.36 3.97 0.52
C LEU B 110 6.36 5.12 0.63
N LEU B 111 6.13 6.01 1.59
CA LEU B 111 6.99 7.18 1.73
C LEU B 111 7.67 7.44 3.06
N SER B 112 8.88 7.97 2.95
CA SER B 112 9.74 8.32 4.07
C SER B 112 10.33 9.67 3.77
N PRO B 113 10.86 10.33 4.80
CA PRO B 113 11.46 11.66 4.62
C PRO B 113 12.53 11.69 3.53
N TYR B 114 13.29 10.61 3.38
CA TYR B 114 14.33 10.58 2.36
C TYR B 114 14.25 9.42 1.43
N SER B 115 13.06 8.84 1.34
CA SER B 115 12.87 7.72 0.43
C SER B 115 11.40 7.56 0.14
N TYR B 116 11.14 6.76 -0.88
CA TYR B 116 9.79 6.46 -1.28
C TYR B 116 9.87 5.47 -2.41
N SER B 117 8.75 4.84 -2.67
CA SER B 117 8.68 3.88 -3.73
C SER B 117 7.25 3.79 -4.19
N THR B 118 7.08 3.60 -5.49
CA THR B 118 5.74 3.47 -6.02
C THR B 118 5.57 2.03 -6.50
N THR B 119 4.31 1.61 -6.59
CA THR B 119 3.99 0.26 -7.02
C THR B 119 2.64 0.30 -7.71
N ALA B 120 2.51 -0.43 -8.82
CA ALA B 120 1.26 -0.44 -9.58
C ALA B 120 0.65 -1.82 -9.76
N VAL B 121 -0.67 -1.89 -9.63
CA VAL B 121 -1.36 -3.16 -9.80
C VAL B 121 -2.45 -2.96 -10.83
N VAL B 122 -2.48 -3.86 -11.80
CA VAL B 122 -3.48 -3.79 -12.85
C VAL B 122 -4.34 -5.03 -12.85
N THR B 123 -5.63 -4.84 -13.07
CA THR B 123 -6.56 -5.95 -13.09
C THR B 123 -7.35 -5.85 -14.39
N ASN B 124 -8.48 -6.54 -14.49
CA ASN B 124 -9.27 -6.46 -15.72
C ASN B 124 -10.78 -6.29 -15.50
N PRO B 125 -11.48 -7.32 -14.94
CA PRO B 125 -12.92 -7.16 -14.73
C PRO B 125 -13.32 -6.87 -13.26
N GLU C 7 45.01 -9.44 5.97
CA GLU C 7 44.05 -8.54 5.28
C GLU C 7 43.78 -9.00 3.84
N SER C 8 42.54 -8.84 3.41
CA SER C 8 42.13 -9.24 2.07
C SER C 8 40.73 -8.73 1.70
N LYS C 9 40.04 -9.49 0.84
CA LYS C 9 38.68 -9.16 0.38
C LYS C 9 37.61 -9.53 1.44
N CYS C 10 36.34 -9.43 1.08
CA CYS C 10 35.25 -9.73 2.00
C CYS C 10 34.01 -10.23 1.24
N PRO C 11 33.79 -11.55 1.24
CA PRO C 11 32.67 -12.18 0.54
C PRO C 11 31.35 -11.69 1.09
N LEU C 12 31.39 -11.14 2.30
CA LEU C 12 30.19 -10.66 2.94
C LEU C 12 30.37 -9.24 3.45
N MET C 13 29.39 -8.39 3.13
CA MET C 13 29.37 -6.99 3.53
C MET C 13 27.94 -6.62 3.85
N VAL C 14 27.77 -5.86 4.93
CA VAL C 14 26.45 -5.40 5.39
C VAL C 14 26.36 -3.88 5.54
N LYS C 15 25.52 -3.28 4.69
CA LYS C 15 25.30 -1.82 4.62
C LYS C 15 23.87 -1.44 5.03
N VAL C 16 23.74 -0.31 5.73
CA VAL C 16 22.40 0.16 6.19
C VAL C 16 22.24 1.69 6.19
N LEU C 17 21.14 2.17 5.62
CA LEU C 17 20.91 3.60 5.54
C LEU C 17 19.71 4.02 6.39
N ASP C 18 19.84 5.15 7.06
CA ASP C 18 18.78 5.66 7.91
C ASP C 18 17.72 6.43 7.14
N ALA C 19 16.63 5.73 6.82
CA ALA C 19 15.45 6.21 6.09
C ALA C 19 14.82 7.54 6.50
N VAL C 20 14.73 7.80 7.79
CA VAL C 20 14.15 9.06 8.22
C VAL C 20 15.14 10.15 7.87
N ARG C 21 16.37 10.01 8.38
CA ARG C 21 17.48 10.95 8.19
C ARG C 21 18.04 11.12 6.78
N GLY C 22 18.03 10.07 5.98
CA GLY C 22 18.58 10.20 4.65
C GLY C 22 20.08 10.30 4.86
N SER C 23 20.58 9.33 5.63
CA SER C 23 21.99 9.24 5.98
C SER C 23 22.36 7.79 6.21
N PRO C 24 23.59 7.56 6.66
CA PRO C 24 23.99 6.17 6.91
C PRO C 24 23.55 5.80 8.34
N ALA C 25 23.04 4.58 8.52
CA ALA C 25 22.64 4.13 9.84
C ALA C 25 23.95 3.74 10.55
N ILE C 26 24.45 4.65 11.37
CA ILE C 26 25.72 4.44 12.08
C ILE C 26 25.64 3.90 13.50
N ASN C 27 26.59 3.02 13.83
CA ASN C 27 26.69 2.39 15.15
C ASN C 27 25.77 1.19 15.26
N VAL C 28 25.21 0.76 14.14
CA VAL C 28 24.30 -0.38 14.11
C VAL C 28 25.01 -1.69 14.40
N ALA C 29 24.47 -2.46 15.34
CA ALA C 29 25.08 -3.73 15.69
C ALA C 29 24.52 -4.81 14.77
N VAL C 30 25.42 -5.70 14.35
CA VAL C 30 25.07 -6.78 13.44
C VAL C 30 25.57 -8.10 13.94
N HIS C 31 24.88 -9.17 13.57
CA HIS C 31 25.27 -10.51 13.97
C HIS C 31 24.85 -11.48 12.89
N VAL C 32 25.80 -12.28 12.43
CA VAL C 32 25.48 -13.25 11.41
C VAL C 32 25.74 -14.60 12.02
N PHE C 33 25.05 -15.61 11.51
CA PHE C 33 25.21 -16.96 12.01
C PHE C 33 25.19 -17.96 10.89
N ARG C 34 25.39 -19.22 11.27
CA ARG C 34 25.41 -20.33 10.34
C ARG C 34 24.64 -21.49 10.98
N LYS C 35 23.77 -22.14 10.19
CA LYS C 35 22.95 -23.26 10.65
C LYS C 35 23.88 -24.44 10.85
N ALA C 36 24.04 -24.89 12.09
CA ALA C 36 24.93 -26.00 12.35
C ALA C 36 24.29 -27.35 12.11
N ALA C 37 24.92 -28.37 12.68
CA ALA C 37 24.46 -29.74 12.55
C ALA C 37 23.41 -30.04 13.61
N ASP C 38 22.36 -29.21 13.68
CA ASP C 38 21.28 -29.41 14.65
C ASP C 38 20.12 -28.44 14.44
N ASP C 39 20.23 -27.61 13.40
CA ASP C 39 19.22 -26.61 13.05
C ASP C 39 19.35 -25.36 13.94
N THR C 40 20.40 -25.35 14.76
CA THR C 40 20.70 -24.25 15.67
C THR C 40 21.41 -23.11 14.94
N TRP C 41 21.65 -22.02 15.66
CA TRP C 41 22.33 -20.85 15.11
C TRP C 41 23.62 -20.54 15.87
N GLU C 42 24.76 -20.95 15.30
CA GLU C 42 26.06 -20.72 15.92
C GLU C 42 26.70 -19.40 15.53
N PRO C 43 27.18 -18.64 16.52
CA PRO C 43 27.83 -17.35 16.28
C PRO C 43 28.95 -17.40 15.21
N PHE C 44 28.68 -16.80 14.06
CA PHE C 44 29.63 -16.77 12.96
C PHE C 44 30.54 -15.53 13.00
N ALA C 45 29.99 -14.39 13.43
CA ALA C 45 30.74 -13.12 13.54
C ALA C 45 29.81 -11.92 13.86
N SER C 46 30.35 -10.92 14.57
CA SER C 46 29.59 -9.72 14.91
C SER C 46 30.31 -8.44 14.48
N GLY C 47 29.74 -7.29 14.80
CA GLY C 47 30.36 -6.02 14.44
C GLY C 47 29.37 -4.89 14.46
N LYS C 48 29.83 -3.69 14.13
CA LYS C 48 28.96 -2.53 14.12
C LYS C 48 29.36 -1.52 13.05
N THR C 49 28.35 -0.96 12.37
CA THR C 49 28.54 0.00 11.29
C THR C 49 29.46 1.18 11.58
N SER C 50 30.27 1.55 10.59
CA SER C 50 31.21 2.68 10.70
C SER C 50 30.58 3.94 10.12
N GLU C 51 31.34 5.03 10.12
CA GLU C 51 30.86 6.29 9.58
C GLU C 51 30.07 6.03 8.29
N SER C 52 30.68 5.24 7.41
CA SER C 52 30.12 4.87 6.12
C SER C 52 28.69 4.37 6.18
N GLY C 53 28.42 3.55 7.18
CA GLY C 53 27.11 2.97 7.34
C GLY C 53 27.25 1.51 6.98
N GLU C 54 28.40 1.21 6.37
CA GLU C 54 28.76 -0.14 5.92
C GLU C 54 29.28 -0.96 7.09
N LEU C 55 29.82 -2.15 6.76
CA LEU C 55 30.41 -3.05 7.76
C LEU C 55 31.36 -4.00 7.02
N HIS C 56 32.67 -3.84 7.22
CA HIS C 56 33.64 -4.66 6.50
C HIS C 56 34.59 -5.53 7.32
N GLY C 57 34.86 -6.73 6.80
CA GLY C 57 35.79 -7.63 7.45
C GLY C 57 35.17 -8.73 8.29
N LEU C 58 33.85 -8.88 8.23
CA LEU C 58 33.16 -9.90 9.01
C LEU C 58 33.81 -11.27 8.96
N THR C 59 34.15 -11.73 7.77
CA THR C 59 34.79 -13.02 7.60
C THR C 59 35.81 -12.95 6.47
N THR C 60 36.13 -14.10 5.89
CA THR C 60 37.10 -14.17 4.82
C THR C 60 36.59 -15.05 3.70
N GLU C 61 37.21 -14.90 2.53
CA GLU C 61 36.87 -15.70 1.35
C GLU C 61 36.99 -17.16 1.74
N GLU C 62 37.57 -17.42 2.91
CA GLU C 62 37.77 -18.78 3.39
C GLU C 62 36.90 -19.16 4.57
N GLU C 63 36.92 -18.38 5.65
CA GLU C 63 36.09 -18.70 6.79
C GLU C 63 34.64 -18.81 6.27
N PHE C 64 34.21 -17.80 5.52
CA PHE C 64 32.86 -17.82 4.97
C PHE C 64 32.71 -18.97 3.98
N VAL C 65 32.04 -20.04 4.44
CA VAL C 65 31.82 -21.25 3.60
C VAL C 65 30.35 -21.48 3.24
N GLU C 66 30.10 -22.58 2.54
CA GLU C 66 28.75 -22.93 2.14
C GLU C 66 27.90 -23.11 3.39
N GLY C 67 26.59 -22.93 3.26
CA GLY C 67 25.71 -23.07 4.39
C GLY C 67 24.69 -21.97 4.41
N ILE C 68 23.64 -22.13 5.20
CA ILE C 68 22.61 -21.12 5.31
C ILE C 68 23.06 -20.22 6.45
N TYR C 69 23.11 -18.91 6.19
CA TYR C 69 23.53 -17.98 7.22
C TYR C 69 22.40 -17.04 7.61
N LYS C 70 22.61 -16.31 8.70
CA LYS C 70 21.62 -15.37 9.21
C LYS C 70 22.24 -14.08 9.67
N VAL C 71 21.91 -12.99 8.99
CA VAL C 71 22.42 -11.69 9.38
C VAL C 71 21.30 -10.95 10.08
N GLU C 72 21.57 -10.52 11.30
CA GLU C 72 20.59 -9.84 12.10
C GLU C 72 20.95 -8.38 12.38
N ILE C 73 20.29 -7.49 11.65
CA ILE C 73 20.50 -6.07 11.80
C ILE C 73 19.80 -5.59 13.03
N ASP C 74 20.58 -5.11 13.99
CA ASP C 74 20.02 -4.61 15.22
C ASP C 74 19.34 -3.27 14.95
N THR C 75 18.13 -3.32 14.41
CA THR C 75 17.39 -2.10 14.08
C THR C 75 16.84 -1.35 15.30
N LYS C 76 16.23 -2.10 16.22
CA LYS C 76 15.65 -1.51 17.43
C LYS C 76 16.65 -0.58 18.13
N SER C 77 17.79 -1.14 18.48
CA SER C 77 18.81 -0.35 19.17
C SER C 77 19.26 0.84 18.32
N TYR C 78 18.88 0.88 17.05
CA TYR C 78 19.27 2.03 16.27
C TYR C 78 18.26 3.04 16.69
N TRP C 79 17.06 2.92 16.15
CA TRP C 79 15.99 3.85 16.45
C TRP C 79 15.87 4.25 17.92
N LYS C 80 15.58 3.28 18.77
CA LYS C 80 15.40 3.59 20.17
C LYS C 80 16.51 4.52 20.60
N ALA C 81 17.75 4.12 20.37
CA ALA C 81 18.87 4.95 20.77
C ALA C 81 18.74 6.42 20.34
N LEU C 82 18.31 6.66 19.11
CA LEU C 82 18.18 8.03 18.66
C LEU C 82 17.00 8.69 19.36
N GLY C 83 15.91 7.95 19.54
CA GLY C 83 14.76 8.52 20.22
C GLY C 83 13.35 8.14 19.78
N ILE C 84 13.22 7.31 18.75
CA ILE C 84 11.89 6.89 18.30
C ILE C 84 11.58 5.51 18.83
N SER C 85 10.28 5.19 18.93
CA SER C 85 9.84 3.87 19.39
C SER C 85 9.59 3.03 18.15
N PRO C 86 10.67 2.49 17.55
CA PRO C 86 10.60 1.65 16.34
C PRO C 86 9.61 0.53 16.51
N PHE C 87 9.22 -0.09 15.42
CA PHE C 87 8.26 -1.18 15.51
C PHE C 87 8.83 -2.60 15.46
N HIS C 88 9.70 -2.85 14.47
CA HIS C 88 10.31 -4.16 14.33
C HIS C 88 11.36 -4.37 15.41
N GLU C 89 11.29 -5.49 16.10
CA GLU C 89 12.24 -5.78 17.16
C GLU C 89 13.65 -5.80 16.54
N HIS C 90 13.74 -6.29 15.31
CA HIS C 90 15.01 -6.33 14.62
C HIS C 90 14.84 -6.91 13.23
N ALA C 91 15.74 -6.58 12.32
CA ALA C 91 15.65 -7.10 10.97
C ALA C 91 16.66 -8.22 10.79
N GLU C 92 16.24 -9.25 10.04
CA GLU C 92 17.08 -10.42 9.78
C GLU C 92 17.23 -10.74 8.31
N VAL C 93 18.27 -11.52 7.99
CA VAL C 93 18.55 -11.92 6.62
C VAL C 93 19.06 -13.35 6.59
N VAL C 94 18.36 -14.22 5.85
CA VAL C 94 18.76 -15.62 5.77
C VAL C 94 18.73 -16.10 4.35
N PHE C 95 19.86 -16.64 3.93
CA PHE C 95 20.02 -17.11 2.58
C PHE C 95 20.97 -18.30 2.59
N THR C 96 21.07 -18.96 1.44
CA THR C 96 21.95 -20.09 1.31
C THR C 96 23.27 -19.59 0.72
N ALA C 97 24.27 -19.43 1.59
CA ALA C 97 25.59 -18.93 1.19
C ALA C 97 26.42 -19.87 0.30
N ASN C 98 27.19 -19.26 -0.59
CA ASN C 98 28.03 -19.98 -1.55
C ASN C 98 27.54 -21.37 -1.89
N ASP C 99 26.32 -21.43 -2.39
CA ASP C 99 25.69 -22.69 -2.79
C ASP C 99 26.29 -23.16 -4.12
N SER C 100 26.11 -22.36 -5.18
CA SER C 100 26.65 -22.73 -6.48
C SER C 100 28.04 -22.12 -6.68
N GLY C 101 28.97 -22.51 -5.81
CA GLY C 101 30.34 -22.04 -5.86
C GLY C 101 30.66 -20.85 -4.98
N PRO C 102 31.72 -20.07 -5.32
CA PRO C 102 32.16 -18.88 -4.59
C PRO C 102 31.47 -17.59 -5.10
N ARG C 103 31.13 -16.68 -4.17
CA ARG C 103 30.46 -15.43 -4.53
C ARG C 103 30.66 -14.30 -3.50
N ARG C 104 30.41 -13.06 -3.95
CA ARG C 104 30.52 -11.89 -3.11
C ARG C 104 29.12 -11.44 -2.72
N TYR C 105 28.78 -11.54 -1.44
CA TYR C 105 27.44 -11.16 -0.99
C TYR C 105 27.42 -9.84 -0.24
N THR C 106 26.48 -8.97 -0.63
CA THR C 106 26.30 -7.69 0.04
C THR C 106 24.85 -7.45 0.33
N ILE C 107 24.55 -7.35 1.61
CA ILE C 107 23.19 -7.11 2.04
C ILE C 107 23.05 -5.63 2.35
N ALA C 108 21.92 -5.07 1.97
CA ALA C 108 21.68 -3.66 2.20
C ALA C 108 20.36 -3.46 2.90
N ALA C 109 20.37 -2.63 3.93
CA ALA C 109 19.16 -2.35 4.67
C ALA C 109 18.87 -0.86 4.61
N LEU C 110 17.59 -0.53 4.58
CA LEU C 110 17.17 0.85 4.54
C LEU C 110 16.11 0.96 5.60
N LEU C 111 16.49 0.59 6.82
CA LEU C 111 15.58 0.59 7.97
C LEU C 111 14.84 1.90 8.25
N SER C 112 13.58 1.75 8.66
CA SER C 112 12.75 2.90 8.99
C SER C 112 12.08 2.47 10.27
N PRO C 113 11.54 3.45 11.02
CA PRO C 113 10.87 3.15 12.28
C PRO C 113 9.70 2.16 12.17
N TYR C 114 9.00 2.13 11.05
CA TYR C 114 7.90 1.20 10.92
C TYR C 114 7.92 0.30 9.69
N SER C 115 9.09 0.13 9.11
CA SER C 115 9.26 -0.75 7.95
C SER C 115 10.68 -0.74 7.40
N TYR C 116 11.08 -1.89 6.88
CA TYR C 116 12.41 -2.03 6.32
C TYR C 116 12.37 -2.74 4.97
N SER C 117 13.45 -2.57 4.18
CA SER C 117 13.54 -3.20 2.86
C SER C 117 14.93 -3.81 2.65
N THR C 118 15.11 -5.02 3.15
CA THR C 118 16.38 -5.71 3.00
C THR C 118 16.58 -5.99 1.53
N THR C 119 17.82 -6.01 1.12
CA THR C 119 18.07 -6.27 -0.25
C THR C 119 19.53 -6.65 -0.42
N ALA C 120 19.79 -7.57 -1.33
CA ALA C 120 21.15 -8.02 -1.53
C ALA C 120 21.54 -8.14 -2.99
N VAL C 121 22.84 -7.98 -3.25
CA VAL C 121 23.40 -8.08 -4.60
C VAL C 121 24.63 -8.97 -4.52
N VAL C 122 24.73 -9.93 -5.43
CA VAL C 122 25.88 -10.82 -5.40
C VAL C 122 26.59 -10.91 -6.71
N THR C 123 27.90 -11.11 -6.63
CA THR C 123 28.76 -11.18 -7.81
C THR C 123 29.97 -12.06 -7.57
N ASN C 124 30.83 -12.13 -8.58
CA ASN C 124 32.07 -12.92 -8.54
C ASN C 124 33.29 -12.03 -8.25
N PRO C 125 34.46 -12.64 -7.95
CA PRO C 125 35.71 -11.92 -7.64
C PRO C 125 36.53 -11.37 -8.82
N GLU D 7 -15.82 -14.63 15.82
CA GLU D 7 -16.19 -13.79 14.63
C GLU D 7 -15.71 -12.36 14.84
N SER D 8 -16.59 -11.39 14.60
CA SER D 8 -16.30 -9.95 14.73
C SER D 8 -15.20 -9.57 13.75
N LYS D 9 -14.09 -9.05 14.25
CA LYS D 9 -13.00 -8.65 13.36
C LYS D 9 -11.64 -9.31 13.66
N CYS D 10 -10.86 -9.47 12.59
CA CYS D 10 -9.52 -10.09 12.61
C CYS D 10 -8.39 -9.17 13.12
N PRO D 11 -7.78 -9.50 14.28
CA PRO D 11 -6.69 -8.76 14.93
C PRO D 11 -5.45 -8.55 14.09
N LEU D 12 -4.83 -9.64 13.66
CA LEU D 12 -3.61 -9.57 12.86
C LEU D 12 -3.79 -10.10 11.45
N MET D 13 -3.23 -9.39 10.46
CA MET D 13 -3.32 -9.81 9.05
C MET D 13 -2.10 -9.45 8.19
N VAL D 14 -1.86 -10.22 7.15
CA VAL D 14 -0.72 -9.95 6.27
C VAL D 14 -1.12 -9.71 4.82
N LYS D 15 -0.32 -8.96 4.09
CA LYS D 15 -0.59 -8.72 2.69
C LYS D 15 0.77 -8.73 1.98
N VAL D 16 0.85 -9.49 0.90
CA VAL D 16 2.08 -9.65 0.14
C VAL D 16 1.93 -9.30 -1.34
N LEU D 17 2.81 -8.45 -1.84
CA LEU D 17 2.76 -8.05 -3.24
C LEU D 17 3.97 -8.50 -4.08
N ASP D 18 3.70 -8.89 -5.33
CA ASP D 18 4.73 -9.32 -6.27
C ASP D 18 5.19 -8.10 -7.06
N ALA D 19 6.21 -7.43 -6.54
CA ALA D 19 6.78 -6.24 -7.15
C ALA D 19 7.09 -6.44 -8.64
N VAL D 20 7.62 -7.61 -8.98
CA VAL D 20 7.98 -7.90 -10.34
C VAL D 20 6.87 -7.68 -11.36
N ARG D 21 5.73 -8.36 -11.18
CA ARG D 21 4.66 -8.29 -12.16
C ARG D 21 3.52 -7.31 -11.88
N GLY D 22 3.62 -6.55 -10.79
CA GLY D 22 2.56 -5.62 -10.46
C GLY D 22 1.21 -6.29 -10.34
N SER D 23 1.22 -7.33 -9.53
CA SER D 23 0.06 -8.15 -9.24
C SER D 23 0.27 -8.80 -7.87
N PRO D 24 -0.81 -9.25 -7.22
CA PRO D 24 -0.58 -9.85 -5.90
C PRO D 24 0.14 -11.17 -6.07
N ALA D 25 0.84 -11.59 -5.04
CA ALA D 25 1.51 -12.87 -5.08
C ALA D 25 0.46 -13.77 -4.42
N ILE D 26 -0.04 -14.78 -5.14
CA ILE D 26 -1.05 -15.65 -4.56
C ILE D 26 -0.59 -17.04 -4.10
N ASN D 27 -1.28 -17.55 -3.09
CA ASN D 27 -1.00 -18.85 -2.49
C ASN D 27 0.40 -18.89 -1.91
N VAL D 28 0.76 -17.79 -1.26
CA VAL D 28 2.04 -17.66 -0.62
C VAL D 28 1.84 -18.01 0.85
N ALA D 29 2.65 -18.94 1.32
CA ALA D 29 2.59 -19.41 2.69
C ALA D 29 2.98 -18.34 3.71
N VAL D 30 2.30 -18.35 4.85
CA VAL D 30 2.60 -17.40 5.91
C VAL D 30 2.71 -18.17 7.20
N HIS D 31 3.60 -17.73 8.07
CA HIS D 31 3.70 -18.42 9.32
C HIS D 31 3.91 -17.49 10.49
N VAL D 32 3.02 -17.57 11.46
CA VAL D 32 3.08 -16.72 12.63
C VAL D 32 3.38 -17.56 13.85
N PHE D 33 4.35 -17.13 14.65
CA PHE D 33 4.72 -17.82 15.89
C PHE D 33 4.70 -16.79 17.01
N ARG D 34 4.79 -17.27 18.24
CA ARG D 34 4.77 -16.35 19.37
C ARG D 34 5.95 -16.63 20.28
N LYS D 35 6.76 -15.61 20.53
CA LYS D 35 7.92 -15.80 21.41
C LYS D 35 7.38 -16.31 22.76
N ALA D 36 7.80 -17.52 23.12
CA ALA D 36 7.36 -18.20 24.34
C ALA D 36 8.22 -18.00 25.58
N ALA D 37 7.62 -18.34 26.72
CA ALA D 37 8.25 -18.23 28.03
C ALA D 37 9.68 -18.75 28.08
N ASP D 38 9.96 -19.78 27.29
CA ASP D 38 11.29 -20.36 27.29
C ASP D 38 12.31 -19.56 26.43
N ASP D 39 12.18 -19.63 25.09
CA ASP D 39 13.07 -18.90 24.18
C ASP D 39 12.94 -19.27 22.70
N THR D 40 11.97 -20.12 22.34
CA THR D 40 11.79 -20.49 20.94
C THR D 40 10.36 -20.18 20.50
N TRP D 41 10.16 -20.02 19.20
CA TRP D 41 8.85 -19.68 18.67
C TRP D 41 7.85 -20.81 18.49
N GLU D 42 7.04 -21.06 19.52
CA GLU D 42 6.04 -22.11 19.41
C GLU D 42 4.97 -21.66 18.41
N PRO D 43 4.66 -22.52 17.43
CA PRO D 43 3.66 -22.25 16.39
C PRO D 43 2.39 -21.58 16.91
N PHE D 44 1.94 -20.55 16.18
CA PHE D 44 0.75 -19.82 16.58
C PHE D 44 -0.32 -19.84 15.51
N ALA D 45 0.09 -19.89 14.24
CA ALA D 45 -0.85 -19.92 13.11
C ALA D 45 -0.15 -20.03 11.76
N SER D 46 -0.89 -20.47 10.75
CA SER D 46 -0.38 -20.63 9.37
C SER D 46 -1.49 -20.35 8.36
N GLY D 47 -1.16 -20.35 7.08
CA GLY D 47 -2.18 -20.10 6.08
C GLY D 47 -1.64 -19.82 4.69
N LYS D 48 -2.53 -19.42 3.78
CA LYS D 48 -2.12 -19.10 2.43
C LYS D 48 -2.75 -17.81 1.92
N THR D 49 -1.98 -17.09 1.10
CA THR D 49 -2.43 -15.82 0.54
C THR D 49 -3.59 -15.96 -0.45
N SER D 50 -4.67 -15.27 -0.15
CA SER D 50 -5.86 -15.25 -0.98
C SER D 50 -5.60 -14.52 -2.29
N GLU D 51 -6.51 -14.66 -3.26
CA GLU D 51 -6.40 -14.00 -4.55
C GLU D 51 -6.21 -12.50 -4.33
N SER D 52 -6.72 -12.01 -3.20
CA SER D 52 -6.62 -10.62 -2.84
C SER D 52 -5.18 -10.30 -2.44
N GLY D 53 -4.36 -11.34 -2.35
CA GLY D 53 -2.98 -11.16 -1.97
C GLY D 53 -2.80 -10.94 -0.47
N GLU D 54 -3.84 -11.28 0.29
CA GLU D 54 -3.81 -11.11 1.73
C GLU D 54 -4.14 -12.41 2.44
N LEU D 55 -4.19 -12.37 3.77
CA LEU D 55 -4.52 -13.56 4.52
C LEU D 55 -5.33 -13.10 5.71
N HIS D 56 -6.63 -12.99 5.50
CA HIS D 56 -7.55 -12.55 6.53
C HIS D 56 -7.88 -13.67 7.49
N GLY D 57 -8.27 -13.29 8.70
CA GLY D 57 -8.63 -14.28 9.72
C GLY D 57 -7.46 -15.08 10.27
N LEU D 58 -6.32 -14.42 10.52
CA LEU D 58 -5.17 -15.12 11.07
C LEU D 58 -5.62 -15.70 12.43
N THR D 59 -5.55 -14.91 13.48
CA THR D 59 -5.97 -15.40 14.78
C THR D 59 -7.15 -14.54 15.16
N THR D 60 -7.84 -14.89 16.25
CA THR D 60 -8.99 -14.09 16.67
C THR D 60 -8.56 -12.88 17.50
N GLU D 61 -9.51 -12.02 17.84
CA GLU D 61 -9.20 -10.80 18.58
C GLU D 61 -8.88 -10.95 20.07
N GLU D 62 -8.42 -12.12 20.50
CA GLU D 62 -8.09 -12.32 21.92
C GLU D 62 -7.05 -13.41 22.21
N GLU D 63 -7.04 -14.47 21.41
CA GLU D 63 -6.07 -15.54 21.57
C GLU D 63 -4.73 -14.87 21.26
N PHE D 64 -4.79 -13.93 20.33
CA PHE D 64 -3.66 -13.13 19.89
C PHE D 64 -3.35 -12.31 21.12
N VAL D 65 -2.90 -12.99 22.16
CA VAL D 65 -2.58 -12.36 23.42
C VAL D 65 -1.57 -11.22 23.25
N GLU D 66 -0.87 -10.90 24.34
CA GLU D 66 0.14 -9.85 24.37
C GLU D 66 1.53 -10.51 24.40
N GLY D 67 2.36 -10.19 23.42
CA GLY D 67 3.68 -10.77 23.36
C GLY D 67 4.37 -10.60 22.02
N ILE D 68 5.55 -11.20 21.89
CA ILE D 68 6.33 -11.09 20.67
C ILE D 68 5.83 -12.04 19.61
N TYR D 69 5.83 -11.60 18.37
CA TYR D 69 5.37 -12.45 17.29
C TYR D 69 6.30 -12.38 16.11
N LYS D 70 6.32 -13.45 15.32
CA LYS D 70 7.16 -13.55 14.13
C LYS D 70 6.32 -14.04 12.95
N VAL D 71 6.29 -13.28 11.87
CA VAL D 71 5.54 -13.69 10.69
C VAL D 71 6.52 -14.13 9.62
N GLU D 72 6.37 -15.36 9.15
CA GLU D 72 7.28 -15.90 8.14
C GLU D 72 6.64 -16.15 6.78
N ILE D 73 7.00 -15.29 5.83
CA ILE D 73 6.49 -15.36 4.49
C ILE D 73 7.45 -16.18 3.64
N ASP D 74 6.94 -17.27 3.09
CA ASP D 74 7.71 -18.18 2.26
C ASP D 74 7.98 -17.58 0.91
N THR D 75 8.71 -16.48 0.92
CA THR D 75 9.04 -15.81 -0.32
C THR D 75 9.84 -16.77 -1.20
N LYS D 76 10.42 -17.81 -0.60
CA LYS D 76 11.23 -18.75 -1.36
C LYS D 76 10.47 -19.55 -2.43
N SER D 77 9.68 -20.51 -1.99
CA SER D 77 8.94 -21.36 -2.92
C SER D 77 8.20 -20.57 -4.01
N TYR D 78 7.62 -19.42 -3.62
CA TYR D 78 6.88 -18.57 -4.56
C TYR D 78 7.70 -18.29 -5.79
N TRP D 79 8.74 -17.51 -5.60
CA TRP D 79 9.65 -17.17 -6.66
C TRP D 79 10.09 -18.43 -7.38
N LYS D 80 10.61 -19.38 -6.60
CA LYS D 80 11.09 -20.65 -7.11
C LYS D 80 10.05 -21.24 -8.06
N ALA D 81 8.79 -21.12 -7.67
CA ALA D 81 7.67 -21.63 -8.48
C ALA D 81 7.73 -21.08 -9.89
N LEU D 82 8.04 -19.79 -10.01
CA LEU D 82 8.11 -19.17 -11.33
C LEU D 82 9.52 -19.34 -11.89
N GLY D 83 10.11 -20.51 -11.67
CA GLY D 83 11.43 -20.82 -12.17
C GLY D 83 12.54 -19.82 -11.84
N ILE D 84 12.32 -19.01 -10.82
CA ILE D 84 13.33 -18.04 -10.44
C ILE D 84 13.91 -18.37 -9.08
N SER D 85 15.24 -18.41 -9.01
CA SER D 85 15.94 -18.70 -7.76
C SER D 85 16.11 -17.41 -6.98
N PRO D 86 15.36 -17.29 -5.88
CA PRO D 86 15.40 -16.10 -5.03
C PRO D 86 16.51 -16.17 -3.99
N PHE D 87 16.74 -15.05 -3.29
CA PHE D 87 17.78 -14.94 -2.29
C PHE D 87 17.39 -15.42 -0.89
N HIS D 88 16.45 -14.70 -0.28
CA HIS D 88 15.97 -14.99 1.07
C HIS D 88 15.23 -16.31 1.19
N GLU D 89 15.62 -17.10 2.18
CA GLU D 89 14.97 -18.39 2.43
C GLU D 89 13.52 -18.17 2.92
N HIS D 90 13.20 -16.91 3.20
CA HIS D 90 11.85 -16.51 3.65
C HIS D 90 11.91 -15.12 4.29
N ALA D 91 10.76 -14.49 4.45
CA ALA D 91 10.71 -13.17 5.03
C ALA D 91 9.89 -13.18 6.30
N GLU D 92 10.48 -12.68 7.37
CA GLU D 92 9.75 -12.64 8.62
C GLU D 92 9.67 -11.24 9.17
N VAL D 93 8.70 -11.07 10.05
CA VAL D 93 8.48 -9.81 10.69
C VAL D 93 8.31 -10.19 12.15
N VAL D 94 9.24 -9.72 12.96
CA VAL D 94 9.21 -9.99 14.37
C VAL D 94 8.83 -8.71 15.12
N PHE D 95 7.79 -8.78 15.92
CA PHE D 95 7.37 -7.60 16.63
C PHE D 95 6.71 -7.90 17.97
N THR D 96 6.37 -6.84 18.69
CA THR D 96 5.72 -6.95 19.97
C THR D 96 4.33 -6.36 19.76
N ALA D 97 3.30 -7.13 20.09
CA ALA D 97 1.94 -6.64 19.90
C ALA D 97 1.17 -6.59 21.21
N ASN D 98 -0.06 -6.10 21.13
CA ASN D 98 -0.96 -5.99 22.28
C ASN D 98 -0.29 -5.71 23.60
N ASP D 99 0.84 -5.00 23.53
CA ASP D 99 1.59 -4.64 24.74
C ASP D 99 0.77 -3.61 25.49
N SER D 100 0.30 -2.60 24.76
CA SER D 100 -0.52 -1.57 25.36
C SER D 100 -1.88 -1.60 24.66
N GLY D 101 -2.91 -2.01 25.40
CA GLY D 101 -4.23 -2.09 24.81
C GLY D 101 -4.22 -2.95 23.55
N PRO D 102 -5.25 -2.82 22.71
CA PRO D 102 -5.32 -3.61 21.48
C PRO D 102 -5.13 -2.80 20.19
N ARG D 103 -4.13 -3.19 19.41
CA ARG D 103 -3.87 -2.52 18.15
C ARG D 103 -4.19 -3.45 16.94
N ARG D 104 -4.54 -2.87 15.81
CA ARG D 104 -4.87 -3.61 14.58
C ARG D 104 -3.65 -3.75 13.69
N TYR D 105 -2.99 -4.91 13.79
CA TYR D 105 -1.77 -5.18 13.03
C TYR D 105 -1.96 -5.67 11.63
N THR D 106 -1.30 -4.99 10.70
CA THR D 106 -1.39 -5.36 9.28
C THR D 106 0.00 -5.40 8.66
N ILE D 107 0.59 -6.58 8.54
CA ILE D 107 1.90 -6.65 7.93
C ILE D 107 1.80 -6.82 6.42
N ALA D 108 2.43 -5.90 5.71
CA ALA D 108 2.44 -5.90 4.24
C ALA D 108 3.85 -6.19 3.76
N ALA D 109 3.95 -6.75 2.58
CA ALA D 109 5.25 -7.07 2.04
C ALA D 109 5.31 -6.89 0.54
N LEU D 110 6.38 -6.24 0.09
CA LEU D 110 6.62 -6.05 -1.33
C LEU D 110 7.84 -6.92 -1.60
N LEU D 111 7.73 -7.85 -2.53
CA LEU D 111 8.81 -8.77 -2.78
C LEU D 111 9.34 -8.92 -4.20
N SER D 112 10.65 -9.12 -4.28
CA SER D 112 11.35 -9.31 -5.54
C SER D 112 12.35 -10.44 -5.33
N PRO D 113 12.87 -10.99 -6.43
CA PRO D 113 13.84 -12.08 -6.36
C PRO D 113 15.01 -11.83 -5.44
N TYR D 114 15.49 -10.59 -5.39
CA TYR D 114 16.61 -10.27 -4.53
C TYR D 114 16.38 -9.12 -3.59
N SER D 115 15.11 -8.89 -3.30
CA SER D 115 14.75 -7.83 -2.40
C SER D 115 13.35 -8.04 -1.87
N TYR D 116 13.03 -7.31 -0.81
CA TYR D 116 11.72 -7.37 -0.23
C TYR D 116 11.67 -6.35 0.87
N SER D 117 10.48 -5.98 1.28
CA SER D 117 10.33 -5.03 2.35
C SER D 117 9.02 -5.32 3.04
N THR D 118 9.00 -5.10 4.34
CA THR D 118 7.78 -5.30 5.10
C THR D 118 7.31 -3.96 5.58
N THR D 119 6.04 -3.89 5.93
CA THR D 119 5.46 -2.64 6.42
C THR D 119 4.27 -3.02 7.28
N ALA D 120 4.12 -2.33 8.41
CA ALA D 120 3.02 -2.60 9.32
C ALA D 120 2.12 -1.41 9.59
N VAL D 121 0.81 -1.66 9.63
CA VAL D 121 -0.14 -0.60 9.91
C VAL D 121 -0.99 -1.02 11.12
N VAL D 122 -1.13 -0.12 12.07
CA VAL D 122 -1.89 -0.42 13.24
C VAL D 122 -3.05 0.54 13.39
N THR D 123 -4.19 0.03 13.80
CA THR D 123 -5.34 0.89 13.97
C THR D 123 -5.89 0.59 15.35
N ASN D 124 -7.14 1.01 15.63
CA ASN D 124 -7.70 0.76 16.95
C ASN D 124 -9.14 0.23 16.96
N PRO D 125 -10.11 1.03 16.49
CA PRO D 125 -11.49 0.53 16.49
C PRO D 125 -11.95 0.10 15.09
N GLU E 1 -2.72 55.59 20.05
CA GLU E 1 -3.26 54.45 20.84
C GLU E 1 -3.62 53.26 19.96
N ARG E 2 -3.75 53.50 18.65
CA ARG E 2 -4.06 52.44 17.68
C ARG E 2 -2.82 51.53 17.65
N ASP E 3 -2.08 51.56 16.53
CA ASP E 3 -0.87 50.77 16.38
C ASP E 3 -0.98 49.32 15.93
N CYS E 4 0.19 48.67 15.95
CA CYS E 4 0.39 47.28 15.55
C CYS E 4 0.64 47.19 14.04
N ARG E 5 1.61 47.98 13.56
CA ARG E 5 2.03 47.98 12.16
C ARG E 5 3.47 47.54 12.27
N VAL E 6 3.81 46.38 11.72
CA VAL E 6 5.18 45.91 11.81
C VAL E 6 6.22 47.00 11.59
N SER E 7 6.06 47.79 10.54
CA SER E 7 7.01 48.87 10.26
C SER E 7 6.97 49.94 11.36
N SER E 8 5.78 50.14 11.97
CA SER E 8 5.66 51.11 13.05
C SER E 8 6.55 50.63 14.18
N PHE E 9 6.54 49.32 14.42
CA PHE E 9 7.36 48.72 15.48
C PHE E 9 8.68 49.44 15.46
N ARG E 10 9.17 49.76 16.65
CA ARG E 10 10.40 50.49 16.77
C ARG E 10 11.53 49.58 17.26
N VAL E 11 12.58 49.43 16.44
CA VAL E 11 13.71 48.56 16.77
C VAL E 11 14.94 49.37 17.26
N LYS E 12 15.96 48.64 17.75
CA LYS E 12 17.19 49.27 18.26
C LYS E 12 18.10 49.88 17.21
N GLU E 13 18.37 51.18 17.35
CA GLU E 13 19.23 51.88 16.41
C GLU E 13 20.70 51.62 16.68
N ASN E 14 21.46 51.54 15.59
CA ASN E 14 22.89 51.30 15.65
C ASN E 14 23.14 49.95 16.29
N PHE E 15 22.69 48.88 15.62
CA PHE E 15 22.91 47.55 16.16
C PHE E 15 24.39 47.31 16.02
N ASP E 16 24.89 46.27 16.68
CA ASP E 16 26.30 46.01 16.58
C ASP E 16 26.62 44.55 16.62
N LYS E 17 26.53 43.90 15.46
CA LYS E 17 26.82 42.47 15.35
C LYS E 17 27.93 42.10 16.34
N ALA E 18 28.94 42.95 16.40
CA ALA E 18 30.06 42.74 17.29
C ALA E 18 29.65 42.64 18.74
N ARG E 19 29.35 43.78 19.35
CA ARG E 19 28.96 43.79 20.75
C ARG E 19 27.89 42.74 21.12
N PHE E 20 26.99 42.43 20.18
CA PHE E 20 25.92 41.48 20.47
C PHE E 20 26.35 40.03 20.42
N SER E 21 27.29 39.73 19.54
CA SER E 21 27.80 38.38 19.37
C SER E 21 28.03 37.71 20.71
N GLY E 22 28.04 36.39 20.72
CA GLY E 22 28.25 35.63 21.94
C GLY E 22 27.16 34.60 22.17
N THR E 23 27.03 34.19 23.44
CA THR E 23 26.00 33.23 23.83
C THR E 23 24.80 33.97 24.31
N TRP E 24 23.63 33.36 24.14
CA TRP E 24 22.39 33.96 24.60
C TRP E 24 21.41 32.88 25.00
N TYR E 25 20.70 33.10 26.10
CA TYR E 25 19.72 32.14 26.59
C TYR E 25 18.29 32.66 26.48
N ALA E 26 17.41 31.81 25.97
CA ALA E 26 16.03 32.17 25.77
C ALA E 26 15.23 32.08 27.06
N MET E 27 14.68 33.20 27.50
CA MET E 27 13.90 33.16 28.71
C MET E 27 12.44 33.03 28.34
N ALA E 28 12.02 33.81 27.33
CA ALA E 28 10.63 33.77 26.90
C ALA E 28 10.49 33.89 25.41
N LYS E 29 9.30 33.56 24.92
CA LYS E 29 9.02 33.63 23.49
C LYS E 29 7.55 33.84 23.22
N LYS E 30 7.22 33.84 21.94
CA LYS E 30 5.85 33.99 21.48
C LYS E 30 5.80 33.01 20.32
N ASP E 31 4.92 32.00 20.45
CA ASP E 31 4.78 30.94 19.44
C ASP E 31 4.07 31.33 18.16
N PRO E 32 4.79 31.28 17.04
CA PRO E 32 4.19 31.63 15.77
C PRO E 32 3.32 30.43 15.39
N GLU E 33 2.74 30.44 14.20
CA GLU E 33 1.94 29.29 13.80
C GLU E 33 2.93 28.20 13.40
N GLY E 34 2.45 26.96 13.33
CA GLY E 34 3.29 25.85 12.95
C GLY E 34 4.10 25.28 14.07
N LEU E 35 5.12 24.48 13.74
CA LEU E 35 5.98 23.89 14.76
C LEU E 35 7.01 24.94 15.18
N PHE E 36 7.57 24.77 16.37
CA PHE E 36 8.51 25.77 16.86
C PHE E 36 9.36 25.25 18.00
N LEU E 37 10.59 25.76 18.10
CA LEU E 37 11.49 25.35 19.17
C LEU E 37 10.71 25.44 20.44
N GLN E 38 10.47 24.30 21.07
CA GLN E 38 9.69 24.26 22.30
C GLN E 38 10.50 24.63 23.55
N ASP E 39 11.03 23.65 24.28
CA ASP E 39 11.81 24.01 25.48
C ASP E 39 13.31 23.83 25.34
N ASN E 40 14.05 24.42 26.27
CA ASN E 40 15.52 24.41 26.34
C ASN E 40 16.27 25.15 25.20
N ILE E 41 15.87 26.39 24.92
CA ILE E 41 16.47 27.16 23.84
C ILE E 41 17.68 27.99 24.20
N VAL E 42 18.68 27.93 23.33
CA VAL E 42 19.88 28.69 23.55
C VAL E 42 20.57 29.00 22.24
N ALA E 43 20.82 30.29 21.99
CA ALA E 43 21.46 30.72 20.76
C ALA E 43 22.87 31.26 20.95
N GLU E 44 23.63 31.24 19.86
CA GLU E 44 25.01 31.69 19.86
C GLU E 44 25.30 32.54 18.63
N PHE E 45 25.31 33.85 18.81
CA PHE E 45 25.58 34.76 17.72
C PHE E 45 27.06 34.98 17.55
N SER E 46 27.51 35.24 16.34
CA SER E 46 28.93 35.54 16.14
C SER E 46 29.34 35.90 14.70
N VAL E 47 29.68 37.17 14.54
CA VAL E 47 30.07 37.73 13.27
C VAL E 47 31.54 37.49 13.00
N ASP E 48 31.90 37.46 11.72
CA ASP E 48 33.26 37.22 11.27
C ASP E 48 33.95 38.46 10.76
N GLU E 49 35.12 38.23 10.17
CA GLU E 49 35.94 39.29 9.63
C GLU E 49 35.26 40.12 8.53
N THR E 50 34.52 39.47 7.64
CA THR E 50 33.85 40.20 6.55
C THR E 50 32.65 41.01 7.04
N GLY E 51 32.23 40.78 8.28
CA GLY E 51 31.09 41.52 8.82
C GLY E 51 29.78 40.76 8.81
N GLN E 52 29.73 39.68 8.06
CA GLN E 52 28.52 38.87 8.00
C GLN E 52 28.26 38.27 9.37
N MET E 53 26.99 38.10 9.69
CA MET E 53 26.59 37.57 10.98
C MET E 53 25.78 36.26 10.85
N SER E 54 26.19 35.24 11.60
CA SER E 54 25.53 33.94 11.62
C SER E 54 25.22 33.50 13.05
N ALA E 55 24.52 32.37 13.19
CA ALA E 55 24.16 31.88 14.53
C ALA E 55 23.82 30.39 14.60
N THR E 56 23.78 29.87 15.82
CA THR E 56 23.46 28.48 16.08
C THR E 56 22.55 28.50 17.27
N ALA E 57 21.61 27.56 17.34
CA ALA E 57 20.68 27.54 18.47
C ALA E 57 20.14 26.17 18.86
N LYS E 58 20.69 25.61 19.93
CA LYS E 58 20.24 24.30 20.42
C LYS E 58 18.90 24.52 21.13
N GLY E 59 17.90 23.78 20.71
CA GLY E 59 16.58 23.88 21.31
C GLY E 59 15.80 22.61 21.06
N ARG E 60 14.84 22.31 21.93
CA ARG E 60 14.02 21.11 21.78
C ARG E 60 12.75 21.33 20.94
N VAL E 61 12.32 20.29 20.26
CA VAL E 61 11.12 20.39 19.45
C VAL E 61 10.43 19.04 19.42
N ARG E 62 9.11 19.05 19.68
CA ARG E 62 8.32 17.83 19.70
C ARG E 62 7.85 17.44 18.32
N LEU E 63 8.78 17.45 17.40
CA LEU E 63 8.51 17.08 16.03
C LEU E 63 7.66 15.80 15.96
N LEU E 64 6.62 15.84 15.14
CA LEU E 64 5.73 14.69 14.96
C LEU E 64 4.84 14.46 16.16
N ASN E 65 5.41 13.82 17.19
CA ASN E 65 4.73 13.50 18.44
C ASN E 65 5.51 12.38 19.08
N ASN E 66 5.71 12.43 20.39
CA ASN E 66 6.50 11.41 21.08
C ASN E 66 7.94 11.45 20.57
N TRP E 67 8.15 12.27 19.54
CA TRP E 67 9.45 12.45 18.91
C TRP E 67 10.05 13.76 19.45
N ASP E 68 10.85 13.66 20.52
CA ASP E 68 11.45 14.85 21.12
C ASP E 68 12.89 15.03 20.69
N VAL E 69 13.11 15.88 19.71
CA VAL E 69 14.45 16.10 19.22
C VAL E 69 15.12 17.40 19.59
N CYS E 70 16.17 17.32 20.39
CA CYS E 70 16.88 18.54 20.72
C CYS E 70 17.48 18.86 19.36
N ALA E 71 17.07 19.98 18.77
CA ALA E 71 17.56 20.38 17.44
C ALA E 71 18.69 21.40 17.45
N ASP E 72 19.74 21.12 16.68
CA ASP E 72 20.90 22.00 16.57
C ASP E 72 20.73 22.80 15.28
N MET E 73 20.25 24.03 15.44
CA MET E 73 19.98 24.88 14.30
C MET E 73 21.15 25.78 13.93
N VAL E 74 21.04 26.32 12.73
CA VAL E 74 22.03 27.22 12.16
C VAL E 74 21.35 28.15 11.15
N GLY E 75 21.78 29.41 11.14
CA GLY E 75 21.19 30.37 10.23
C GLY E 75 22.15 31.50 9.90
N THR E 76 22.17 31.89 8.62
CA THR E 76 23.04 32.96 8.17
C THR E 76 22.21 34.22 7.95
N PHE E 77 22.65 35.30 8.58
CA PHE E 77 21.96 36.56 8.46
C PHE E 77 22.49 37.39 7.35
N THR E 78 21.59 37.76 6.44
CA THR E 78 21.95 38.64 5.35
C THR E 78 21.67 40.03 5.91
N ASP E 79 22.60 40.96 5.68
CA ASP E 79 22.45 42.31 6.22
C ASP E 79 21.42 43.10 5.43
N THR E 80 20.68 43.94 6.14
CA THR E 80 19.69 44.77 5.48
C THR E 80 20.03 46.24 5.66
N GLU E 81 19.33 47.08 4.90
CA GLU E 81 19.51 48.53 4.94
C GLU E 81 19.31 49.14 6.33
N ASP E 82 19.48 48.31 7.36
CA ASP E 82 19.33 48.71 8.76
C ASP E 82 20.17 47.78 9.64
N PRO E 83 21.12 48.32 10.40
CA PRO E 83 21.98 47.50 11.25
C PRO E 83 21.17 46.58 12.17
N ALA E 84 19.95 46.99 12.49
CA ALA E 84 19.13 46.19 13.37
C ALA E 84 18.29 45.16 12.64
N LYS E 85 17.74 45.51 11.48
CA LYS E 85 16.89 44.57 10.74
C LYS E 85 17.68 43.51 10.00
N PHE E 86 17.13 42.30 9.95
CA PHE E 86 17.80 41.18 9.28
C PHE E 86 16.86 40.13 8.69
N LYS E 87 17.38 39.35 7.74
CA LYS E 87 16.62 38.25 7.12
C LYS E 87 17.47 37.00 7.38
N MET E 88 16.88 36.04 8.11
CA MET E 88 17.58 34.83 8.52
C MET E 88 17.38 33.55 7.74
N LYS E 89 18.38 33.18 6.96
CA LYS E 89 18.31 31.93 6.23
C LYS E 89 18.78 30.96 7.29
N TYR E 90 18.23 29.76 7.31
CA TYR E 90 18.67 28.77 8.29
C TYR E 90 18.43 27.33 7.90
N TRP E 91 18.62 26.44 8.85
CA TRP E 91 18.46 25.01 8.65
C TRP E 91 19.02 24.31 9.89
N GLY E 92 18.93 22.98 9.93
CA GLY E 92 19.45 22.24 11.07
C GLY E 92 20.65 21.49 10.58
N VAL E 93 21.59 21.18 11.47
CA VAL E 93 22.78 20.46 11.03
C VAL E 93 22.27 19.15 10.46
N ALA E 94 21.42 18.50 11.25
CA ALA E 94 20.82 17.26 10.82
C ALA E 94 19.98 17.67 9.63
N SER E 95 19.76 16.75 8.70
CA SER E 95 19.02 17.10 7.50
C SER E 95 17.50 17.21 7.54
N PHE E 96 16.82 16.28 8.21
CA PHE E 96 15.38 16.33 8.24
C PHE E 96 14.84 17.56 8.97
N LEU E 97 15.69 18.21 9.75
CA LEU E 97 15.29 19.39 10.52
C LEU E 97 14.85 20.58 9.71
N GLN E 98 13.60 20.99 9.94
CA GLN E 98 13.00 22.12 9.24
C GLN E 98 14.01 23.15 8.80
N LYS E 99 14.04 23.42 7.49
CA LYS E 99 14.94 24.40 6.89
C LYS E 99 14.05 25.60 6.65
N GLY E 100 14.61 26.80 6.58
CA GLY E 100 13.75 27.95 6.35
C GLY E 100 14.46 29.27 6.29
N ASN E 101 13.69 30.29 5.93
CA ASN E 101 14.19 31.65 5.81
C ASN E 101 13.11 32.58 6.29
N ASP E 102 13.37 33.26 7.40
CA ASP E 102 12.40 34.19 7.98
C ASP E 102 13.12 35.51 8.24
N ASP E 103 12.35 36.52 8.68
CA ASP E 103 12.91 37.84 8.99
C ASP E 103 13.54 37.75 10.38
N HIS E 104 14.23 38.81 10.81
CA HIS E 104 14.85 38.81 12.14
C HIS E 104 15.18 40.26 12.55
N TRP E 105 14.41 40.79 13.48
CA TRP E 105 14.60 42.15 13.96
C TRP E 105 15.12 42.20 15.41
N ILE E 106 16.36 42.63 15.63
CA ILE E 106 16.85 42.71 17.00
C ILE E 106 16.08 43.87 17.58
N VAL E 107 14.85 43.62 17.99
CA VAL E 107 13.99 44.65 18.57
C VAL E 107 14.73 45.59 19.50
N ASP E 108 15.35 45.01 20.52
CA ASP E 108 16.07 45.83 21.47
C ASP E 108 17.06 44.96 22.27
N THR E 109 17.91 45.63 23.04
CA THR E 109 18.90 44.93 23.85
C THR E 109 19.72 45.97 24.53
N ASP E 110 20.54 45.54 25.47
CA ASP E 110 21.44 46.44 26.18
C ASP E 110 22.80 45.83 26.02
N TYR E 111 22.84 44.81 25.15
CA TYR E 111 24.05 44.07 24.84
C TYR E 111 24.61 43.18 25.92
N ASP E 112 24.71 43.68 27.17
CA ASP E 112 25.29 42.89 28.26
C ASP E 112 24.40 41.94 29.02
N THR E 113 23.10 42.22 29.12
CA THR E 113 22.24 41.32 29.89
C THR E 113 20.95 40.78 29.25
N TYR E 114 20.23 41.62 28.51
CA TYR E 114 18.98 41.22 27.88
C TYR E 114 18.96 41.42 26.36
N ALA E 115 18.00 40.77 25.71
CA ALA E 115 17.83 40.86 24.26
C ALA E 115 16.42 40.49 23.85
N VAL E 116 15.84 41.30 22.99
CA VAL E 116 14.50 41.03 22.52
C VAL E 116 14.39 41.10 21.00
N GLN E 117 13.93 39.99 20.42
CA GLN E 117 13.79 39.92 19.00
C GLN E 117 12.37 39.69 18.63
N TYR E 118 12.06 40.11 17.41
CA TYR E 118 10.75 39.96 16.83
C TYR E 118 10.97 39.48 15.41
N SER E 119 10.04 38.69 14.91
CA SER E 119 10.13 38.21 13.55
C SER E 119 8.73 38.07 13.02
N CYS E 120 8.43 38.84 11.99
CA CYS E 120 7.11 38.77 11.42
C CYS E 120 7.08 37.83 10.26
N ARG E 121 6.71 36.58 10.50
CA ARG E 121 6.64 35.63 9.41
C ARG E 121 5.76 36.21 8.27
N LEU E 122 4.52 36.60 8.57
CA LEU E 122 3.63 37.13 7.52
C LEU E 122 2.80 38.38 7.85
N LEU E 123 2.68 39.26 6.85
CA LEU E 123 1.95 40.54 6.94
C LEU E 123 0.43 40.53 6.90
N ASN E 124 -0.16 41.56 7.52
CA ASN E 124 -1.61 41.71 7.57
C ASN E 124 -2.17 42.73 6.58
N LEU E 125 -3.40 42.45 6.13
CA LEU E 125 -4.11 43.28 5.17
C LEU E 125 -3.64 44.73 5.22
N ASP E 126 -3.77 45.32 6.39
CA ASP E 126 -3.37 46.70 6.60
C ASP E 126 -1.88 46.78 6.84
N GLY E 127 -1.42 46.16 7.92
CA GLY E 127 0.00 46.17 8.24
C GLY E 127 0.37 45.51 9.56
N THR E 128 -0.55 44.73 10.10
CA THR E 128 -0.29 44.04 11.35
C THR E 128 0.46 42.78 10.97
N CYS E 129 0.99 42.08 11.95
CA CYS E 129 1.67 40.85 11.62
C CYS E 129 0.81 39.70 12.07
N ALA E 130 0.59 38.76 11.15
CA ALA E 130 -0.21 37.58 11.45
C ALA E 130 0.72 36.54 12.05
N ASP E 131 1.48 35.86 11.21
CA ASP E 131 2.41 34.87 11.71
C ASP E 131 3.51 35.72 12.32
N SER E 132 3.70 35.62 13.63
CA SER E 132 4.72 36.43 14.28
C SER E 132 5.30 35.71 15.48
N TYR E 133 6.63 35.72 15.63
CA TYR E 133 7.28 35.07 16.77
C TYR E 133 8.40 35.90 17.42
N SER E 134 8.65 35.70 18.72
CA SER E 134 9.70 36.47 19.36
C SER E 134 10.43 35.78 20.49
N PHE E 135 11.53 36.39 20.91
CA PHE E 135 12.40 35.88 21.98
C PHE E 135 12.88 36.96 22.98
N VAL E 136 13.32 36.53 24.15
CA VAL E 136 13.80 37.48 25.11
C VAL E 136 15.04 36.90 25.70
N PHE E 137 16.11 36.95 24.93
CA PHE E 137 17.39 36.41 25.35
C PHE E 137 18.05 37.13 26.52
N SER E 138 18.73 36.35 27.35
CA SER E 138 19.45 36.85 28.51
C SER E 138 20.86 36.28 28.46
N ARG E 139 21.86 37.08 28.85
CA ARG E 139 23.25 36.60 28.84
C ARG E 139 23.48 35.61 29.98
N ASP E 140 22.58 35.62 30.96
CA ASP E 140 22.68 34.75 32.11
C ASP E 140 21.44 33.91 32.30
N PRO E 141 21.53 32.63 31.92
CA PRO E 141 20.40 31.71 32.04
C PRO E 141 19.87 31.68 33.46
N ASN E 142 20.68 32.20 34.36
CA ASN E 142 20.27 32.21 35.75
C ASN E 142 19.13 33.20 35.97
N GLY E 143 18.69 33.86 34.91
CA GLY E 143 17.60 34.81 35.08
C GLY E 143 17.75 36.17 34.44
N LEU E 144 17.29 37.20 35.14
CA LEU E 144 17.37 38.54 34.60
C LEU E 144 16.93 39.61 35.60
N PRO E 145 17.74 40.66 35.79
CA PRO E 145 17.40 41.73 36.73
C PRO E 145 16.07 42.35 36.36
N PRO E 146 15.21 42.60 37.37
CA PRO E 146 13.89 43.20 37.15
C PRO E 146 13.92 44.35 36.18
N GLU E 147 14.91 45.21 36.36
CA GLU E 147 15.08 46.37 35.50
C GLU E 147 14.98 45.90 34.05
N ALA E 148 15.67 44.82 33.74
CA ALA E 148 15.64 44.29 32.39
C ALA E 148 14.22 43.83 32.10
N GLN E 149 13.65 43.00 32.98
CA GLN E 149 12.29 42.52 32.79
C GLN E 149 11.47 43.75 32.48
N LYS E 150 11.51 44.68 33.45
CA LYS E 150 10.77 45.92 33.36
C LYS E 150 10.86 46.53 31.98
N ILE E 151 12.08 46.54 31.43
CA ILE E 151 12.30 47.07 30.10
C ILE E 151 11.66 46.17 29.06
N VAL E 152 11.87 44.86 29.22
CA VAL E 152 11.31 43.91 28.28
C VAL E 152 9.81 44.18 28.24
N ARG E 153 9.22 44.33 29.42
CA ARG E 153 7.79 44.62 29.48
C ARG E 153 7.47 45.64 28.37
N GLN E 154 8.09 46.81 28.42
CA GLN E 154 7.85 47.84 27.42
C GLN E 154 7.75 47.22 26.03
N ARG E 155 8.91 46.87 25.50
CA ARG E 155 9.05 46.28 24.18
C ARG E 155 7.87 45.45 23.70
N GLN E 156 7.53 44.43 24.47
CA GLN E 156 6.43 43.55 24.14
C GLN E 156 5.14 44.30 23.82
N GLU E 157 4.75 45.21 24.72
CA GLU E 157 3.54 45.99 24.52
C GLU E 157 3.75 46.71 23.21
N GLU E 158 4.99 47.15 22.98
CA GLU E 158 5.33 47.85 21.75
C GLU E 158 5.18 46.93 20.54
N LEU E 159 5.43 45.63 20.74
CA LEU E 159 5.33 44.65 19.66
C LEU E 159 3.92 44.11 19.58
N CYS E 160 3.02 44.75 20.31
CA CYS E 160 1.63 44.32 20.34
C CYS E 160 1.60 42.83 20.64
N LEU E 161 2.24 42.45 21.74
CA LEU E 161 2.30 41.06 22.11
C LEU E 161 2.24 40.79 23.61
N ALA E 162 2.01 41.83 24.41
CA ALA E 162 1.96 41.65 25.86
C ALA E 162 1.22 40.40 26.29
N ARG E 163 1.65 39.81 27.40
CA ARG E 163 1.02 38.62 27.92
C ARG E 163 1.26 37.38 27.08
N GLN E 164 1.14 37.52 25.77
CA GLN E 164 1.32 36.38 24.86
C GLN E 164 2.66 35.59 24.90
N TYR E 165 3.46 35.75 25.95
CA TYR E 165 4.73 35.02 26.02
C TYR E 165 4.68 33.81 26.92
N ARG E 166 5.03 32.65 26.37
CA ARG E 166 5.06 31.39 27.10
C ARG E 166 6.49 31.31 27.63
N LEU E 167 6.64 31.27 28.96
CA LEU E 167 7.97 31.23 29.52
C LEU E 167 8.70 29.90 29.37
N ILE E 168 9.97 30.01 28.98
CA ILE E 168 10.86 28.89 28.74
C ILE E 168 11.46 28.26 30.00
N VAL E 169 11.66 26.94 29.95
CA VAL E 169 12.24 26.17 31.07
C VAL E 169 13.65 25.67 30.73
N HIS E 170 14.54 25.61 31.71
CA HIS E 170 15.90 25.13 31.41
C HIS E 170 16.39 23.98 32.29
N ASN E 171 15.83 22.80 32.03
CA ASN E 171 16.13 21.56 32.76
C ASN E 171 17.41 20.89 32.33
N GLY E 172 17.98 21.35 31.22
CA GLY E 172 19.22 20.77 30.70
C GLY E 172 18.96 19.51 29.87
N TYR E 173 17.75 19.40 29.37
CA TYR E 173 17.34 18.26 28.57
C TYR E 173 18.48 17.75 27.71
N CYS E 174 19.27 18.69 27.16
CA CYS E 174 20.41 18.35 26.29
C CYS E 174 21.79 18.67 26.92
N GLU F 1 5.38 -56.66 -22.48
CA GLU F 1 4.54 -55.59 -23.11
C GLU F 1 4.14 -54.50 -22.11
N ARG F 2 4.25 -54.82 -20.82
CA ARG F 2 3.92 -53.87 -19.76
C ARG F 2 4.97 -52.76 -19.85
N ASP F 3 5.86 -52.70 -18.85
CA ASP F 3 6.95 -51.73 -18.80
C ASP F 3 6.68 -50.35 -18.23
N CYS F 4 7.70 -49.50 -18.35
CA CYS F 4 7.70 -48.13 -17.88
C CYS F 4 8.13 -48.06 -16.42
N ARG F 5 9.27 -48.69 -16.13
CA ARG F 5 9.88 -48.69 -14.80
C ARG F 5 11.24 -48.02 -15.06
N VAL F 6 11.44 -46.84 -14.49
CA VAL F 6 12.70 -46.13 -14.70
C VAL F 6 13.91 -47.07 -14.69
N SER F 7 13.97 -47.94 -13.68
CA SER F 7 15.08 -48.87 -13.56
C SER F 7 15.09 -49.87 -14.71
N SER F 8 13.91 -50.25 -15.19
CA SER F 8 13.81 -51.19 -16.31
C SER F 8 14.47 -50.53 -17.51
N PHE F 9 14.18 -49.24 -17.70
CA PHE F 9 14.75 -48.48 -18.79
C PHE F 9 16.17 -48.97 -18.97
N ARG F 10 16.57 -49.17 -20.22
CA ARG F 10 17.92 -49.64 -20.49
C ARG F 10 18.78 -48.54 -21.10
N VAL F 11 19.88 -48.24 -20.41
CA VAL F 11 20.82 -47.20 -20.83
C VAL F 11 22.08 -47.77 -21.52
N LYS F 12 22.88 -46.89 -22.10
CA LYS F 12 24.09 -47.30 -22.81
C LYS F 12 25.20 -47.81 -21.91
N GLU F 13 25.66 -49.02 -22.17
CA GLU F 13 26.75 -49.60 -21.37
C GLU F 13 28.12 -49.10 -21.81
N ASN F 14 29.00 -48.95 -20.83
CA ASN F 14 30.35 -48.45 -21.06
C ASN F 14 30.28 -47.07 -21.67
N PHE F 15 29.78 -46.12 -20.91
CA PHE F 15 29.70 -44.75 -21.38
C PHE F 15 31.15 -44.25 -21.39
N ASP F 16 31.39 -43.13 -22.05
CA ASP F 16 32.73 -42.61 -22.11
C ASP F 16 32.79 -41.12 -22.10
N LYS F 17 32.78 -40.54 -20.90
CA LYS F 17 32.85 -39.10 -20.74
C LYS F 17 33.74 -38.55 -21.86
N ALA F 18 34.86 -39.22 -22.09
CA ALA F 18 35.81 -38.80 -23.12
C ALA F 18 35.17 -38.71 -24.46
N ARG F 19 35.02 -39.84 -25.11
CA ARG F 19 34.43 -39.91 -26.44
C ARG F 19 33.15 -39.05 -26.61
N PHE F 20 32.40 -38.89 -25.52
CA PHE F 20 31.16 -38.11 -25.54
C PHE F 20 31.38 -36.61 -25.51
N SER F 21 32.36 -36.20 -24.71
CA SER F 21 32.69 -34.80 -24.56
C SER F 21 32.63 -34.04 -25.89
N GLY F 22 32.41 -32.73 -25.81
CA GLY F 22 32.32 -31.93 -27.00
C GLY F 22 31.06 -31.08 -27.08
N THR F 23 30.73 -30.64 -28.29
CA THR F 23 29.57 -29.81 -28.56
C THR F 23 28.41 -30.72 -28.92
N TRP F 24 27.20 -30.33 -28.54
CA TRP F 24 26.02 -31.11 -28.88
C TRP F 24 24.84 -30.17 -29.06
N TYR F 25 23.99 -30.47 -30.04
CA TYR F 25 22.82 -29.64 -30.32
C TYR F 25 21.55 -30.40 -30.09
N ALA F 26 20.61 -29.73 -29.44
CA ALA F 26 19.33 -30.33 -29.10
C ALA F 26 18.38 -30.27 -30.27
N MET F 27 17.91 -31.43 -30.68
CA MET F 27 16.98 -31.50 -31.80
C MET F 27 15.58 -31.63 -31.24
N ALA F 28 15.44 -32.47 -30.20
CA ALA F 28 14.15 -32.68 -29.58
C ALA F 28 14.23 -32.90 -28.07
N LYS F 29 13.07 -32.78 -27.42
CA LYS F 29 13.04 -32.96 -26.00
C LYS F 29 11.67 -33.42 -25.55
N LYS F 30 11.51 -33.50 -24.24
CA LYS F 30 10.26 -33.91 -23.60
C LYS F 30 10.21 -32.99 -22.39
N ASP F 31 9.21 -32.10 -22.37
CA ASP F 31 9.05 -31.12 -21.29
C ASP F 31 8.57 -31.68 -19.98
N PRO F 32 9.42 -31.60 -18.96
CA PRO F 32 9.03 -32.10 -17.64
C PRO F 32 8.02 -31.09 -17.07
N GLU F 33 7.63 -31.24 -15.80
CA GLU F 33 6.73 -30.26 -15.21
C GLU F 33 7.58 -29.01 -14.88
N GLY F 34 6.92 -27.88 -14.72
CA GLY F 34 7.63 -26.64 -14.38
C GLY F 34 8.16 -25.89 -15.57
N LEU F 35 9.09 -24.97 -15.32
CA LEU F 35 9.69 -24.20 -16.39
C LEU F 35 10.78 -25.05 -16.99
N PHE F 36 11.20 -24.75 -18.22
CA PHE F 36 12.22 -25.57 -18.85
C PHE F 36 12.82 -24.89 -20.08
N LEU F 37 14.08 -25.17 -20.35
CA LEU F 37 14.73 -24.61 -21.52
C LEU F 37 13.79 -24.78 -22.69
N GLN F 38 13.28 -23.67 -23.23
CA GLN F 38 12.37 -23.74 -24.36
C GLN F 38 13.07 -23.86 -25.72
N ASP F 39 13.34 -22.76 -26.43
CA ASP F 39 14.01 -22.90 -27.73
C ASP F 39 15.50 -22.53 -27.75
N ASN F 40 16.16 -22.96 -28.84
CA ASN F 40 17.58 -22.73 -29.07
C ASN F 40 18.52 -23.36 -28.03
N ILE F 41 18.40 -24.68 -27.84
CA ILE F 41 19.22 -25.37 -26.87
C ILE F 41 20.50 -25.97 -27.43
N VAL F 42 21.59 -25.79 -26.71
CA VAL F 42 22.87 -26.31 -27.13
C VAL F 42 23.74 -26.56 -25.92
N ALA F 43 24.26 -27.79 -25.83
CA ALA F 43 25.12 -28.18 -24.72
C ALA F 43 26.56 -28.48 -25.13
N GLU F 44 27.46 -28.36 -24.15
CA GLU F 44 28.88 -28.61 -24.34
C GLU F 44 29.44 -29.45 -23.20
N PHE F 45 29.64 -30.74 -23.45
CA PHE F 45 30.16 -31.66 -22.44
C PHE F 45 31.67 -31.63 -22.47
N SER F 46 32.32 -31.84 -21.33
CA SER F 46 33.78 -31.87 -21.31
C SER F 46 34.39 -32.27 -19.98
N VAL F 47 34.96 -33.47 -19.96
CA VAL F 47 35.59 -34.03 -18.78
C VAL F 47 37.05 -33.56 -18.69
N ASP F 48 37.56 -33.51 -17.46
CA ASP F 48 38.93 -33.06 -17.15
C ASP F 48 39.88 -34.20 -16.82
N GLU F 49 41.09 -33.83 -16.39
CA GLU F 49 42.12 -34.79 -16.03
C GLU F 49 41.74 -35.75 -14.90
N THR F 50 41.02 -35.25 -13.89
CA THR F 50 40.63 -36.10 -12.76
C THR F 50 39.51 -37.07 -13.13
N GLY F 51 38.88 -36.86 -14.29
CA GLY F 51 37.82 -37.74 -14.74
C GLY F 51 36.43 -37.20 -14.54
N GLN F 52 36.31 -36.17 -13.72
CA GLN F 52 35.00 -35.59 -13.45
C GLN F 52 34.46 -34.98 -14.72
N MET F 53 33.14 -35.04 -14.89
CA MET F 53 32.50 -34.49 -16.07
C MET F 53 31.51 -33.36 -15.79
N SER F 54 31.66 -32.27 -16.52
CA SER F 54 30.79 -31.10 -16.36
C SER F 54 30.23 -30.63 -17.71
N ALA F 55 29.38 -29.62 -17.69
CA ALA F 55 28.81 -29.12 -18.92
C ALA F 55 28.21 -27.71 -18.85
N THR F 56 27.96 -27.15 -20.02
CA THR F 56 27.37 -25.82 -20.17
C THR F 56 26.31 -25.94 -21.26
N ALA F 57 25.25 -25.16 -21.18
CA ALA F 57 24.21 -25.24 -22.20
C ALA F 57 23.42 -23.96 -22.40
N LYS F 58 23.65 -23.32 -23.53
CA LYS F 58 22.96 -22.08 -23.88
C LYS F 58 21.59 -22.49 -24.41
N GLY F 59 20.54 -21.92 -23.83
CA GLY F 59 19.20 -22.23 -24.26
C GLY F 59 18.25 -21.14 -23.82
N ARG F 60 17.16 -20.96 -24.57
CA ARG F 60 16.20 -19.91 -24.22
C ARG F 60 15.12 -20.35 -23.25
N VAL F 61 14.60 -19.42 -22.47
CA VAL F 61 13.53 -19.76 -21.53
C VAL F 61 12.64 -18.52 -21.31
N ARG F 62 11.33 -18.74 -21.38
CA ARG F 62 10.35 -17.67 -21.21
C ARG F 62 10.02 -17.41 -19.78
N LEU F 63 11.07 -17.32 -18.98
CA LEU F 63 10.92 -17.05 -17.55
C LEU F 63 9.90 -15.95 -17.32
N LEU F 64 9.01 -16.19 -16.37
CA LEU F 64 8.00 -15.20 -16.02
C LEU F 64 6.93 -15.04 -17.09
N ASN F 65 7.28 -14.34 -18.16
CA ASN F 65 6.38 -14.08 -19.28
C ASN F 65 6.86 -12.79 -19.93
N ASN F 66 6.90 -12.76 -21.26
CA ASN F 66 7.39 -11.60 -21.99
C ASN F 66 8.88 -11.42 -21.66
N TRP F 67 9.38 -12.25 -20.74
CA TRP F 67 10.78 -12.23 -20.28
C TRP F 67 11.47 -13.39 -20.99
N ASP F 68 12.10 -13.15 -22.14
CA ASP F 68 12.79 -14.22 -22.86
C ASP F 68 14.28 -14.14 -22.62
N VAL F 69 14.76 -14.98 -21.73
CA VAL F 69 16.17 -14.99 -21.35
C VAL F 69 16.99 -16.15 -21.92
N CYS F 70 17.91 -15.85 -22.82
CA CYS F 70 18.73 -16.96 -23.29
C CYS F 70 19.54 -17.23 -22.03
N ALA F 71 19.42 -18.44 -21.52
CA ALA F 71 20.11 -18.79 -20.30
C ALA F 71 21.39 -19.59 -20.51
N ASP F 72 22.46 -19.17 -19.84
CA ASP F 72 23.76 -19.83 -19.94
C ASP F 72 23.91 -20.69 -18.69
N MET F 73 23.56 -21.96 -18.83
CA MET F 73 23.65 -22.90 -17.72
C MET F 73 24.96 -23.65 -17.58
N VAL F 74 25.10 -24.26 -16.42
CA VAL F 74 26.28 -25.03 -16.07
C VAL F 74 25.92 -26.06 -15.01
N GLY F 75 26.52 -27.24 -15.13
CA GLY F 75 26.25 -28.31 -14.19
C GLY F 75 27.39 -29.29 -14.05
N THR F 76 27.64 -29.72 -12.82
CA THR F 76 28.70 -30.68 -12.55
C THR F 76 28.10 -32.05 -12.31
N PHE F 77 28.59 -33.02 -13.06
CA PHE F 77 28.09 -34.40 -12.95
C PHE F 77 28.90 -35.17 -11.94
N THR F 78 28.22 -35.72 -10.95
CA THR F 78 28.93 -36.54 -9.99
C THR F 78 28.80 -37.93 -10.61
N ASP F 79 29.85 -38.72 -10.52
CA ASP F 79 29.81 -40.06 -11.10
C ASP F 79 29.02 -41.03 -10.24
N THR F 80 28.33 -41.95 -10.90
CA THR F 80 27.56 -42.94 -10.16
C THR F 80 28.09 -44.33 -10.49
N GLU F 81 27.67 -45.32 -9.70
CA GLU F 81 28.06 -46.71 -9.85
C GLU F 81 27.77 -47.32 -11.25
N ASP F 82 27.67 -46.44 -12.25
CA ASP F 82 27.38 -46.80 -13.65
C ASP F 82 27.94 -45.70 -14.54
N PRO F 83 28.85 -46.07 -15.47
CA PRO F 83 29.46 -45.10 -16.39
C PRO F 83 28.43 -44.29 -17.13
N ALA F 84 27.24 -44.85 -17.30
CA ALA F 84 26.17 -44.15 -18.01
C ALA F 84 25.31 -43.28 -17.13
N LYS F 85 24.94 -43.79 -15.96
CA LYS F 85 24.09 -43.02 -15.06
C LYS F 85 24.82 -41.85 -14.35
N PHE F 86 24.09 -40.75 -14.15
CA PHE F 86 24.64 -39.55 -13.51
C PHE F 86 23.64 -38.69 -12.74
N LYS F 87 24.15 -37.88 -11.84
CA LYS F 87 23.35 -36.94 -11.07
C LYS F 87 23.98 -35.56 -11.32
N MET F 88 23.17 -34.69 -11.92
CA MET F 88 23.62 -33.37 -12.32
C MET F 88 23.29 -32.19 -11.45
N LYS F 89 24.33 -31.68 -10.79
CA LYS F 89 24.16 -30.50 -9.98
C LYS F 89 24.34 -29.42 -11.02
N TYR F 90 23.62 -28.31 -10.88
CA TYR F 90 23.73 -27.21 -11.86
C TYR F 90 23.32 -25.84 -11.34
N TRP F 91 23.26 -24.89 -12.27
CA TRP F 91 22.90 -23.52 -11.97
C TRP F 91 23.21 -22.71 -13.21
N GLY F 92 22.87 -21.42 -13.19
CA GLY F 92 23.14 -20.58 -14.34
C GLY F 92 24.27 -19.63 -13.98
N VAL F 93 25.02 -19.16 -14.97
CA VAL F 93 26.12 -18.25 -14.68
C VAL F 93 25.51 -17.09 -13.94
N ALA F 94 24.45 -16.55 -14.54
CA ALA F 94 23.70 -15.45 -13.97
C ALA F 94 23.06 -16.03 -12.71
N SER F 95 22.85 -15.17 -11.71
CA SER F 95 22.32 -15.66 -10.44
C SER F 95 20.85 -16.00 -10.30
N PHE F 96 19.96 -15.16 -10.82
CA PHE F 96 18.53 -15.45 -10.67
C PHE F 96 18.11 -16.74 -11.40
N LEU F 97 18.97 -17.22 -12.30
CA LEU F 97 18.67 -18.42 -13.07
C LEU F 97 18.53 -19.71 -12.30
N GLN F 98 17.34 -20.29 -12.38
CA GLN F 98 17.00 -21.53 -11.69
C GLN F 98 18.22 -22.41 -11.47
N LYS F 99 18.48 -22.70 -10.19
CA LYS F 99 19.59 -23.56 -9.76
C LYS F 99 18.94 -24.90 -9.48
N GLY F 100 19.70 -25.99 -9.60
CA GLY F 100 19.09 -27.28 -9.31
C GLY F 100 20.00 -28.47 -9.39
N ASN F 101 19.45 -29.61 -9.01
CA ASN F 101 20.16 -30.89 -9.03
C ASN F 101 19.17 -31.96 -9.44
N ASP F 102 19.37 -32.53 -10.61
CA ASP F 102 18.48 -33.56 -11.14
C ASP F 102 19.34 -34.75 -11.53
N ASP F 103 18.71 -35.85 -11.93
CA ASP F 103 19.45 -37.05 -12.37
C ASP F 103 19.85 -36.84 -13.84
N HIS F 104 20.62 -37.76 -14.41
CA HIS F 104 21.04 -37.63 -15.80
C HIS F 104 21.54 -38.96 -16.36
N TRP F 105 20.74 -39.61 -17.19
CA TRP F 105 21.13 -40.89 -17.77
C TRP F 105 21.41 -40.74 -19.26
N ILE F 106 22.65 -40.94 -19.69
CA ILE F 106 22.94 -40.86 -21.11
C ILE F 106 22.31 -42.13 -21.70
N VAL F 107 20.99 -42.06 -21.93
CA VAL F 107 20.21 -43.19 -22.46
C VAL F 107 20.97 -43.96 -23.53
N ASP F 108 21.33 -43.27 -24.59
CA ASP F 108 22.07 -43.91 -25.66
C ASP F 108 22.78 -42.88 -26.51
N THR F 109 23.62 -43.35 -27.42
CA THR F 109 24.35 -42.48 -28.31
C THR F 109 25.23 -43.36 -29.15
N ASP F 110 25.85 -42.78 -30.17
CA ASP F 110 26.78 -43.54 -30.98
C ASP F 110 28.01 -42.67 -30.95
N TYR F 111 27.99 -41.70 -30.04
CA TYR F 111 29.08 -40.76 -29.86
C TYR F 111 29.34 -39.75 -30.98
N ASP F 112 29.42 -40.21 -32.23
CA ASP F 112 29.71 -39.28 -33.32
C ASP F 112 28.58 -38.45 -33.91
N THR F 113 27.34 -38.92 -33.87
CA THR F 113 26.27 -38.15 -34.48
C THR F 113 25.01 -37.85 -33.67
N TYR F 114 24.53 -38.81 -32.88
CA TYR F 114 23.32 -38.61 -32.07
C TYR F 114 23.51 -38.88 -30.59
N ALA F 115 22.56 -38.47 -29.78
CA ALA F 115 22.62 -38.69 -28.35
C ALA F 115 21.25 -38.54 -27.73
N VAL F 116 20.91 -39.46 -26.86
CA VAL F 116 19.62 -39.42 -26.21
C VAL F 116 19.72 -39.55 -24.71
N GLN F 117 19.23 -38.53 -24.02
CA GLN F 117 19.26 -38.56 -22.58
C GLN F 117 17.85 -38.56 -21.99
N TYR F 118 17.78 -39.10 -20.78
CA TYR F 118 16.54 -39.16 -20.03
C TYR F 118 16.89 -38.74 -18.63
N SER F 119 15.91 -38.17 -17.96
CA SER F 119 16.11 -37.71 -16.61
C SER F 119 14.79 -37.82 -15.89
N CYS F 120 14.76 -38.67 -14.87
CA CYS F 120 13.53 -38.82 -14.15
C CYS F 120 13.50 -37.94 -12.91
N ARG F 121 12.91 -36.77 -13.05
CA ARG F 121 12.85 -35.89 -11.91
C ARG F 121 12.26 -36.60 -10.69
N LEU F 122 11.09 -37.24 -10.84
CA LEU F 122 10.43 -37.91 -9.71
C LEU F 122 9.71 -39.24 -10.01
N LEU F 123 9.87 -40.20 -9.07
CA LEU F 123 9.32 -41.55 -9.15
C LEU F 123 7.83 -41.79 -8.93
N ASN F 124 7.33 -42.87 -9.54
CA ASN F 124 5.92 -43.27 -9.44
C ASN F 124 5.68 -44.40 -8.44
N LEU F 125 4.51 -44.35 -7.81
CA LEU F 125 4.06 -45.33 -6.80
C LEU F 125 4.71 -46.68 -7.00
N ASP F 126 4.54 -47.20 -8.19
CA ASP F 126 5.10 -48.48 -8.58
C ASP F 126 6.57 -48.30 -8.98
N GLY F 127 6.81 -47.57 -10.06
CA GLY F 127 8.17 -47.36 -10.52
C GLY F 127 8.23 -46.60 -11.83
N THR F 128 7.12 -45.97 -12.20
CA THR F 128 7.05 -45.19 -13.43
C THR F 128 7.66 -43.84 -13.11
N CYS F 129 7.94 -43.04 -14.12
CA CYS F 129 8.49 -41.74 -13.83
C CYS F 129 7.44 -40.71 -14.09
N ALA F 130 7.16 -39.90 -13.07
CA ALA F 130 6.17 -38.84 -13.21
C ALA F 130 6.85 -37.63 -13.85
N ASP F 131 7.61 -36.87 -13.07
CA ASP F 131 8.31 -35.73 -13.64
C ASP F 131 9.43 -36.37 -14.38
N SER F 132 9.43 -36.20 -15.70
CA SER F 132 10.47 -36.78 -16.55
C SER F 132 10.77 -35.90 -17.75
N TYR F 133 12.04 -35.73 -18.09
CA TYR F 133 12.41 -34.92 -19.25
C TYR F 133 13.54 -35.54 -20.09
N SER F 134 13.59 -35.22 -21.39
CA SER F 134 14.65 -35.80 -22.20
C SER F 134 15.11 -34.96 -23.39
N PHE F 135 16.23 -35.35 -23.97
CA PHE F 135 16.85 -34.65 -25.10
C PHE F 135 17.33 -35.60 -26.20
N VAL F 136 17.54 -35.07 -27.39
CA VAL F 136 18.03 -35.93 -28.46
C VAL F 136 19.11 -35.15 -29.16
N PHE F 137 20.27 -35.08 -28.52
CA PHE F 137 21.40 -34.34 -29.05
C PHE F 137 22.02 -34.87 -30.34
N SER F 138 22.41 -33.94 -31.21
CA SER F 138 23.05 -34.26 -32.49
C SER F 138 24.35 -33.48 -32.61
N ARG F 139 25.39 -34.10 -33.16
CA ARG F 139 26.68 -33.43 -33.33
C ARG F 139 26.60 -32.39 -34.44
N ASP F 140 25.57 -32.51 -35.27
CA ASP F 140 25.36 -31.59 -36.37
C ASP F 140 23.99 -30.92 -36.32
N PRO F 141 23.94 -29.65 -35.87
CA PRO F 141 22.69 -28.90 -35.78
C PRO F 141 21.97 -28.88 -37.13
N ASN F 142 22.72 -29.22 -38.16
CA ASN F 142 22.15 -29.25 -39.48
C ASN F 142 21.18 -30.40 -39.60
N GLY F 143 21.00 -31.16 -38.52
CA GLY F 143 20.06 -32.27 -38.60
C GLY F 143 20.50 -33.62 -38.08
N LEU F 144 20.15 -34.68 -38.80
CA LEU F 144 20.50 -36.03 -38.37
C LEU F 144 20.08 -37.08 -39.41
N PRO F 145 20.97 -38.02 -39.71
CA PRO F 145 20.69 -39.07 -40.68
C PRO F 145 19.51 -39.90 -40.20
N PRO F 146 18.59 -40.24 -41.11
CA PRO F 146 17.41 -41.04 -40.74
C PRO F 146 17.78 -42.22 -39.83
N GLU F 147 18.84 -42.92 -40.22
CA GLU F 147 19.31 -44.06 -39.45
C GLU F 147 19.27 -43.68 -37.98
N ALA F 148 19.86 -42.52 -37.68
CA ALA F 148 19.91 -42.01 -36.32
C ALA F 148 18.49 -41.80 -35.82
N GLN F 149 17.69 -41.04 -36.55
CA GLN F 149 16.33 -40.81 -36.12
C GLN F 149 15.74 -42.18 -35.81
N LYS F 150 15.76 -43.04 -36.83
CA LYS F 150 15.23 -44.39 -36.71
C LYS F 150 15.60 -45.02 -35.37
N ILE F 151 16.88 -44.91 -35.02
CA ILE F 151 17.39 -45.46 -33.76
C ILE F 151 16.74 -44.70 -32.62
N VAL F 152 16.74 -43.38 -32.75
CA VAL F 152 16.17 -42.53 -31.72
C VAL F 152 14.77 -43.04 -31.50
N ARG F 153 14.06 -43.26 -32.60
CA ARG F 153 12.70 -43.76 -32.49
C ARG F 153 12.68 -44.84 -31.40
N GLN F 154 13.46 -45.90 -31.60
CA GLN F 154 13.51 -47.00 -30.64
C GLN F 154 13.50 -46.48 -29.21
N ARG F 155 14.65 -45.98 -28.81
CA ARG F 155 14.87 -45.45 -27.47
C ARG F 155 13.62 -44.83 -26.81
N GLN F 156 13.04 -43.84 -27.47
CA GLN F 156 11.87 -43.14 -26.96
C GLN F 156 10.80 -44.10 -26.50
N GLU F 157 10.43 -45.01 -27.39
CA GLU F 157 9.40 -46.01 -27.08
C GLU F 157 9.88 -46.74 -25.86
N GLU F 158 11.21 -46.92 -25.79
CA GLU F 158 11.86 -47.62 -24.69
C GLU F 158 11.74 -46.80 -23.42
N LEU F 159 11.72 -45.47 -23.58
CA LEU F 159 11.61 -44.56 -22.45
C LEU F 159 10.17 -44.26 -22.16
N CYS F 160 9.27 -45.01 -22.79
CA CYS F 160 7.83 -44.83 -22.62
C CYS F 160 7.53 -43.37 -22.85
N LEU F 161 8.03 -42.85 -23.96
CA LEU F 161 7.84 -41.44 -24.27
C LEU F 161 7.53 -41.13 -25.72
N ALA F 162 7.35 -42.16 -26.54
CA ALA F 162 7.04 -41.96 -27.96
C ALA F 162 6.08 -40.80 -28.22
N ARG F 163 6.32 -40.08 -29.32
CA ARG F 163 5.44 -38.99 -29.70
C ARG F 163 5.60 -37.74 -28.83
N GLN F 164 5.63 -37.95 -27.53
CA GLN F 164 5.73 -36.87 -26.57
C GLN F 164 6.88 -35.87 -26.74
N TYR F 165 7.54 -35.84 -27.87
CA TYR F 165 8.62 -34.89 -28.00
C TYR F 165 8.27 -33.69 -28.82
N ARG F 166 8.52 -32.50 -28.27
CA ARG F 166 8.27 -31.25 -28.99
C ARG F 166 9.60 -30.92 -29.67
N LEU F 167 9.58 -30.81 -30.99
CA LEU F 167 10.83 -30.53 -31.69
C LEU F 167 11.37 -29.12 -31.53
N ILE F 168 12.69 -29.05 -31.31
CA ILE F 168 13.42 -27.80 -31.12
C ILE F 168 13.74 -27.05 -32.42
N VAL F 169 13.75 -25.73 -32.33
CA VAL F 169 14.04 -24.86 -33.47
C VAL F 169 15.34 -24.12 -33.24
N HIS F 170 16.09 -23.86 -34.32
CA HIS F 170 17.37 -23.15 -34.20
C HIS F 170 17.53 -21.90 -35.05
N ASN F 171 16.84 -20.84 -34.64
CA ASN F 171 16.87 -19.56 -35.35
C ASN F 171 18.09 -18.69 -35.04
N GLY F 172 18.88 -19.12 -34.05
CA GLY F 172 20.07 -18.37 -33.65
C GLY F 172 19.75 -17.21 -32.71
N TYR F 173 18.59 -17.30 -32.07
CA TYR F 173 18.10 -16.28 -31.15
C TYR F 173 19.25 -15.59 -30.40
N CYS F 174 20.24 -16.39 -30.03
CA CYS F 174 21.40 -15.92 -29.28
C CYS F 174 22.69 -15.96 -30.11
N ASP G 1 -11.82 -47.10 -36.47
CA ASP G 1 -11.20 -45.78 -36.16
C ASP G 1 -11.86 -45.27 -34.90
N ILE G 2 -11.47 -44.07 -34.47
CA ILE G 2 -12.06 -43.47 -33.29
C ILE G 2 -12.97 -42.35 -33.74
N VAL G 3 -14.04 -42.14 -32.99
CA VAL G 3 -14.98 -41.11 -33.37
C VAL G 3 -14.84 -39.80 -32.63
N LEU G 4 -14.88 -38.71 -33.42
CA LEU G 4 -14.79 -37.37 -32.88
C LEU G 4 -16.12 -36.71 -33.21
N THR G 5 -16.78 -36.14 -32.20
CA THR G 5 -18.07 -35.50 -32.40
C THR G 5 -18.10 -34.08 -31.86
N GLN G 6 -18.36 -33.11 -32.72
CA GLN G 6 -18.41 -31.71 -32.33
C GLN G 6 -19.76 -31.37 -31.69
N SER G 7 -19.77 -31.16 -30.37
CA SER G 7 -20.99 -30.83 -29.59
C SER G 7 -22.01 -29.96 -30.33
N PRO G 8 -21.88 -28.62 -30.25
CA PRO G 8 -22.90 -27.89 -31.02
C PRO G 8 -22.25 -27.64 -32.39
N SER G 9 -23.01 -27.68 -33.48
CA SER G 9 -22.38 -27.46 -34.77
C SER G 9 -22.25 -25.97 -35.11
N SER G 10 -23.23 -25.17 -34.72
CA SER G 10 -23.15 -23.73 -34.96
C SER G 10 -22.87 -23.12 -33.58
N LEU G 11 -22.06 -22.06 -33.56
CA LEU G 11 -21.71 -21.43 -32.29
C LEU G 11 -21.64 -19.91 -32.32
N ALA G 12 -22.57 -19.25 -31.64
CA ALA G 12 -22.58 -17.80 -31.61
C ALA G 12 -22.41 -17.24 -30.19
N VAL G 13 -21.69 -16.12 -30.11
CA VAL G 13 -21.43 -15.45 -28.84
C VAL G 13 -20.97 -14.03 -29.11
N SER G 14 -21.20 -13.13 -28.16
CA SER G 14 -20.83 -11.74 -28.36
C SER G 14 -19.34 -11.46 -28.26
N LEU G 15 -18.90 -10.45 -29.00
CA LEU G 15 -17.50 -10.06 -29.01
C LEU G 15 -17.10 -9.78 -27.59
N GLY G 16 -16.05 -10.43 -27.12
CA GLY G 16 -15.59 -10.16 -25.77
C GLY G 16 -15.94 -11.19 -24.70
N GLN G 17 -16.75 -12.18 -25.05
CA GLN G 17 -17.08 -13.19 -24.07
C GLN G 17 -16.36 -14.49 -24.43
N ARG G 18 -16.65 -15.57 -23.74
CA ARG G 18 -15.96 -16.83 -24.02
C ARG G 18 -16.68 -17.85 -24.89
N ALA G 19 -15.89 -18.74 -25.47
CA ALA G 19 -16.39 -19.79 -26.33
C ALA G 19 -16.10 -21.11 -25.63
N THR G 20 -16.84 -22.15 -25.99
CA THR G 20 -16.62 -23.43 -25.38
C THR G 20 -16.95 -24.53 -26.35
N ILE G 21 -16.04 -24.69 -27.29
CA ILE G 21 -16.17 -25.68 -28.34
C ILE G 21 -15.75 -27.05 -27.78
N SER G 22 -16.56 -28.06 -28.05
CA SER G 22 -16.30 -29.41 -27.54
C SER G 22 -15.81 -30.44 -28.57
N CYS G 23 -15.48 -31.62 -28.09
CA CYS G 23 -14.97 -32.70 -28.94
C CYS G 23 -14.80 -33.97 -28.10
N ARG G 24 -15.83 -34.83 -28.08
CA ARG G 24 -15.78 -36.09 -27.32
C ARG G 24 -15.26 -37.17 -28.24
N ALA G 25 -14.82 -38.28 -27.68
CA ALA G 25 -14.27 -39.35 -28.51
C ALA G 25 -14.87 -40.73 -28.29
N SER G 26 -14.91 -41.52 -29.37
CA SER G 26 -15.44 -42.86 -29.27
C SER G 26 -14.52 -43.65 -28.36
N GLU G 27 -13.22 -43.49 -28.55
CA GLU G 27 -12.25 -44.19 -27.73
C GLU G 27 -11.51 -43.16 -26.88
N SER G 28 -10.52 -43.59 -26.09
CA SER G 28 -9.76 -42.64 -25.27
C SER G 28 -8.64 -42.16 -26.16
N VAL G 29 -8.30 -40.87 -26.05
CA VAL G 29 -7.24 -40.31 -26.88
C VAL G 29 -5.95 -40.15 -26.12
N ASP G 30 -6.01 -40.50 -24.84
CA ASP G 30 -4.86 -40.40 -23.96
C ASP G 30 -4.07 -41.71 -23.86
N SER G 31 -2.75 -41.57 -23.75
CA SER G 31 -1.87 -42.72 -23.70
C SER G 31 -0.59 -42.42 -22.93
N TYR G 32 0.11 -43.48 -22.51
CA TYR G 32 1.37 -43.38 -21.75
C TYR G 32 1.53 -42.15 -20.84
N GLY G 33 0.45 -41.45 -20.53
CA GLY G 33 0.57 -40.31 -19.66
C GLY G 33 0.31 -38.94 -20.24
N ASN G 34 -0.26 -38.88 -21.45
CA ASN G 34 -0.58 -37.61 -22.11
C ASN G 34 -1.96 -37.62 -22.77
N SER G 35 -2.14 -36.77 -23.77
CA SER G 35 -3.40 -36.66 -24.51
C SER G 35 -3.12 -36.12 -25.91
N PHE G 36 -3.41 -36.94 -26.91
CA PHE G 36 -3.16 -36.53 -28.28
C PHE G 36 -4.32 -35.88 -29.00
N MET G 37 -4.75 -34.71 -28.51
CA MET G 37 -5.85 -33.97 -29.13
C MET G 37 -5.33 -32.67 -29.73
N HIS G 38 -5.94 -32.20 -30.80
CA HIS G 38 -5.46 -30.99 -31.45
C HIS G 38 -6.56 -30.07 -32.02
N TRP G 39 -6.29 -28.76 -32.02
CA TRP G 39 -7.27 -27.80 -32.51
C TRP G 39 -6.80 -26.93 -33.67
N TYR G 40 -7.68 -26.79 -34.67
CA TYR G 40 -7.39 -26.02 -35.87
C TYR G 40 -8.40 -24.91 -36.13
N GLN G 41 -7.94 -23.82 -36.73
CA GLN G 41 -8.79 -22.69 -37.08
C GLN G 41 -8.84 -22.60 -38.61
N GLN G 42 -9.98 -22.94 -39.21
CA GLN G 42 -10.11 -22.88 -40.67
C GLN G 42 -11.04 -21.75 -41.15
N LYS G 43 -10.43 -20.63 -41.53
CA LYS G 43 -11.17 -19.46 -41.98
C LYS G 43 -11.64 -19.60 -43.44
N PRO G 44 -12.60 -18.78 -43.87
CA PRO G 44 -13.11 -18.82 -45.23
C PRO G 44 -12.03 -18.83 -46.30
N GLY G 45 -12.29 -19.52 -47.39
CA GLY G 45 -11.36 -19.59 -48.50
C GLY G 45 -9.90 -19.79 -48.16
N GLN G 46 -9.62 -20.67 -47.19
CA GLN G 46 -8.24 -20.95 -46.79
C GLN G 46 -8.13 -22.33 -46.17
N PRO G 47 -6.90 -22.79 -45.87
CA PRO G 47 -6.63 -24.09 -45.26
C PRO G 47 -6.57 -23.95 -43.74
N PRO G 48 -6.66 -25.08 -43.01
CA PRO G 48 -6.63 -25.11 -41.55
C PRO G 48 -5.41 -24.43 -40.95
N LYS G 49 -5.57 -23.96 -39.71
CA LYS G 49 -4.49 -23.29 -38.98
C LYS G 49 -4.34 -23.97 -37.63
N LEU G 50 -3.15 -24.49 -37.36
CA LEU G 50 -2.93 -25.15 -36.10
C LEU G 50 -2.97 -24.15 -34.96
N LEU G 51 -3.69 -24.54 -33.91
CA LEU G 51 -3.87 -23.72 -32.73
C LEU G 51 -3.27 -24.37 -31.50
N ILE G 52 -3.80 -25.54 -31.14
CA ILE G 52 -3.32 -26.25 -29.96
C ILE G 52 -2.87 -27.68 -30.22
N TYR G 53 -1.64 -27.97 -29.81
CA TYR G 53 -1.09 -29.31 -29.98
C TYR G 53 -1.09 -30.05 -28.66
N ARG G 54 -1.70 -31.23 -28.67
CA ARG G 54 -1.79 -32.07 -27.50
C ARG G 54 -2.71 -31.44 -26.48
N ALA G 55 -3.96 -31.28 -26.89
CA ALA G 55 -5.01 -30.68 -26.07
C ALA G 55 -4.57 -29.90 -24.84
N SER G 56 -3.64 -28.97 -25.00
CA SER G 56 -3.16 -28.15 -23.87
C SER G 56 -1.97 -27.27 -24.20
N ASN G 57 -1.04 -27.79 -24.99
CA ASN G 57 0.14 -27.03 -25.37
C ASN G 57 -0.12 -26.10 -26.54
N LEU G 58 -0.04 -24.80 -26.26
CA LEU G 58 -0.29 -23.75 -27.25
C LEU G 58 0.77 -23.62 -28.31
N GLU G 59 0.34 -23.20 -29.49
CA GLU G 59 1.25 -23.03 -30.61
C GLU G 59 1.81 -21.62 -30.68
N SER G 60 3.11 -21.54 -30.95
CA SER G 60 3.79 -20.28 -31.07
C SER G 60 3.26 -19.51 -32.27
N GLY G 61 2.42 -18.52 -31.97
CA GLY G 61 1.83 -17.70 -33.01
C GLY G 61 0.40 -17.42 -32.60
N ILE G 62 -0.15 -18.31 -31.80
CA ILE G 62 -1.53 -18.17 -31.35
C ILE G 62 -1.56 -17.45 -30.02
N PRO G 63 -2.48 -16.48 -29.88
CA PRO G 63 -2.62 -15.69 -28.65
C PRO G 63 -3.28 -16.43 -27.46
N ALA G 64 -3.17 -15.81 -26.29
CA ALA G 64 -3.71 -16.36 -25.06
C ALA G 64 -5.18 -16.68 -25.16
N ARG G 65 -5.89 -15.98 -26.03
CA ARG G 65 -7.32 -16.21 -26.19
C ARG G 65 -7.65 -17.68 -26.07
N PHE G 66 -6.96 -18.49 -26.85
CA PHE G 66 -7.19 -19.91 -26.87
C PHE G 66 -6.60 -20.64 -25.69
N SER G 67 -7.04 -21.88 -25.51
CA SER G 67 -6.56 -22.74 -24.43
C SER G 67 -7.39 -24.01 -24.43
N GLY G 68 -6.73 -25.16 -24.30
CA GLY G 68 -7.45 -26.42 -24.31
C GLY G 68 -7.44 -27.17 -23.00
N SER G 69 -8.23 -28.24 -22.93
CA SER G 69 -8.32 -29.06 -21.72
C SER G 69 -8.99 -30.40 -22.01
N GLY G 70 -8.88 -31.33 -21.06
CA GLY G 70 -9.51 -32.63 -21.26
C GLY G 70 -8.71 -33.84 -20.83
N SER G 71 -9.14 -35.00 -21.29
CA SER G 71 -8.48 -36.26 -20.97
C SER G 71 -9.45 -37.36 -21.34
N ARG G 72 -9.02 -38.61 -21.22
CA ARG G 72 -9.90 -39.74 -21.54
C ARG G 72 -10.60 -39.46 -22.88
N THR G 73 -11.89 -39.09 -22.84
CA THR G 73 -12.65 -38.79 -24.06
C THR G 73 -13.41 -37.45 -24.06
N ASP G 74 -13.00 -36.51 -23.21
CA ASP G 74 -13.65 -35.21 -23.14
C ASP G 74 -12.64 -34.06 -23.18
N PHE G 75 -12.66 -33.27 -24.26
CA PHE G 75 -11.76 -32.12 -24.39
C PHE G 75 -12.55 -30.90 -24.81
N THR G 76 -11.97 -29.72 -24.62
CA THR G 76 -12.65 -28.48 -24.97
C THR G 76 -11.73 -27.32 -25.35
N LEU G 77 -12.02 -26.71 -26.48
CA LEU G 77 -11.26 -25.59 -26.97
C LEU G 77 -11.88 -24.34 -26.38
N THR G 78 -11.05 -23.51 -25.76
CA THR G 78 -11.51 -22.26 -25.15
C THR G 78 -11.05 -21.01 -25.88
N ILE G 79 -12.02 -20.24 -26.34
CA ILE G 79 -11.76 -18.99 -27.04
C ILE G 79 -12.35 -17.91 -26.17
N ASN G 80 -11.48 -17.05 -25.63
CA ASN G 80 -11.93 -15.99 -24.75
C ASN G 80 -10.76 -15.04 -24.44
N PRO G 81 -10.94 -13.73 -24.67
CA PRO G 81 -12.15 -13.07 -25.17
C PRO G 81 -12.37 -13.24 -26.68
N VAL G 82 -13.43 -13.93 -27.08
CA VAL G 82 -13.70 -14.12 -28.50
C VAL G 82 -13.42 -12.81 -29.18
N GLU G 83 -12.74 -12.86 -30.32
CA GLU G 83 -12.42 -11.64 -31.03
C GLU G 83 -12.95 -11.60 -32.46
N ALA G 84 -13.43 -10.42 -32.84
CA ALA G 84 -13.99 -10.20 -34.17
C ALA G 84 -13.37 -11.02 -35.29
N ASP G 85 -12.04 -10.99 -35.38
CA ASP G 85 -11.38 -11.73 -36.45
C ASP G 85 -11.24 -13.23 -36.21
N ASP G 86 -11.97 -13.77 -35.24
CA ASP G 86 -11.88 -15.20 -34.95
C ASP G 86 -13.05 -16.00 -35.50
N VAL G 87 -13.85 -15.36 -36.34
CA VAL G 87 -15.01 -16.01 -36.94
C VAL G 87 -14.57 -17.10 -37.88
N ALA G 88 -14.77 -18.36 -37.48
CA ALA G 88 -14.38 -19.47 -38.33
C ALA G 88 -14.94 -20.81 -37.86
N THR G 89 -14.41 -21.90 -38.42
CA THR G 89 -14.82 -23.27 -38.07
C THR G 89 -13.68 -23.93 -37.30
N TYR G 90 -13.99 -24.58 -36.19
CA TYR G 90 -12.94 -25.21 -35.42
C TYR G 90 -12.99 -26.72 -35.37
N TYR G 91 -11.97 -27.35 -35.95
CA TYR G 91 -11.90 -28.82 -35.96
C TYR G 91 -10.86 -29.37 -34.99
N CYS G 92 -11.21 -30.44 -34.30
CA CYS G 92 -10.28 -31.11 -33.39
C CYS G 92 -9.86 -32.33 -34.13
N GLN G 93 -8.80 -32.96 -33.66
CA GLN G 93 -8.31 -34.15 -34.30
C GLN G 93 -7.40 -34.90 -33.35
N GLN G 94 -7.40 -36.22 -33.46
CA GLN G 94 -6.57 -37.02 -32.58
C GLN G 94 -5.54 -37.87 -33.33
N SER G 95 -4.46 -38.23 -32.65
CA SER G 95 -3.42 -39.03 -33.24
C SER G 95 -2.86 -39.95 -32.18
N ASN G 96 -3.75 -40.57 -31.43
CA ASN G 96 -3.32 -41.50 -30.41
C ASN G 96 -3.45 -42.88 -31.00
N GLU G 97 -4.37 -43.01 -31.95
CA GLU G 97 -4.60 -44.27 -32.63
C GLU G 97 -4.82 -44.09 -34.12
N ASP G 98 -4.25 -45.01 -34.90
CA ASP G 98 -4.40 -44.98 -36.34
C ASP G 98 -5.71 -45.66 -36.69
N PRO G 99 -6.44 -45.12 -37.69
CA PRO G 99 -6.08 -43.96 -38.50
C PRO G 99 -6.48 -42.63 -37.87
N TYR G 100 -5.75 -41.59 -38.24
CA TYR G 100 -5.99 -40.25 -37.76
C TYR G 100 -7.43 -39.91 -38.10
N THR G 101 -8.03 -39.01 -37.33
CA THR G 101 -9.39 -38.62 -37.56
C THR G 101 -9.65 -37.25 -37.01
N PHE G 102 -10.54 -36.52 -37.66
CA PHE G 102 -10.87 -35.19 -37.25
C PHE G 102 -12.26 -35.15 -36.69
N GLY G 103 -12.71 -33.94 -36.37
CA GLY G 103 -14.04 -33.74 -35.86
C GLY G 103 -14.88 -33.09 -36.95
N GLY G 104 -16.17 -33.02 -36.71
CA GLY G 104 -17.05 -32.42 -37.68
C GLY G 104 -16.91 -30.90 -37.70
N GLY G 105 -15.96 -30.40 -36.93
CA GLY G 105 -15.75 -28.97 -36.87
C GLY G 105 -16.93 -28.24 -36.28
N THR G 106 -16.75 -26.94 -36.08
CA THR G 106 -17.79 -26.08 -35.53
C THR G 106 -17.65 -24.66 -36.04
N LYS G 107 -18.74 -24.09 -36.56
CA LYS G 107 -18.68 -22.72 -37.04
C LYS G 107 -18.98 -21.76 -35.93
N LEU G 108 -17.99 -20.94 -35.61
CA LEU G 108 -18.12 -19.93 -34.59
C LEU G 108 -18.57 -18.62 -35.23
N GLU G 109 -19.70 -18.08 -34.79
CA GLU G 109 -20.16 -16.81 -35.31
C GLU G 109 -20.27 -15.82 -34.16
N ILE G 110 -20.26 -14.54 -34.50
CA ILE G 110 -20.33 -13.48 -33.51
C ILE G 110 -21.69 -12.80 -33.46
N LYS G 111 -22.09 -12.42 -32.24
CA LYS G 111 -23.36 -11.73 -31.99
C LYS G 111 -23.03 -10.25 -32.04
N ARG G 112 -23.85 -9.50 -32.76
CA ARG G 112 -23.62 -8.08 -32.92
C ARG G 112 -24.94 -7.32 -32.91
N ALA G 113 -24.90 -6.06 -33.31
CA ALA G 113 -26.08 -5.23 -33.38
C ALA G 113 -26.44 -5.04 -34.83
N ASP G 114 -27.73 -5.21 -35.15
CA ASP G 114 -28.25 -5.08 -36.50
C ASP G 114 -27.80 -3.92 -37.35
N ALA G 115 -27.90 -4.11 -38.66
CA ALA G 115 -27.53 -3.09 -39.63
C ALA G 115 -28.21 -3.39 -40.96
N ALA G 116 -29.06 -2.47 -41.42
CA ALA G 116 -29.76 -2.67 -42.67
C ALA G 116 -28.73 -2.77 -43.77
N PRO G 117 -29.00 -3.64 -44.75
CA PRO G 117 -28.14 -3.91 -45.92
C PRO G 117 -28.05 -2.81 -46.98
N THR G 118 -26.82 -2.45 -47.34
CA THR G 118 -26.59 -1.44 -48.35
C THR G 118 -26.82 -2.11 -49.67
N VAL G 119 -27.97 -1.82 -50.26
CA VAL G 119 -28.37 -2.41 -51.53
C VAL G 119 -27.85 -1.66 -52.75
N SER G 120 -27.77 -2.38 -53.87
CA SER G 120 -27.29 -1.85 -55.13
C SER G 120 -27.70 -2.80 -56.26
N ILE G 121 -28.15 -2.21 -57.35
CA ILE G 121 -28.60 -2.95 -58.51
C ILE G 121 -27.92 -2.43 -59.79
N PHE G 122 -27.57 -3.34 -60.69
CA PHE G 122 -26.89 -2.96 -61.91
C PHE G 122 -27.45 -3.64 -63.15
N PRO G 123 -27.55 -2.89 -64.25
CA PRO G 123 -28.06 -3.24 -65.58
C PRO G 123 -27.11 -4.05 -66.45
N PRO G 124 -27.52 -5.28 -66.83
CA PRO G 124 -26.66 -6.10 -67.67
C PRO G 124 -25.93 -5.23 -68.66
N SER G 125 -24.61 -5.27 -68.60
CA SER G 125 -23.77 -4.50 -69.49
C SER G 125 -24.02 -4.86 -70.96
N SER G 126 -23.19 -4.31 -71.85
CA SER G 126 -23.31 -4.56 -73.27
C SER G 126 -23.05 -6.03 -73.69
N GLU G 127 -21.84 -6.54 -73.42
CA GLU G 127 -21.50 -7.89 -73.84
C GLU G 127 -22.29 -9.03 -73.22
N GLN G 128 -22.99 -8.77 -72.12
CA GLN G 128 -23.75 -9.87 -71.55
C GLN G 128 -25.01 -10.14 -72.38
N LEU G 129 -25.47 -9.11 -73.09
CA LEU G 129 -26.64 -9.24 -73.95
C LEU G 129 -26.10 -9.88 -75.22
N THR G 130 -24.90 -9.43 -75.57
CA THR G 130 -24.20 -9.89 -76.73
C THR G 130 -23.83 -11.38 -76.58
N SER G 131 -24.64 -12.12 -75.83
CA SER G 131 -24.43 -13.56 -75.61
C SER G 131 -25.69 -14.38 -75.87
N GLY G 132 -26.86 -13.80 -75.59
CA GLY G 132 -28.11 -14.53 -75.76
C GLY G 132 -28.57 -14.94 -74.37
N GLY G 133 -28.47 -13.97 -73.46
CA GLY G 133 -28.84 -14.16 -72.07
C GLY G 133 -28.76 -12.86 -71.32
N ALA G 134 -29.68 -12.67 -70.37
CA ALA G 134 -29.75 -11.46 -69.56
C ALA G 134 -29.44 -11.74 -68.10
N SER G 135 -28.81 -10.78 -67.42
CA SER G 135 -28.49 -10.94 -66.01
C SER G 135 -28.24 -9.62 -65.30
N VAL G 136 -29.24 -9.18 -64.55
CA VAL G 136 -29.17 -7.95 -63.80
C VAL G 136 -28.63 -8.31 -62.41
N VAL G 137 -27.63 -7.58 -61.94
CA VAL G 137 -27.04 -7.87 -60.65
C VAL G 137 -27.40 -6.86 -59.56
N CYS G 138 -27.71 -7.38 -58.37
CA CYS G 138 -28.07 -6.57 -57.21
C CYS G 138 -27.22 -7.05 -56.04
N PHE G 139 -26.62 -6.11 -55.33
CA PHE G 139 -25.75 -6.46 -54.21
C PHE G 139 -26.30 -6.10 -52.85
N LEU G 140 -26.40 -7.10 -51.98
CA LEU G 140 -26.86 -6.84 -50.63
C LEU G 140 -25.60 -6.93 -49.78
N ASN G 141 -25.07 -5.78 -49.41
CA ASN G 141 -23.86 -5.78 -48.62
C ASN G 141 -24.02 -5.38 -47.19
N ASN G 142 -23.03 -5.80 -46.40
CA ASN G 142 -22.92 -5.53 -44.98
C ASN G 142 -24.26 -5.34 -44.26
N PHE G 143 -24.87 -6.45 -43.86
CA PHE G 143 -26.13 -6.42 -43.13
C PHE G 143 -26.12 -7.47 -42.02
N TYR G 144 -27.21 -7.54 -41.25
CA TYR G 144 -27.28 -8.50 -40.16
C TYR G 144 -28.68 -8.41 -39.55
N PRO G 145 -29.20 -9.53 -39.05
CA PRO G 145 -28.69 -10.90 -38.95
C PRO G 145 -28.54 -11.62 -40.24
N LYS G 146 -28.01 -12.84 -40.16
CA LYS G 146 -27.76 -13.65 -41.34
C LYS G 146 -28.93 -13.77 -42.28
N ASP G 147 -30.05 -14.28 -41.78
CA ASP G 147 -31.21 -14.46 -42.63
C ASP G 147 -31.75 -13.20 -43.29
N ILE G 148 -31.84 -13.24 -44.62
CA ILE G 148 -32.36 -12.11 -45.36
C ILE G 148 -33.22 -12.69 -46.47
N ASN G 149 -33.90 -11.82 -47.21
CA ASN G 149 -34.79 -12.25 -48.27
C ASN G 149 -34.81 -11.30 -49.47
N VAL G 150 -34.45 -11.82 -50.64
CA VAL G 150 -34.44 -11.02 -51.85
C VAL G 150 -35.48 -11.52 -52.84
N LYS G 151 -36.18 -10.56 -53.45
CA LYS G 151 -37.25 -10.81 -54.41
C LYS G 151 -37.05 -9.88 -55.60
N TRP G 152 -36.97 -10.47 -56.79
CA TRP G 152 -36.78 -9.69 -58.01
C TRP G 152 -38.11 -9.27 -58.59
N LYS G 153 -38.37 -7.96 -58.67
CA LYS G 153 -39.61 -7.51 -59.27
C LYS G 153 -39.34 -6.89 -60.62
N ILE G 154 -39.92 -7.51 -61.63
CA ILE G 154 -39.78 -7.07 -63.01
C ILE G 154 -41.18 -6.77 -63.55
N ASP G 155 -41.57 -5.50 -63.42
CA ASP G 155 -42.89 -5.02 -63.83
C ASP G 155 -43.88 -5.54 -62.83
N GLY G 156 -43.69 -5.13 -61.59
CA GLY G 156 -44.56 -5.55 -60.52
C GLY G 156 -44.60 -7.06 -60.36
N SER G 157 -44.13 -7.80 -61.35
CA SER G 157 -44.16 -9.26 -61.25
C SER G 157 -42.94 -9.87 -60.59
N GLU G 158 -43.21 -10.70 -59.59
CA GLU G 158 -42.20 -11.41 -58.82
C GLU G 158 -41.61 -12.51 -59.65
N ARG G 159 -40.33 -12.39 -59.97
CA ARG G 159 -39.62 -13.38 -60.79
C ARG G 159 -39.01 -14.43 -59.87
N GLN G 160 -39.30 -15.70 -60.16
CA GLN G 160 -38.82 -16.84 -59.37
C GLN G 160 -37.72 -17.61 -60.12
N ASN G 161 -37.81 -17.63 -61.45
CA ASN G 161 -36.85 -18.33 -62.31
C ASN G 161 -35.68 -17.43 -62.69
N GLY G 162 -34.46 -17.98 -62.60
CA GLY G 162 -33.26 -17.21 -62.91
C GLY G 162 -32.57 -16.83 -61.62
N VAL G 163 -33.26 -17.08 -60.52
CA VAL G 163 -32.79 -16.84 -59.17
C VAL G 163 -31.51 -17.57 -58.83
N LEU G 164 -30.43 -16.83 -58.68
CA LEU G 164 -29.18 -17.44 -58.34
C LEU G 164 -28.73 -16.82 -57.02
N ASN G 165 -28.57 -17.66 -56.01
CA ASN G 165 -28.19 -17.20 -54.67
C ASN G 165 -26.72 -17.36 -54.36
N SER G 166 -26.26 -16.59 -53.39
CA SER G 166 -24.88 -16.64 -52.97
C SER G 166 -24.75 -15.77 -51.75
N TRP G 167 -24.16 -16.33 -50.70
CA TRP G 167 -23.97 -15.66 -49.43
C TRP G 167 -22.50 -15.68 -49.06
N THR G 168 -22.08 -14.77 -48.18
CA THR G 168 -20.70 -14.74 -47.76
C THR G 168 -20.63 -14.87 -46.27
N ASP G 169 -19.62 -15.60 -45.80
CA ASP G 169 -19.42 -15.83 -44.39
C ASP G 169 -19.30 -14.49 -43.69
N GLN G 170 -19.71 -14.46 -42.42
CA GLN G 170 -19.63 -13.24 -41.63
C GLN G 170 -18.30 -12.58 -41.92
N ASP G 171 -18.31 -11.26 -42.12
CA ASP G 171 -17.08 -10.53 -42.39
C ASP G 171 -16.09 -10.75 -41.22
N SER G 172 -14.95 -10.09 -41.24
CA SER G 172 -13.97 -10.27 -40.18
C SER G 172 -13.75 -9.02 -39.37
N LYS G 173 -14.06 -7.86 -39.93
CA LYS G 173 -13.84 -6.63 -39.19
C LYS G 173 -15.15 -6.14 -38.54
N ASP G 174 -16.18 -5.92 -39.35
CA ASP G 174 -17.44 -5.44 -38.83
C ASP G 174 -18.44 -6.56 -38.59
N SER G 175 -17.97 -7.79 -38.71
CA SER G 175 -18.78 -8.97 -38.48
C SER G 175 -20.23 -8.83 -38.98
N THR G 176 -20.39 -8.64 -40.29
CA THR G 176 -21.71 -8.48 -40.92
C THR G 176 -22.07 -9.71 -41.77
N TYR G 177 -22.79 -9.46 -42.86
CA TYR G 177 -23.21 -10.49 -43.78
C TYR G 177 -23.55 -9.82 -45.09
N SER G 178 -23.35 -10.52 -46.19
CA SER G 178 -23.66 -9.94 -47.48
C SER G 178 -24.10 -11.03 -48.46
N MET G 179 -24.93 -10.61 -49.41
CA MET G 179 -25.46 -11.51 -50.43
C MET G 179 -25.54 -10.81 -51.79
N SER G 180 -25.40 -11.60 -52.84
CA SER G 180 -25.48 -11.10 -54.19
C SER G 180 -26.63 -11.83 -54.82
N SER G 181 -27.25 -11.21 -55.81
CA SER G 181 -28.36 -11.82 -56.51
C SER G 181 -28.22 -11.31 -57.92
N THR G 182 -28.85 -11.98 -58.87
CA THR G 182 -28.76 -11.58 -60.26
C THR G 182 -29.86 -12.24 -61.06
N LEU G 183 -30.62 -11.47 -61.82
CA LEU G 183 -31.69 -12.05 -62.61
C LEU G 183 -31.16 -12.48 -63.96
N THR G 184 -31.00 -13.79 -64.10
CA THR G 184 -30.48 -14.44 -65.32
C THR G 184 -31.59 -14.79 -66.32
N LEU G 185 -31.89 -13.87 -67.25
CA LEU G 185 -32.91 -14.11 -68.28
C LEU G 185 -32.25 -14.32 -69.62
N THR G 186 -33.08 -14.35 -70.65
CA THR G 186 -32.59 -14.48 -72.01
C THR G 186 -32.38 -13.03 -72.41
N LYS G 187 -31.72 -12.79 -73.52
CA LYS G 187 -31.51 -11.42 -73.94
C LYS G 187 -32.84 -10.88 -74.48
N ASP G 188 -33.64 -11.81 -75.00
CA ASP G 188 -34.96 -11.48 -75.57
C ASP G 188 -35.96 -11.16 -74.45
N GLU G 189 -36.06 -12.09 -73.50
CA GLU G 189 -36.96 -11.98 -72.36
C GLU G 189 -36.59 -10.75 -71.52
N TYR G 190 -35.64 -9.98 -72.04
CA TYR G 190 -35.14 -8.76 -71.41
C TYR G 190 -35.74 -7.58 -72.14
N GLU G 191 -36.00 -7.82 -73.40
CA GLU G 191 -36.52 -6.81 -74.25
C GLU G 191 -37.97 -7.13 -74.56
N ARG G 192 -38.66 -7.56 -73.51
CA ARG G 192 -40.08 -7.93 -73.54
C ARG G 192 -40.70 -7.26 -72.32
N HIS G 193 -39.87 -6.51 -71.60
CA HIS G 193 -40.29 -5.79 -70.39
C HIS G 193 -39.50 -4.47 -70.24
N ASN G 194 -39.83 -3.64 -69.24
CA ASN G 194 -39.15 -2.35 -69.06
C ASN G 194 -38.90 -1.77 -67.64
N SER G 195 -39.30 -2.50 -66.60
CA SER G 195 -39.11 -2.05 -65.22
C SER G 195 -38.42 -3.12 -64.38
N TYR G 196 -37.14 -2.89 -64.06
CA TYR G 196 -36.40 -3.89 -63.30
C TYR G 196 -36.18 -3.50 -61.86
N THR G 197 -36.68 -4.35 -60.94
CA THR G 197 -36.54 -4.08 -59.51
C THR G 197 -36.07 -5.20 -58.59
N CYS G 198 -35.25 -4.80 -57.63
CA CYS G 198 -34.64 -5.69 -56.64
C CYS G 198 -35.11 -5.31 -55.23
N GLU G 199 -36.10 -6.03 -54.69
CA GLU G 199 -36.61 -5.74 -53.35
C GLU G 199 -35.95 -6.54 -52.23
N ALA G 200 -35.50 -5.86 -51.19
CA ALA G 200 -34.84 -6.51 -50.08
C ALA G 200 -35.69 -6.60 -48.83
N THR G 201 -35.99 -7.82 -48.41
CA THR G 201 -36.79 -8.07 -47.21
C THR G 201 -35.90 -8.45 -46.01
N HIS G 202 -35.86 -7.61 -44.99
CA HIS G 202 -35.01 -7.87 -43.81
C HIS G 202 -35.60 -7.34 -42.50
N LYS G 203 -35.31 -8.04 -41.40
CA LYS G 203 -35.84 -7.65 -40.10
C LYS G 203 -35.45 -6.26 -39.66
N THR G 204 -34.29 -5.79 -40.11
CA THR G 204 -33.85 -4.46 -39.72
C THR G 204 -34.87 -3.37 -40.07
N SER G 205 -35.89 -3.73 -40.85
CA SER G 205 -36.89 -2.74 -41.23
C SER G 205 -38.21 -3.35 -41.62
N THR G 206 -39.27 -2.56 -41.51
CA THR G 206 -40.60 -3.00 -41.87
C THR G 206 -40.68 -2.93 -43.39
N SER G 207 -40.61 -1.71 -43.91
CA SER G 207 -40.67 -1.46 -45.34
C SER G 207 -39.45 -2.08 -46.00
N PRO G 208 -39.63 -2.88 -47.05
CA PRO G 208 -38.51 -3.51 -47.75
C PRO G 208 -37.70 -2.55 -48.61
N ILE G 209 -36.37 -2.63 -48.52
CA ILE G 209 -35.48 -1.73 -49.27
C ILE G 209 -35.52 -2.06 -50.75
N VAL G 210 -35.95 -1.08 -51.55
CA VAL G 210 -36.06 -1.30 -52.97
C VAL G 210 -35.19 -0.48 -53.90
N LYS G 211 -34.40 -1.19 -54.68
CA LYS G 211 -33.51 -0.60 -55.65
C LYS G 211 -33.87 -1.14 -57.03
N SER G 212 -34.03 -0.25 -58.01
CA SER G 212 -34.41 -0.66 -59.35
C SER G 212 -34.00 0.36 -60.40
N PHE G 213 -34.29 0.03 -61.65
CA PHE G 213 -34.00 0.91 -62.77
C PHE G 213 -34.81 0.35 -63.90
N ASN G 214 -34.96 1.12 -64.96
CA ASN G 214 -35.77 0.67 -66.09
C ASN G 214 -35.12 0.67 -67.45
N ARG G 215 -35.59 -0.27 -68.25
CA ARG G 215 -35.12 -0.47 -69.61
C ARG G 215 -35.70 0.65 -70.47
N ASP H 1 11.19 -18.93 -44.79
CA ASP H 1 10.53 -19.69 -43.69
C ASP H 1 9.83 -20.86 -44.34
N VAL H 2 9.42 -21.82 -43.52
CA VAL H 2 8.73 -23.01 -43.98
C VAL H 2 7.75 -22.82 -45.13
N GLN H 3 8.25 -22.82 -46.35
CA GLN H 3 7.37 -22.66 -47.50
C GLN H 3 6.91 -24.03 -47.94
N LEU H 4 5.66 -24.13 -48.35
CA LEU H 4 5.13 -25.41 -48.82
C LEU H 4 4.13 -25.11 -49.96
N GLN H 5 4.62 -25.22 -51.19
CA GLN H 5 3.83 -24.95 -52.38
C GLN H 5 3.20 -26.20 -52.96
N GLU H 6 2.17 -26.00 -53.76
CA GLU H 6 1.45 -27.10 -54.39
C GLU H 6 1.26 -26.83 -55.88
N SER H 7 0.68 -27.80 -56.58
CA SER H 7 0.44 -27.68 -58.01
C SER H 7 -0.91 -27.07 -58.34
N GLY H 8 -1.04 -26.55 -59.56
CA GLY H 8 -2.26 -25.91 -59.99
C GLY H 8 -3.47 -26.81 -59.99
N THR H 9 -4.65 -26.21 -60.15
CA THR H 9 -5.92 -26.93 -60.17
C THR H 9 -5.89 -28.15 -61.10
N VAL H 10 -6.70 -29.15 -60.79
CA VAL H 10 -6.74 -30.34 -61.61
C VAL H 10 -8.14 -30.63 -62.12
N LEU H 11 -8.21 -31.05 -63.37
CA LEU H 11 -9.47 -31.39 -64.01
C LEU H 11 -9.26 -32.76 -64.63
N ALA H 12 -10.07 -33.72 -64.22
CA ALA H 12 -9.93 -35.07 -64.76
C ALA H 12 -11.26 -35.77 -65.10
N ARG H 13 -11.20 -36.69 -66.06
CA ARG H 13 -12.35 -37.48 -66.52
C ARG H 13 -12.62 -38.67 -65.60
N PRO H 14 -13.89 -39.05 -65.47
CA PRO H 14 -14.29 -40.18 -64.63
C PRO H 14 -13.61 -41.51 -64.95
N GLY H 15 -12.77 -41.97 -64.02
CA GLY H 15 -12.08 -43.24 -64.19
C GLY H 15 -10.61 -43.06 -64.50
N ALA H 16 -10.24 -41.85 -64.90
CA ALA H 16 -8.86 -41.51 -65.24
C ALA H 16 -7.89 -41.69 -64.08
N SER H 17 -6.98 -40.74 -63.95
CA SER H 17 -6.00 -40.80 -62.89
C SER H 17 -5.26 -39.47 -62.84
N VAL H 18 -4.71 -39.14 -61.69
CA VAL H 18 -3.99 -37.89 -61.53
C VAL H 18 -2.92 -38.03 -60.48
N LYS H 19 -1.99 -37.08 -60.50
CA LYS H 19 -0.89 -37.04 -59.53
C LYS H 19 -0.68 -35.57 -59.15
N MET H 20 -0.35 -35.32 -57.89
CA MET H 20 -0.14 -33.96 -57.39
C MET H 20 1.25 -33.84 -56.81
N SER H 21 1.71 -32.60 -56.65
CA SER H 21 3.03 -32.37 -56.09
C SER H 21 2.91 -31.58 -54.79
N CYS H 22 4.06 -31.30 -54.17
CA CYS H 22 4.11 -30.55 -52.93
C CYS H 22 5.56 -30.31 -52.53
N LYS H 23 6.23 -29.42 -53.23
CA LYS H 23 7.62 -29.06 -52.96
C LYS H 23 7.79 -28.52 -51.55
N ALA H 24 8.87 -28.92 -50.90
CA ALA H 24 9.16 -28.43 -49.54
C ALA H 24 10.28 -27.38 -49.63
N SER H 25 10.25 -26.39 -48.74
CA SER H 25 11.25 -25.34 -48.79
C SER H 25 11.43 -24.55 -47.50
N GLY H 26 12.46 -24.88 -46.73
CA GLY H 26 12.72 -24.16 -45.50
C GLY H 26 13.05 -25.05 -44.31
N TYR H 27 12.86 -26.36 -44.49
CA TYR H 27 13.11 -27.34 -43.45
C TYR H 27 13.64 -28.63 -44.05
N SER H 28 14.25 -29.46 -43.21
CA SER H 28 14.79 -30.73 -43.70
C SER H 28 13.68 -31.64 -44.23
N PHE H 29 13.57 -31.71 -45.56
CA PHE H 29 12.55 -32.51 -46.24
C PHE H 29 12.56 -33.96 -45.79
N THR H 30 13.69 -34.40 -45.23
CA THR H 30 13.84 -35.78 -44.78
C THR H 30 13.56 -35.97 -43.30
N SER H 31 13.51 -34.88 -42.56
CA SER H 31 13.28 -34.99 -41.14
C SER H 31 11.80 -34.83 -40.79
N TYR H 32 10.95 -34.71 -41.79
CA TYR H 32 9.53 -34.55 -41.54
C TYR H 32 8.72 -35.55 -42.40
N TRP H 33 7.41 -35.58 -42.24
CA TRP H 33 6.58 -36.43 -43.08
C TRP H 33 6.01 -35.47 -44.11
N MET H 34 4.70 -35.47 -44.25
CA MET H 34 4.01 -34.61 -45.18
C MET H 34 2.79 -35.42 -45.51
N HIS H 35 1.65 -35.06 -44.94
CA HIS H 35 0.43 -35.81 -45.20
C HIS H 35 -0.49 -35.11 -46.20
N TRP H 36 -1.48 -35.84 -46.69
CA TRP H 36 -2.45 -35.29 -47.64
C TRP H 36 -3.82 -35.38 -47.00
N ILE H 37 -4.48 -34.25 -46.85
CA ILE H 37 -5.80 -34.19 -46.24
C ILE H 37 -6.85 -33.93 -47.31
N LYS H 38 -8.02 -34.55 -47.18
CA LYS H 38 -9.09 -34.38 -48.15
C LYS H 38 -10.26 -33.67 -47.50
N GLN H 39 -10.70 -32.56 -48.10
CA GLN H 39 -11.84 -31.77 -47.59
C GLN H 39 -12.94 -31.53 -48.64
N ARG H 40 -14.08 -32.17 -48.45
CA ARG H 40 -15.20 -32.04 -49.37
C ARG H 40 -16.22 -31.09 -48.75
N PRO H 41 -16.87 -30.24 -49.58
CA PRO H 41 -17.88 -29.25 -49.19
C PRO H 41 -18.55 -29.39 -47.81
N GLY H 42 -19.85 -29.69 -47.82
CA GLY H 42 -20.56 -29.86 -46.56
C GLY H 42 -20.09 -31.13 -45.86
N GLN H 43 -18.76 -31.32 -45.88
CA GLN H 43 -18.14 -32.50 -45.30
C GLN H 43 -17.10 -32.21 -44.19
N GLY H 44 -15.87 -31.85 -44.57
CA GLY H 44 -14.89 -31.58 -43.53
C GLY H 44 -13.44 -31.94 -43.81
N LEU H 45 -12.85 -32.74 -42.92
CA LEU H 45 -11.45 -33.14 -43.07
C LEU H 45 -11.17 -34.61 -42.85
N GLU H 46 -10.50 -35.22 -43.83
CA GLU H 46 -10.13 -36.63 -43.76
C GLU H 46 -8.66 -36.77 -44.08
N TRP H 47 -7.93 -37.39 -43.17
CA TRP H 47 -6.51 -37.61 -43.38
C TRP H 47 -6.42 -38.69 -44.45
N ILE H 48 -5.36 -38.67 -45.24
CA ILE H 48 -5.18 -39.69 -46.27
C ILE H 48 -4.01 -40.57 -45.87
N GLY H 49 -2.82 -39.98 -45.86
CA GLY H 49 -1.62 -40.71 -45.52
C GLY H 49 -0.44 -39.79 -45.47
N GLY H 50 0.76 -40.33 -45.25
CA GLY H 50 1.95 -39.50 -45.18
C GLY H 50 3.21 -40.24 -45.59
N VAL H 51 4.23 -39.51 -46.05
CA VAL H 51 5.48 -40.10 -46.48
C VAL H 51 6.71 -39.63 -45.70
N TYR H 52 7.61 -40.56 -45.40
CA TYR H 52 8.86 -40.28 -44.68
C TYR H 52 9.92 -40.28 -45.76
N PRO H 53 10.07 -39.16 -46.47
CA PRO H 53 11.04 -39.00 -47.56
C PRO H 53 12.34 -39.78 -47.35
N GLY H 54 12.86 -39.72 -46.13
CA GLY H 54 14.11 -40.40 -45.81
C GLY H 54 14.05 -41.90 -45.92
N ASP H 55 12.98 -42.48 -45.38
CA ASP H 55 12.80 -43.92 -45.41
C ASP H 55 11.90 -44.28 -46.59
N SER H 56 11.42 -43.24 -47.27
CA SER H 56 10.52 -43.43 -48.40
C SER H 56 9.34 -44.24 -47.88
N HIS H 57 9.30 -44.36 -46.55
CA HIS H 57 8.27 -45.11 -45.86
C HIS H 57 6.90 -44.49 -46.07
N THR H 58 5.85 -45.25 -45.83
CA THR H 58 4.50 -44.72 -46.06
C THR H 58 3.39 -45.24 -45.10
N SER H 59 2.42 -44.39 -44.78
CA SER H 59 1.30 -44.75 -43.89
C SER H 59 0.00 -44.29 -44.52
N TYR H 60 -0.90 -45.22 -44.78
CA TYR H 60 -2.16 -44.87 -45.40
C TYR H 60 -3.34 -45.21 -44.50
N ASN H 61 -4.49 -44.67 -44.87
CA ASN H 61 -5.73 -44.93 -44.17
C ASN H 61 -6.49 -45.88 -45.10
N GLN H 62 -6.77 -47.08 -44.62
CA GLN H 62 -7.45 -48.10 -45.41
C GLN H 62 -8.56 -47.59 -46.35
N LYS H 63 -9.14 -46.44 -46.02
CA LYS H 63 -10.21 -45.88 -46.85
C LYS H 63 -9.68 -45.37 -48.18
N PHE H 64 -8.36 -45.20 -48.24
CA PHE H 64 -7.75 -44.68 -49.45
C PHE H 64 -6.67 -45.57 -50.02
N LYS H 65 -6.25 -46.59 -49.27
CA LYS H 65 -5.18 -47.48 -49.73
C LYS H 65 -5.17 -47.68 -51.24
N GLY H 66 -6.32 -48.04 -51.81
CA GLY H 66 -6.37 -48.25 -53.24
C GLY H 66 -6.72 -47.04 -54.09
N LYS H 67 -6.56 -45.84 -53.55
CA LYS H 67 -6.92 -44.64 -54.30
C LYS H 67 -5.79 -43.64 -54.45
N ALA H 68 -4.95 -43.53 -53.43
CA ALA H 68 -3.84 -42.59 -53.51
C ALA H 68 -2.51 -43.32 -53.34
N LYS H 69 -1.63 -43.14 -54.32
CA LYS H 69 -0.31 -43.76 -54.25
C LYS H 69 0.62 -42.58 -53.97
N LEU H 70 1.31 -42.61 -52.85
CA LEU H 70 2.20 -41.51 -52.50
C LEU H 70 3.64 -41.87 -52.78
N THR H 71 4.39 -40.85 -53.21
CA THR H 71 5.82 -40.97 -53.53
C THR H 71 6.48 -39.67 -53.09
N ALA H 72 7.79 -39.54 -53.33
CA ALA H 72 8.53 -38.32 -52.94
C ALA H 72 10.00 -38.34 -53.35
N VAL H 73 10.42 -37.31 -54.06
CA VAL H 73 11.80 -37.21 -54.50
C VAL H 73 12.59 -36.39 -53.50
N THR H 74 13.50 -37.03 -52.78
CA THR H 74 14.29 -36.29 -51.82
C THR H 74 14.88 -35.11 -52.54
N SER H 75 15.75 -35.39 -53.49
CA SER H 75 16.44 -34.36 -54.28
C SER H 75 15.54 -33.23 -54.76
N ALA H 76 14.37 -33.60 -55.23
CA ALA H 76 13.40 -32.62 -55.71
C ALA H 76 12.73 -31.97 -54.52
N SER H 77 12.78 -32.66 -53.38
CA SER H 77 12.21 -32.16 -52.14
C SER H 77 10.69 -32.09 -52.24
N THR H 78 10.12 -32.99 -53.02
CA THR H 78 8.68 -33.02 -53.22
C THR H 78 8.05 -34.38 -53.02
N ALA H 79 6.88 -34.37 -52.40
CA ALA H 79 6.12 -35.58 -52.13
C ALA H 79 4.99 -35.57 -53.15
N TYR H 80 4.45 -36.74 -53.48
CA TYR H 80 3.39 -36.83 -54.47
C TYR H 80 2.28 -37.73 -54.00
N MET H 81 1.09 -37.52 -54.57
CA MET H 81 -0.09 -38.32 -54.28
C MET H 81 -0.79 -38.53 -55.61
N GLU H 82 -1.01 -39.79 -55.98
CA GLU H 82 -1.66 -40.14 -57.23
C GLU H 82 -3.06 -40.69 -57.05
N LEU H 83 -4.04 -40.03 -57.67
CA LEU H 83 -5.42 -40.46 -57.58
C LEU H 83 -5.80 -41.29 -58.78
N SER H 84 -6.06 -42.58 -58.53
CA SER H 84 -6.40 -43.55 -59.56
C SER H 84 -7.90 -43.69 -59.78
N SER H 85 -8.27 -44.37 -60.86
CA SER H 85 -9.68 -44.61 -61.27
C SER H 85 -10.70 -43.74 -60.56
N LEU H 86 -10.72 -42.48 -60.94
CA LEU H 86 -11.57 -41.46 -60.36
C LEU H 86 -13.07 -41.64 -60.53
N THR H 87 -13.82 -41.04 -59.58
CA THR H 87 -15.28 -41.03 -59.59
C THR H 87 -15.63 -39.57 -59.41
N ASN H 88 -16.87 -39.30 -59.03
CA ASN H 88 -17.34 -37.93 -58.83
C ASN H 88 -17.14 -37.54 -57.37
N GLU H 89 -16.82 -38.52 -56.53
CA GLU H 89 -16.63 -38.32 -55.10
C GLU H 89 -15.25 -37.84 -54.74
N ASP H 90 -14.25 -38.48 -55.33
CA ASP H 90 -12.86 -38.11 -55.07
C ASP H 90 -12.65 -36.64 -55.42
N SER H 91 -13.61 -36.05 -56.10
CA SER H 91 -13.52 -34.63 -56.48
C SER H 91 -13.69 -33.82 -55.21
N ALA H 92 -12.63 -33.11 -54.85
CA ALA H 92 -12.63 -32.28 -53.66
C ALA H 92 -11.28 -31.58 -53.59
N VAL H 93 -11.08 -30.78 -52.56
CA VAL H 93 -9.81 -30.08 -52.42
C VAL H 93 -8.90 -30.95 -51.58
N TYR H 94 -7.67 -31.14 -52.07
CA TYR H 94 -6.70 -31.93 -51.33
C TYR H 94 -5.63 -31.00 -50.84
N TYR H 95 -5.30 -31.13 -49.57
CA TYR H 95 -4.29 -30.30 -48.95
C TYR H 95 -3.09 -31.15 -48.65
N CYS H 96 -1.94 -30.51 -48.62
CA CYS H 96 -0.72 -31.19 -48.31
C CYS H 96 -0.25 -30.46 -47.08
N THR H 97 0.27 -31.20 -46.11
CA THR H 97 0.79 -30.58 -44.90
C THR H 97 1.91 -31.47 -44.41
N ARG H 98 2.95 -30.83 -43.89
CA ARG H 98 4.10 -31.55 -43.37
C ARG H 98 3.74 -32.07 -41.98
N SER H 99 4.49 -33.04 -41.46
CA SER H 99 4.25 -33.61 -40.12
C SER H 99 5.49 -34.12 -39.42
N GLY H 100 5.55 -33.91 -38.12
CA GLY H 100 6.73 -34.31 -37.35
C GLY H 100 7.08 -35.78 -37.38
N PHE H 101 8.36 -36.08 -37.22
CA PHE H 101 8.85 -37.44 -37.17
C PHE H 101 8.55 -38.07 -35.78
N ASP H 102 7.55 -37.51 -35.09
CA ASP H 102 7.14 -37.98 -33.79
C ASP H 102 5.67 -37.60 -33.41
N TYR H 103 5.05 -36.55 -33.97
CA TYR H 103 3.71 -36.19 -33.50
C TYR H 103 2.67 -36.02 -34.60
N GLY H 104 2.09 -34.82 -34.83
CA GLY H 104 1.13 -34.78 -35.96
C GLY H 104 0.27 -33.58 -36.32
N ASN H 105 0.83 -32.48 -36.81
CA ASN H 105 -0.14 -31.36 -37.29
C ASN H 105 0.87 -30.19 -37.26
N GLU H 106 0.92 -29.31 -38.26
CA GLU H 106 1.93 -28.23 -38.25
C GLU H 106 1.81 -27.22 -39.42
N ASP H 107 2.11 -27.69 -40.63
CA ASP H 107 2.03 -26.80 -41.77
C ASP H 107 1.14 -27.26 -42.90
N TRP H 108 0.29 -26.36 -43.35
CA TRP H 108 -0.63 -26.70 -44.43
C TRP H 108 -0.32 -25.96 -45.71
N GLY H 109 -0.59 -26.64 -46.82
CA GLY H 109 -0.35 -26.07 -48.13
C GLY H 109 -1.59 -25.39 -48.68
N GLN H 110 -1.37 -24.45 -49.58
CA GLN H 110 -2.45 -23.70 -50.20
C GLN H 110 -3.60 -24.61 -50.59
N GLY H 111 -3.30 -25.85 -50.91
CA GLY H 111 -4.34 -26.80 -51.29
C GLY H 111 -4.74 -26.71 -52.75
N THR H 112 -4.67 -27.83 -53.45
CA THR H 112 -5.02 -27.86 -54.87
C THR H 112 -6.45 -28.31 -55.12
N THR H 113 -7.29 -27.43 -55.66
CA THR H 113 -8.67 -27.80 -55.91
C THR H 113 -8.70 -28.89 -56.99
N LEU H 114 -9.71 -29.76 -56.92
CA LEU H 114 -9.80 -30.87 -57.85
C LEU H 114 -11.22 -31.19 -58.33
N THR H 115 -11.42 -31.03 -59.64
CA THR H 115 -12.71 -31.31 -60.29
C THR H 115 -12.63 -32.54 -61.18
N VAL H 116 -13.60 -33.45 -61.01
CA VAL H 116 -13.67 -34.71 -61.75
C VAL H 116 -14.90 -34.87 -62.62
N SER H 117 -15.18 -33.91 -63.49
CA SER H 117 -16.36 -33.99 -64.35
C SER H 117 -16.10 -34.57 -65.73
N SER H 118 -16.87 -34.13 -66.70
CA SER H 118 -16.77 -34.58 -68.08
C SER H 118 -17.01 -33.40 -68.98
N ALA H 119 -17.45 -32.29 -68.39
CA ALA H 119 -17.70 -31.09 -69.15
C ALA H 119 -16.34 -30.57 -69.56
N LYS H 120 -16.29 -29.68 -70.55
CA LYS H 120 -15.00 -29.16 -70.98
C LYS H 120 -14.72 -27.78 -70.39
N THR H 121 -13.48 -27.57 -69.96
CA THR H 121 -13.08 -26.30 -69.37
C THR H 121 -13.62 -25.14 -70.17
N THR H 122 -14.40 -24.32 -69.51
CA THR H 122 -14.95 -23.16 -70.19
C THR H 122 -14.41 -21.91 -69.51
N PRO H 123 -13.66 -21.08 -70.26
CA PRO H 123 -13.09 -19.86 -69.71
C PRO H 123 -14.17 -18.93 -69.18
N PRO H 124 -13.83 -18.08 -68.20
CA PRO H 124 -14.81 -17.16 -67.63
C PRO H 124 -15.42 -16.17 -68.64
N SER H 125 -16.03 -15.13 -68.10
CA SER H 125 -16.66 -14.11 -68.90
C SER H 125 -16.81 -12.97 -67.93
N VAL H 126 -15.99 -11.94 -68.10
CA VAL H 126 -16.03 -10.80 -67.19
C VAL H 126 -16.77 -9.60 -67.72
N TYR H 127 -17.75 -9.17 -66.95
CA TYR H 127 -18.55 -8.02 -67.29
C TYR H 127 -18.43 -7.08 -66.11
N PRO H 128 -18.40 -5.78 -66.38
CA PRO H 128 -18.28 -4.73 -65.38
C PRO H 128 -19.62 -4.27 -64.83
N LEU H 129 -19.71 -4.03 -63.52
CA LEU H 129 -20.94 -3.57 -62.92
C LEU H 129 -20.94 -2.08 -62.67
N ALA H 130 -21.69 -1.34 -63.50
CA ALA H 130 -21.77 0.11 -63.40
C ALA H 130 -23.18 0.55 -63.05
N PRO H 131 -23.29 1.60 -62.20
CA PRO H 131 -24.57 2.17 -61.75
C PRO H 131 -25.33 2.93 -62.84
N GLY H 132 -26.55 3.36 -62.50
CA GLY H 132 -27.38 4.10 -63.44
C GLY H 132 -27.33 5.58 -63.11
N SER H 133 -26.13 6.15 -63.24
CA SER H 133 -25.84 7.55 -62.96
C SER H 133 -24.36 7.68 -62.63
N ALA H 134 -23.79 8.88 -62.86
CA ALA H 134 -22.37 9.10 -62.55
C ALA H 134 -22.23 8.81 -61.06
N ALA H 135 -23.38 8.65 -60.42
CA ALA H 135 -23.48 8.34 -58.99
C ALA H 135 -23.25 9.53 -58.08
N GLN H 136 -23.94 10.63 -58.37
CA GLN H 136 -23.88 11.87 -57.59
C GLN H 136 -22.56 12.22 -56.91
N THR H 137 -22.50 13.43 -56.36
CA THR H 137 -21.30 13.90 -55.69
C THR H 137 -21.14 13.44 -54.25
N ASN H 138 -19.89 13.36 -53.80
CA ASN H 138 -19.51 12.95 -52.45
C ASN H 138 -20.16 11.71 -51.85
N SER H 139 -21.22 11.21 -52.44
CA SER H 139 -21.85 10.00 -51.94
C SER H 139 -20.88 8.87 -52.23
N MET H 140 -20.76 7.92 -51.31
CA MET H 140 -19.86 6.80 -51.54
C MET H 140 -20.46 5.89 -52.62
N VAL H 141 -19.60 5.33 -53.49
CA VAL H 141 -20.08 4.46 -54.56
C VAL H 141 -19.56 3.02 -54.51
N THR H 142 -20.41 2.08 -54.90
CA THR H 142 -20.04 0.66 -54.90
C THR H 142 -19.97 0.11 -56.33
N LEU H 143 -18.78 -0.30 -56.75
CA LEU H 143 -18.61 -0.88 -58.09
C LEU H 143 -18.63 -2.40 -58.00
N GLY H 144 -18.95 -3.04 -59.12
CA GLY H 144 -19.00 -4.49 -59.12
C GLY H 144 -18.18 -5.11 -60.22
N CYS H 145 -18.36 -6.41 -60.40
CA CYS H 145 -17.64 -7.15 -61.42
C CYS H 145 -18.30 -8.50 -61.57
N LEU H 146 -18.60 -8.88 -62.80
CA LEU H 146 -19.26 -10.16 -63.02
C LEU H 146 -18.45 -11.21 -63.76
N VAL H 147 -18.35 -12.38 -63.15
CA VAL H 147 -17.63 -13.51 -63.71
C VAL H 147 -18.70 -14.50 -64.13
N LYS H 148 -18.96 -14.59 -65.42
CA LYS H 148 -20.00 -15.46 -65.92
C LYS H 148 -19.58 -16.78 -66.53
N GLY H 149 -20.37 -17.81 -66.25
CA GLY H 149 -20.14 -19.15 -66.75
C GLY H 149 -18.70 -19.55 -67.03
N TYR H 150 -18.05 -20.18 -66.06
CA TYR H 150 -16.66 -20.64 -66.20
C TYR H 150 -16.55 -22.04 -65.59
N PHE H 151 -15.40 -22.71 -65.75
CA PHE H 151 -15.24 -24.05 -65.20
C PHE H 151 -13.86 -24.69 -65.42
N PRO H 152 -13.35 -25.40 -64.42
CA PRO H 152 -14.04 -25.59 -63.14
C PRO H 152 -13.62 -24.43 -62.25
N GLU H 153 -13.64 -24.63 -60.94
CA GLU H 153 -13.22 -23.55 -60.06
C GLU H 153 -11.78 -23.77 -59.72
N PRO H 154 -11.11 -22.78 -59.11
CA PRO H 154 -11.65 -21.47 -58.73
C PRO H 154 -11.44 -20.37 -59.77
N VAL H 155 -11.20 -19.15 -59.28
CA VAL H 155 -10.97 -17.98 -60.13
C VAL H 155 -10.64 -16.75 -59.28
N THR H 156 -9.40 -16.63 -58.83
CA THR H 156 -8.98 -15.49 -58.03
C THR H 156 -9.52 -14.19 -58.59
N VAL H 157 -9.99 -13.31 -57.70
CA VAL H 157 -10.53 -12.00 -58.10
C VAL H 157 -10.10 -10.95 -57.10
N THR H 158 -9.52 -9.86 -57.60
CA THR H 158 -9.05 -8.76 -56.74
C THR H 158 -9.27 -7.45 -57.46
N TRP H 159 -8.97 -6.36 -56.77
CA TRP H 159 -9.12 -5.04 -57.36
C TRP H 159 -7.80 -4.29 -57.32
N ASN H 160 -7.61 -3.41 -58.30
CA ASN H 160 -6.38 -2.63 -58.39
C ASN H 160 -5.16 -3.47 -58.06
N SER H 161 -5.06 -4.63 -58.70
CA SER H 161 -3.93 -5.51 -58.49
C SER H 161 -3.74 -5.84 -57.05
N GLY H 162 -4.78 -5.61 -56.26
CA GLY H 162 -4.69 -5.91 -54.85
C GLY H 162 -4.56 -4.71 -53.93
N SER H 163 -4.48 -3.52 -54.50
CA SER H 163 -4.36 -2.31 -53.68
C SER H 163 -5.63 -2.24 -52.86
N LEU H 164 -6.73 -1.96 -53.55
CA LEU H 164 -8.03 -1.88 -52.91
C LEU H 164 -8.28 -3.24 -52.29
N SER H 165 -8.64 -3.27 -51.02
CA SER H 165 -8.88 -4.53 -50.33
C SER H 165 -9.99 -4.34 -49.33
N SER H 166 -9.94 -3.20 -48.65
CA SER H 166 -10.93 -2.87 -47.65
C SER H 166 -12.21 -2.43 -48.33
N GLY H 167 -13.32 -3.01 -47.90
CA GLY H 167 -14.61 -2.68 -48.48
C GLY H 167 -14.91 -3.50 -49.73
N VAL H 168 -14.40 -4.72 -49.77
CA VAL H 168 -14.57 -5.60 -50.89
C VAL H 168 -15.38 -6.85 -50.53
N HIS H 169 -16.22 -7.30 -51.45
CA HIS H 169 -17.02 -8.49 -51.22
C HIS H 169 -17.00 -9.37 -52.47
N THR H 170 -16.40 -10.53 -52.32
CA THR H 170 -16.28 -11.50 -53.39
C THR H 170 -17.17 -12.70 -53.09
N PHE H 171 -18.33 -12.72 -53.73
CA PHE H 171 -19.32 -13.77 -53.53
C PHE H 171 -18.91 -15.09 -54.16
N PRO H 172 -19.09 -16.18 -53.43
CA PRO H 172 -18.76 -17.55 -53.84
C PRO H 172 -19.45 -18.12 -55.07
N ALA H 173 -19.12 -19.37 -55.36
CA ALA H 173 -19.62 -20.11 -56.52
C ALA H 173 -21.12 -20.36 -56.61
N VAL H 174 -21.53 -20.74 -57.82
CA VAL H 174 -22.92 -21.08 -58.14
C VAL H 174 -22.92 -21.76 -59.52
N LEU H 175 -23.49 -22.96 -59.56
CA LEU H 175 -23.52 -23.74 -60.78
C LEU H 175 -24.52 -23.30 -61.85
N GLN H 176 -24.24 -22.18 -62.50
CA GLN H 176 -25.10 -21.69 -63.57
C GLN H 176 -25.10 -22.80 -64.61
N SER H 177 -26.16 -23.61 -64.62
CA SER H 177 -26.26 -24.72 -65.57
C SER H 177 -25.13 -25.69 -65.20
N ASP H 178 -24.15 -25.82 -66.08
CA ASP H 178 -23.01 -26.69 -65.78
C ASP H 178 -21.77 -25.83 -65.83
N LEU H 179 -22.02 -24.53 -65.73
CA LEU H 179 -21.00 -23.50 -65.70
C LEU H 179 -21.20 -22.83 -64.35
N TYR H 180 -20.23 -22.02 -63.95
CA TYR H 180 -20.31 -21.33 -62.68
C TYR H 180 -20.43 -19.83 -62.90
N THR H 181 -20.79 -19.10 -61.84
CA THR H 181 -20.90 -17.66 -61.94
C THR H 181 -20.53 -16.97 -60.64
N LEU H 182 -19.52 -16.12 -60.71
CA LEU H 182 -19.09 -15.42 -59.53
C LEU H 182 -19.18 -13.93 -59.71
N SER H 183 -19.38 -13.20 -58.61
CA SER H 183 -19.46 -11.76 -58.64
C SER H 183 -18.68 -11.16 -57.49
N SER H 184 -18.22 -9.93 -57.71
CA SER H 184 -17.46 -9.22 -56.72
C SER H 184 -18.00 -7.80 -56.66
N SER H 185 -17.64 -7.08 -55.60
CA SER H 185 -18.11 -5.71 -55.44
C SER H 185 -17.17 -4.95 -54.55
N VAL H 186 -16.89 -3.73 -54.94
CA VAL H 186 -16.01 -2.88 -54.16
C VAL H 186 -16.77 -1.62 -53.84
N THR H 187 -16.55 -1.10 -52.64
CA THR H 187 -17.22 0.11 -52.17
C THR H 187 -16.20 1.22 -52.05
N VAL H 188 -16.43 2.34 -52.70
CA VAL H 188 -15.47 3.43 -52.61
C VAL H 188 -16.03 4.83 -52.54
N PRO H 189 -15.33 5.71 -51.84
CA PRO H 189 -15.76 7.10 -51.70
C PRO H 189 -16.00 7.68 -53.08
N SER H 190 -16.78 8.75 -53.11
CA SER H 190 -17.10 9.42 -54.35
C SER H 190 -15.82 10.04 -54.90
N SER H 191 -14.76 9.97 -54.10
CA SER H 191 -13.47 10.55 -54.45
C SER H 191 -12.53 9.72 -55.32
N PRO H 192 -12.40 8.41 -55.07
CA PRO H 192 -11.51 7.56 -55.89
C PRO H 192 -11.94 7.40 -57.35
N ARG H 193 -13.23 7.16 -57.56
CA ARG H 193 -13.79 6.97 -58.91
C ARG H 193 -14.83 8.07 -59.22
N PRO H 194 -14.91 8.51 -60.48
CA PRO H 194 -14.11 8.04 -61.63
C PRO H 194 -12.75 8.73 -61.81
N SER H 195 -12.35 9.56 -60.86
CA SER H 195 -11.07 10.25 -60.95
C SER H 195 -9.92 9.29 -61.22
N GLU H 196 -9.88 8.20 -60.44
CA GLU H 196 -8.85 7.18 -60.54
C GLU H 196 -9.38 6.00 -61.38
N THR H 197 -8.49 5.14 -61.82
CA THR H 197 -8.83 3.98 -62.64
C THR H 197 -9.26 2.76 -61.82
N VAL H 198 -10.56 2.51 -61.75
CA VAL H 198 -11.06 1.36 -61.00
C VAL H 198 -11.00 0.10 -61.83
N THR H 199 -10.16 -0.84 -61.42
CA THR H 199 -10.01 -2.08 -62.18
C THR H 199 -10.27 -3.35 -61.38
N CYS H 200 -10.97 -4.27 -62.01
CA CYS H 200 -11.30 -5.56 -61.42
C CYS H 200 -10.54 -6.65 -62.15
N ASN H 201 -9.54 -7.21 -61.49
CA ASN H 201 -8.71 -8.26 -62.11
C ASN H 201 -9.19 -9.69 -61.84
N VAL H 202 -9.81 -10.30 -62.82
CA VAL H 202 -10.29 -11.67 -62.66
C VAL H 202 -9.28 -12.63 -63.27
N ALA H 203 -8.95 -13.68 -62.55
CA ALA H 203 -8.00 -14.66 -63.05
C ALA H 203 -8.60 -16.03 -62.89
N HIS H 204 -8.36 -16.90 -63.87
CA HIS H 204 -8.87 -18.26 -63.82
C HIS H 204 -7.74 -19.13 -64.30
N PRO H 205 -6.91 -19.62 -63.36
CA PRO H 205 -5.79 -20.46 -63.73
C PRO H 205 -6.23 -21.60 -64.63
N ALA H 206 -7.19 -22.38 -64.13
CA ALA H 206 -7.71 -23.51 -64.88
C ALA H 206 -7.67 -23.33 -66.38
N SER H 207 -7.87 -22.11 -66.85
CA SER H 207 -7.89 -21.85 -68.29
C SER H 207 -6.81 -20.91 -68.79
N SER H 208 -5.85 -20.58 -67.95
CA SER H 208 -4.76 -19.68 -68.34
C SER H 208 -5.31 -18.32 -68.78
N THR H 209 -6.48 -17.96 -68.24
CA THR H 209 -7.13 -16.69 -68.56
C THR H 209 -6.99 -15.61 -67.50
N LYS H 210 -6.46 -14.45 -67.90
CA LYS H 210 -6.31 -13.33 -66.99
C LYS H 210 -7.08 -12.20 -67.64
N VAL H 211 -7.79 -11.41 -66.85
CA VAL H 211 -8.56 -10.29 -67.37
C VAL H 211 -8.75 -9.20 -66.33
N ASP H 212 -8.47 -7.97 -66.73
CA ASP H 212 -8.62 -6.83 -65.86
C ASP H 212 -9.54 -5.86 -66.56
N LYS H 213 -10.72 -5.65 -65.96
CA LYS H 213 -11.70 -4.75 -66.54
C LYS H 213 -11.82 -3.47 -65.72
N LYS H 214 -11.77 -2.34 -66.41
CA LYS H 214 -11.87 -1.03 -65.79
C LYS H 214 -13.33 -0.79 -65.38
N ILE H 215 -13.67 0.45 -65.04
CA ILE H 215 -15.07 0.75 -64.67
C ILE H 215 -15.64 2.03 -65.31
N ASP I 1 -15.74 45.66 36.62
CA ASP I 1 -15.01 44.39 36.29
C ASP I 1 -15.79 43.70 35.20
N ILE I 2 -15.31 42.53 34.81
CA ILE I 2 -15.98 41.72 33.80
C ILE I 2 -16.67 40.55 34.47
N VAL I 3 -17.83 40.20 33.96
CA VAL I 3 -18.60 39.13 34.55
C VAL I 3 -18.42 37.76 33.90
N LEU I 4 -18.17 36.76 34.75
CA LEU I 4 -17.99 35.38 34.33
C LEU I 4 -19.17 34.62 34.92
N THR I 5 -19.87 33.87 34.07
CA THR I 5 -21.03 33.11 34.52
C THR I 5 -20.96 31.65 34.07
N GLN I 6 -20.97 30.74 35.05
CA GLN I 6 -20.92 29.30 34.80
C GLN I 6 -22.31 28.75 34.41
N SER I 7 -22.50 28.45 33.12
CA SER I 7 -23.76 27.93 32.58
C SER I 7 -24.53 27.03 33.57
N PRO I 8 -24.26 25.71 33.58
CA PRO I 8 -25.03 24.94 34.56
C PRO I 8 -24.14 24.89 35.80
N SER I 9 -24.71 24.94 36.99
CA SER I 9 -23.86 24.90 38.18
C SER I 9 -23.51 23.46 38.60
N SER I 10 -24.45 22.54 38.41
CA SER I 10 -24.20 21.13 38.74
C SER I 10 -24.03 20.43 37.40
N LEU I 11 -23.13 19.45 37.33
CA LEU I 11 -22.89 18.77 36.07
C LEU I 11 -22.60 17.27 36.21
N ALA I 12 -23.53 16.45 35.76
CA ALA I 12 -23.35 15.01 35.83
C ALA I 12 -23.33 14.36 34.46
N VAL I 13 -22.52 13.31 34.33
CA VAL I 13 -22.40 12.58 33.09
C VAL I 13 -21.74 11.24 33.38
N SER I 14 -21.97 10.25 32.53
CA SER I 14 -21.41 8.91 32.72
C SER I 14 -19.92 8.81 32.44
N LEU I 15 -19.25 7.95 33.18
CA LEU I 15 -17.83 7.75 33.03
C LEU I 15 -17.61 7.32 31.58
N GLY I 16 -16.74 8.04 30.87
CA GLY I 16 -16.48 7.69 29.49
C GLY I 16 -17.12 8.57 28.44
N GLN I 17 -17.99 9.48 28.87
CA GLN I 17 -18.63 10.38 27.92
C GLN I 17 -18.00 11.77 28.02
N ARG I 18 -18.52 12.75 27.29
CA ARG I 18 -17.94 14.09 27.33
C ARG I 18 -18.64 15.10 28.23
N ALA I 19 -17.89 16.12 28.64
CA ALA I 19 -18.39 17.19 29.48
C ALA I 19 -18.38 18.45 28.63
N THR I 20 -19.15 19.44 29.03
CA THR I 20 -19.19 20.67 28.28
C THR I 20 -19.48 21.84 29.19
N ILE I 21 -18.47 22.17 29.98
CA ILE I 21 -18.54 23.25 30.93
C ILE I 21 -18.44 24.60 30.20
N SER I 22 -19.33 25.53 30.52
CA SER I 22 -19.34 26.85 29.88
C SER I 22 -18.80 27.99 30.74
N CYS I 23 -18.72 29.18 30.13
CA CYS I 23 -18.23 30.37 30.79
C CYS I 23 -18.35 31.55 29.83
N ARG I 24 -19.45 32.29 29.93
CA ARG I 24 -19.69 33.46 29.08
C ARG I 24 -19.15 34.69 29.81
N ALA I 25 -18.95 35.79 29.09
CA ALA I 25 -18.41 36.99 29.71
C ALA I 25 -19.21 38.28 29.51
N SER I 26 -19.17 39.14 30.51
CA SER I 26 -19.88 40.41 30.44
C SER I 26 -19.21 41.21 29.34
N GLU I 27 -17.90 41.21 29.32
CA GLU I 27 -17.16 41.92 28.28
C GLU I 27 -16.44 40.89 27.41
N SER I 28 -15.68 41.36 26.43
CA SER I 28 -14.92 40.45 25.58
C SER I 28 -13.63 40.16 26.31
N VAL I 29 -13.14 38.92 26.23
CA VAL I 29 -11.89 38.56 26.93
C VAL I 29 -10.73 38.50 25.95
N ASP I 30 -11.03 38.68 24.68
CA ASP I 30 -10.03 38.64 23.62
C ASP I 30 -9.41 40.00 23.31
N SER I 31 -8.12 39.99 22.99
CA SER I 31 -7.41 41.22 22.73
C SER I 31 -6.25 41.00 21.76
N TYR I 32 -5.78 42.09 21.15
CA TYR I 32 -4.66 42.08 20.20
C TYR I 32 -4.48 40.79 19.38
N GLY I 33 -5.51 39.97 19.28
CA GLY I 33 -5.39 38.75 18.50
C GLY I 33 -5.37 37.43 19.26
N ASN I 34 -5.74 37.45 20.54
CA ASN I 34 -5.79 36.23 21.35
C ASN I 34 -7.02 36.13 22.21
N SER I 35 -6.92 35.33 23.29
CA SER I 35 -8.01 35.12 24.24
C SER I 35 -7.46 34.78 25.63
N PHE I 36 -7.69 35.64 26.60
CA PHE I 36 -7.17 35.38 27.92
C PHE I 36 -8.13 34.66 28.86
N MET I 37 -8.49 33.43 28.52
CA MET I 37 -9.39 32.64 29.38
C MET I 37 -8.62 31.47 29.98
N HIS I 38 -8.98 31.07 31.18
CA HIS I 38 -8.26 29.98 31.87
C HIS I 38 -9.13 29.02 32.67
N TRP I 39 -8.73 27.75 32.72
CA TRP I 39 -9.48 26.72 33.43
C TRP I 39 -8.73 26.04 34.57
N TYR I 40 -9.43 25.88 35.69
CA TYR I 40 -8.86 25.27 36.88
C TYR I 40 -9.66 24.08 37.41
N GLN I 41 -8.98 23.09 37.98
CA GLN I 41 -9.63 21.91 38.54
C GLN I 41 -9.44 21.97 40.05
N GLN I 42 -10.51 22.25 40.80
CA GLN I 42 -10.40 22.31 42.26
C GLN I 42 -11.10 21.13 42.96
N LYS I 43 -10.32 20.12 43.31
CA LYS I 43 -10.85 18.92 43.97
C LYS I 43 -11.07 19.16 45.48
N PRO I 44 -11.82 18.26 46.13
CA PRO I 44 -12.12 18.34 47.57
C PRO I 44 -10.88 18.58 48.45
N GLY I 45 -11.06 19.35 49.52
CA GLY I 45 -9.98 19.65 50.44
C GLY I 45 -8.62 19.98 49.85
N GLN I 46 -8.59 20.81 48.80
CA GLN I 46 -7.35 21.20 48.15
C GLN I 46 -7.52 22.52 47.40
N PRO I 47 -6.41 23.09 46.86
CA PRO I 47 -6.44 24.35 46.12
C PRO I 47 -6.58 24.07 44.63
N PRO I 48 -6.91 25.11 43.85
CA PRO I 48 -7.09 25.03 42.40
C PRO I 48 -5.92 24.39 41.66
N LYS I 49 -6.20 23.80 40.49
CA LYS I 49 -5.18 23.18 39.67
C LYS I 49 -5.33 23.72 38.26
N LEU I 50 -4.29 24.36 37.74
CA LEU I 50 -4.36 24.92 36.40
C LEU I 50 -4.46 23.83 35.36
N LEU I 51 -5.35 24.03 34.39
CA LEU I 51 -5.59 23.08 33.33
C LEU I 51 -5.28 23.66 31.98
N ILE I 52 -5.98 24.73 31.63
CA ILE I 52 -5.79 25.39 30.35
C ILE I 52 -5.50 26.86 30.41
N TYR I 53 -4.39 27.25 29.81
CA TYR I 53 -4.02 28.65 29.79
C TYR I 53 -4.31 29.26 28.43
N ARG I 54 -5.04 30.37 28.47
CA ARG I 54 -5.43 31.10 27.27
C ARG I 54 -6.41 30.28 26.46
N ALA I 55 -7.55 30.01 27.07
CA ALA I 55 -8.64 29.23 26.47
C ALA I 55 -8.29 28.38 25.25
N SER I 56 -7.25 27.56 25.34
CA SER I 56 -6.87 26.70 24.22
C SER I 56 -5.53 25.99 24.41
N ASN I 57 -4.56 26.67 25.02
CA ASN I 57 -3.23 26.10 25.23
C ASN I 57 -3.19 25.26 26.48
N LEU I 58 -2.98 23.95 26.29
CA LEU I 58 -2.95 23.00 27.39
C LEU I 58 -1.74 23.09 28.27
N GLU I 59 -1.93 22.74 29.53
CA GLU I 59 -0.85 22.78 30.50
C GLU I 59 -0.11 21.45 30.59
N SER I 60 1.22 21.54 30.64
CA SER I 60 2.07 20.37 30.73
C SER I 60 1.81 19.68 32.06
N GLY I 61 1.11 18.56 31.98
CA GLY I 61 0.78 17.79 33.16
C GLY I 61 -0.65 17.30 33.01
N ILE I 62 -1.45 18.07 32.28
CA ILE I 62 -2.85 17.74 32.03
C ILE I 62 -3.00 16.90 30.78
N PRO I 63 -3.80 15.83 30.87
CA PRO I 63 -4.06 14.91 29.76
C PRO I 63 -4.97 15.44 28.66
N ALA I 64 -4.95 14.76 27.53
CA ALA I 64 -5.73 15.14 26.36
C ALA I 64 -7.20 15.27 26.67
N ARG I 65 -7.65 14.59 27.71
CA ARG I 65 -9.06 14.65 28.06
C ARG I 65 -9.57 16.07 27.87
N PHE I 66 -8.90 17.01 28.52
CA PHE I 66 -9.28 18.41 28.44
C PHE I 66 -8.98 19.08 27.14
N SER I 67 -9.58 20.26 26.95
CA SER I 67 -9.40 21.05 25.76
C SER I 67 -10.37 22.21 25.79
N GLY I 68 -9.90 23.40 25.45
CA GLY I 68 -10.77 24.56 25.48
C GLY I 68 -11.03 25.19 24.13
N SER I 69 -11.95 26.15 24.11
CA SER I 69 -12.32 26.85 22.88
C SER I 69 -13.13 28.11 23.18
N GLY I 70 -13.29 28.95 22.16
CA GLY I 70 -14.06 30.18 22.33
C GLY I 70 -13.49 31.44 21.68
N SER I 71 -13.97 32.58 22.15
CA SER I 71 -13.54 33.87 21.64
C SER I 71 -14.57 34.89 22.09
N ARG I 72 -14.34 36.16 21.80
CA ARG I 72 -15.29 37.19 22.18
C ARG I 72 -15.70 36.93 23.62
N THR I 73 -16.93 36.45 23.84
CA THR I 73 -17.41 36.18 25.20
C THR I 73 -18.00 34.78 25.42
N ASP I 74 -17.61 33.83 24.59
CA ASP I 74 -18.11 32.46 24.73
C ASP I 74 -16.95 31.45 24.69
N PHE I 75 -16.72 30.75 25.80
CA PHE I 75 -15.67 29.73 25.86
C PHE I 75 -16.23 28.47 26.49
N THR I 76 -15.55 27.34 26.28
CA THR I 76 -16.00 26.09 26.86
C THR I 76 -14.88 25.09 27.16
N LEU I 77 -14.91 24.56 28.38
CA LEU I 77 -13.95 23.57 28.80
C LEU I 77 -14.48 22.21 28.43
N THR I 78 -13.69 21.42 27.72
CA THR I 78 -14.11 20.11 27.30
C THR I 78 -13.40 18.99 28.04
N ILE I 79 -14.17 18.14 28.70
CA ILE I 79 -13.64 17.01 29.43
C ILE I 79 -14.22 15.78 28.76
N ASN I 80 -13.34 14.96 28.18
CA ASN I 80 -13.78 13.78 27.46
C ASN I 80 -12.56 12.96 27.04
N PRO I 81 -12.55 11.66 27.37
CA PRO I 81 -13.59 10.94 28.10
C PRO I 81 -13.57 11.21 29.60
N VAL I 82 -14.63 11.81 30.12
CA VAL I 82 -14.72 12.08 31.55
C VAL I 82 -14.16 10.89 32.29
N GLU I 83 -13.33 11.13 33.29
CA GLU I 83 -12.73 10.01 34.03
C GLU I 83 -13.06 10.07 35.51
N ALA I 84 -13.33 8.88 36.06
CA ALA I 84 -13.66 8.73 37.48
C ALA I 84 -12.95 9.73 38.41
N ASP I 85 -11.63 9.85 38.29
CA ASP I 85 -10.89 10.75 39.16
C ASP I 85 -10.99 12.22 38.78
N ASP I 86 -11.93 12.58 37.92
CA ASP I 86 -12.03 13.96 37.53
C ASP I 86 -13.20 14.68 38.19
N VAL I 87 -13.75 14.04 39.20
CA VAL I 87 -14.87 14.61 39.92
C VAL I 87 -14.45 15.83 40.69
N ALA I 88 -14.85 17.00 40.21
CA ALA I 88 -14.49 18.25 40.89
C ALA I 88 -15.31 19.46 40.42
N THR I 89 -14.81 20.64 40.79
CA THR I 89 -15.43 21.91 40.45
C THR I 89 -14.53 22.60 39.44
N TYR I 90 -15.11 23.14 38.37
CA TYR I 90 -14.27 23.79 37.37
C TYR I 90 -14.52 25.27 37.23
N TYR I 91 -13.52 26.07 37.60
CA TYR I 91 -13.63 27.52 37.49
C TYR I 91 -12.83 28.12 36.33
N CYS I 92 -13.44 29.09 35.66
CA CYS I 92 -12.76 29.77 34.57
C CYS I 92 -12.37 31.10 35.12
N GLN I 93 -11.49 31.79 34.42
CA GLN I 93 -11.05 33.08 34.90
C GLN I 93 -10.41 33.83 33.74
N GLN I 94 -10.52 35.14 33.75
CA GLN I 94 -9.95 35.93 32.67
C GLN I 94 -8.93 36.94 33.16
N SER I 95 -8.03 37.34 32.29
CA SER I 95 -7.00 38.30 32.62
C SER I 95 -6.72 39.19 31.43
N ASN I 96 -7.78 39.65 30.80
CA ASN I 96 -7.61 40.53 29.66
C ASN I 96 -7.85 41.95 30.17
N GLU I 97 -8.62 42.04 31.24
CA GLU I 97 -8.92 43.33 31.84
C GLU I 97 -8.88 43.27 33.38
N ASP I 98 -8.30 44.30 33.96
CA ASP I 98 -8.19 44.43 35.41
C ASP I 98 -9.56 44.94 35.90
N PRO I 99 -10.04 44.42 37.03
CA PRO I 99 -9.46 43.37 37.86
C PRO I 99 -9.77 41.95 37.40
N TYR I 100 -8.85 41.05 37.71
CA TYR I 100 -8.98 39.65 37.37
C TYR I 100 -10.29 39.21 37.98
N THR I 101 -10.88 38.18 37.39
CA THR I 101 -12.15 37.68 37.85
C THR I 101 -12.32 36.24 37.47
N PHE I 102 -12.99 35.49 38.32
CA PHE I 102 -13.20 34.09 38.08
C PHE I 102 -14.66 33.81 37.76
N GLY I 103 -14.97 32.52 37.60
CA GLY I 103 -16.33 32.12 37.33
C GLY I 103 -16.92 31.51 38.58
N GLY I 104 -18.22 31.29 38.58
CA GLY I 104 -18.87 30.70 39.74
C GLY I 104 -18.53 29.23 39.86
N GLY I 105 -17.66 28.76 38.98
CA GLY I 105 -17.26 27.36 39.00
C GLY I 105 -18.42 26.43 38.68
N THR I 106 -18.11 25.15 38.55
CA THR I 106 -19.11 24.14 38.24
C THR I 106 -18.70 22.79 38.82
N LYS I 107 -19.63 22.16 39.56
CA LYS I 107 -19.33 20.85 40.14
C LYS I 107 -19.68 19.74 39.19
N LEU I 108 -18.64 19.03 38.77
CA LEU I 108 -18.81 17.95 37.85
C LEU I 108 -18.98 16.67 38.65
N GLU I 109 -20.07 15.95 38.40
CA GLU I 109 -20.29 14.68 39.08
C GLU I 109 -20.44 13.58 38.03
N ILE I 110 -20.23 12.35 38.48
CA ILE I 110 -20.33 11.21 37.59
C ILE I 110 -21.59 10.38 37.84
N LYS I 111 -22.11 9.83 36.73
CA LYS I 111 -23.28 8.98 36.74
C LYS I 111 -22.77 7.55 36.84
N ARG I 112 -23.39 6.78 37.72
CA ARG I 112 -22.98 5.40 37.95
C ARG I 112 -24.21 4.53 38.22
N ALA I 113 -23.95 3.32 38.72
CA ALA I 113 -24.98 2.36 39.07
C ALA I 113 -25.08 2.24 40.59
N ASP I 114 -26.30 2.36 41.10
CA ASP I 114 -26.59 2.31 42.54
C ASP I 114 -25.83 1.28 43.38
N ALA I 115 -25.77 1.55 44.69
CA ALA I 115 -25.09 0.68 45.64
C ALA I 115 -25.58 1.01 47.03
N ALA I 116 -26.24 0.05 47.66
CA ALA I 116 -26.76 0.25 49.01
C ALA I 116 -25.61 0.63 49.92
N PRO I 117 -25.85 1.54 50.89
CA PRO I 117 -24.85 2.00 51.83
C PRO I 117 -24.46 1.01 52.93
N THR I 118 -23.15 0.87 53.13
CA THR I 118 -22.62 0.00 54.17
C THR I 118 -22.74 0.76 55.46
N VAL I 119 -23.74 0.38 56.25
CA VAL I 119 -24.02 1.02 57.52
C VAL I 119 -23.20 0.47 58.69
N SER I 120 -23.04 1.32 59.70
CA SER I 120 -22.30 0.96 60.89
C SER I 120 -22.65 1.95 62.00
N ILE I 121 -22.85 1.42 63.21
CA ILE I 121 -23.19 2.23 64.38
C ILE I 121 -22.26 1.90 65.54
N PHE I 122 -21.94 2.92 66.33
CA PHE I 122 -21.03 2.74 67.47
C PHE I 122 -21.47 3.47 68.73
N PRO I 123 -21.30 2.80 69.87
CA PRO I 123 -21.62 3.21 71.25
C PRO I 123 -20.67 4.22 71.86
N PRO I 124 -21.18 5.42 72.21
CA PRO I 124 -20.31 6.43 72.82
C PRO I 124 -19.33 5.73 73.75
N SER I 125 -18.04 5.91 73.47
CA SER I 125 -16.98 5.31 74.27
C SER I 125 -17.04 5.81 75.72
N SER I 126 -16.01 5.43 76.47
CA SER I 126 -15.89 5.81 77.87
C SER I 126 -15.82 7.32 78.15
N GLU I 127 -14.73 7.96 77.69
CA GLU I 127 -14.50 9.37 77.96
C GLU I 127 -15.50 10.35 77.38
N GLN I 128 -16.34 9.92 76.45
CA GLN I 128 -17.30 10.85 75.90
C GLN I 128 -18.45 11.08 76.89
N LEU I 129 -18.69 10.07 77.72
CA LEU I 129 -19.74 10.17 78.74
C LEU I 129 -19.07 10.95 79.86
N THR I 130 -17.76 10.70 80.01
CA THR I 130 -16.92 11.33 81.02
C THR I 130 -16.77 12.84 80.71
N SER I 131 -17.78 13.40 80.04
CA SER I 131 -17.82 14.82 79.65
C SER I 131 -19.12 15.52 80.08
N GLY I 132 -20.23 14.79 80.06
CA GLY I 132 -21.51 15.38 80.40
C GLY I 132 -22.21 15.59 79.07
N GLY I 133 -22.13 14.55 78.24
CA GLY I 133 -22.74 14.57 76.93
C GLY I 133 -22.64 13.20 76.28
N ALA I 134 -23.68 12.83 75.51
CA ALA I 134 -23.75 11.55 74.81
C ALA I 134 -23.68 11.75 73.28
N SER I 135 -23.08 10.79 72.58
CA SER I 135 -22.99 10.86 71.13
C SER I 135 -22.66 9.51 70.50
N VAL I 136 -23.70 8.87 69.96
CA VAL I 136 -23.56 7.59 69.30
C VAL I 136 -23.32 7.88 67.82
N VAL I 137 -22.32 7.22 67.24
CA VAL I 137 -21.99 7.43 65.84
C VAL I 137 -22.37 6.30 64.90
N CYS I 138 -22.92 6.68 63.75
CA CYS I 138 -23.36 5.74 62.71
C CYS I 138 -22.74 6.20 61.41
N PHE I 139 -22.16 5.26 60.67
CA PHE I 139 -21.52 5.60 59.41
C PHE I 139 -22.23 5.08 58.19
N LEU I 140 -22.56 5.98 57.29
CA LEU I 140 -23.20 5.57 56.06
C LEU I 140 -22.13 5.71 55.00
N ASN I 141 -21.53 4.59 54.62
CA ASN I 141 -20.48 4.64 53.64
C ASN I 141 -20.83 4.10 52.27
N ASN I 142 -20.02 4.55 51.32
CA ASN I 142 -20.09 4.14 49.95
C ASN I 142 -21.48 3.73 49.49
N PHE I 143 -22.28 4.72 49.09
CA PHE I 143 -23.63 4.48 48.60
C PHE I 143 -23.92 5.40 47.42
N TYR I 144 -25.12 5.31 46.85
CA TYR I 144 -25.48 6.12 45.69
C TYR I 144 -26.91 5.81 45.37
N PRO I 145 -27.68 6.80 44.87
CA PRO I 145 -27.32 8.19 44.60
C PRO I 145 -27.06 9.05 45.81
N LYS I 146 -26.72 10.31 45.52
CA LYS I 146 -26.38 11.29 46.53
C LYS I 146 -27.42 11.33 47.65
N ASP I 147 -28.65 11.68 47.30
CA ASP I 147 -29.71 11.78 48.29
C ASP I 147 -29.97 10.54 49.13
N ILE I 148 -29.85 10.70 50.44
CA ILE I 148 -30.08 9.60 51.36
C ILE I 148 -30.82 10.19 52.55
N ASN I 149 -31.28 9.33 53.46
CA ASN I 149 -32.04 9.77 54.62
C ASN I 149 -31.74 8.95 55.88
N VAL I 150 -31.28 9.61 56.94
CA VAL I 150 -31.00 8.91 58.20
C VAL I 150 -31.93 9.39 59.29
N LYS I 151 -32.37 8.42 60.09
CA LYS I 151 -33.30 8.64 61.19
C LYS I 151 -32.80 7.83 62.40
N TRP I 152 -32.60 8.53 63.51
CA TRP I 152 -32.13 7.90 64.73
C TRP I 152 -33.30 7.39 65.54
N LYS I 153 -33.39 6.09 65.76
CA LYS I 153 -34.47 5.56 66.58
C LYS I 153 -33.92 5.11 67.94
N ILE I 154 -34.41 5.75 68.97
CA ILE I 154 -34.00 5.48 70.33
C ILE I 154 -35.25 5.05 71.09
N ASP I 155 -35.46 3.74 71.15
CA ASP I 155 -36.62 3.17 71.82
C ASP I 155 -37.82 3.47 70.96
N GLY I 156 -37.76 2.98 69.74
CA GLY I 156 -38.85 3.18 68.81
C GLY I 156 -39.14 4.65 68.55
N SER I 157 -38.58 5.53 69.37
CA SER I 157 -38.81 6.97 69.20
C SER I 157 -37.79 7.67 68.29
N GLU I 158 -38.31 8.32 67.25
CA GLU I 158 -37.52 9.07 66.26
C GLU I 158 -36.97 10.33 66.92
N ARG I 159 -35.65 10.38 67.04
CA ARG I 159 -34.96 11.52 67.64
C ARG I 159 -34.62 12.55 66.55
N GLN I 160 -35.05 13.80 66.79
CA GLN I 160 -34.84 14.92 65.87
C GLN I 160 -33.72 15.84 66.35
N ASN I 161 -33.62 15.97 67.68
CA ASN I 161 -32.64 16.83 68.36
C ASN I 161 -31.32 16.10 68.61
N GLY I 162 -30.22 16.77 68.28
CA GLY I 162 -28.89 16.20 68.45
C GLY I 162 -28.37 15.84 67.06
N VAL I 163 -29.27 15.92 66.07
CA VAL I 163 -28.95 15.58 64.69
C VAL I 163 -27.85 16.44 64.06
N LEU I 164 -26.71 15.80 63.84
CA LEU I 164 -25.56 16.44 63.23
C LEU I 164 -25.31 15.73 61.89
N ASN I 165 -25.40 16.50 60.81
CA ASN I 165 -25.23 15.99 59.44
C ASN I 165 -23.84 16.28 58.88
N SER I 166 -23.42 15.47 57.93
CA SER I 166 -22.14 15.64 57.27
C SER I 166 -22.12 14.66 56.09
N TRP I 167 -21.79 15.18 54.92
CA TRP I 167 -21.73 14.41 53.68
C TRP I 167 -20.33 14.54 53.14
N THR I 168 -19.95 13.62 52.25
CA THR I 168 -18.63 13.69 51.64
C THR I 168 -18.79 13.70 50.13
N ASP I 169 -18.01 14.53 49.46
CA ASP I 169 -18.09 14.63 48.01
C ASP I 169 -17.91 13.26 47.40
N GLN I 170 -18.47 13.07 46.22
CA GLN I 170 -18.36 11.79 45.52
C GLN I 170 -16.91 11.32 45.59
N ASP I 171 -16.72 10.04 45.92
CA ASP I 171 -15.38 9.48 46.02
C ASP I 171 -14.64 9.71 44.69
N SER I 172 -13.43 9.20 44.59
CA SER I 172 -12.66 9.38 43.36
C SER I 172 -12.41 8.08 42.62
N LYS I 173 -12.50 6.97 43.32
CA LYS I 173 -12.27 5.68 42.68
C LYS I 173 -13.57 4.99 42.28
N ASP I 174 -14.43 4.72 43.26
CA ASP I 174 -15.70 4.04 42.99
C ASP I 174 -16.85 5.02 42.83
N SER I 175 -16.51 6.29 42.77
CA SER I 175 -17.51 7.34 42.56
C SER I 175 -18.82 7.08 43.34
N THR I 176 -18.71 7.01 44.66
CA THR I 176 -19.86 6.78 45.53
C THR I 176 -20.23 8.02 46.33
N TYR I 177 -20.73 7.81 47.53
CA TYR I 177 -21.12 8.88 48.44
C TYR I 177 -21.17 8.31 49.84
N SER I 178 -20.91 9.14 50.83
CA SER I 178 -20.93 8.69 52.20
C SER I 178 -21.36 9.79 53.15
N MET I 179 -21.96 9.37 54.25
CA MET I 179 -22.46 10.27 55.29
C MET I 179 -22.22 9.67 56.66
N SER I 180 -22.05 10.55 57.63
CA SER I 180 -21.87 10.15 59.02
C SER I 180 -22.98 10.82 59.77
N SER I 181 -23.37 10.22 60.89
CA SER I 181 -24.42 10.78 61.71
C SER I 181 -24.00 10.43 63.11
N THR I 182 -24.54 11.12 64.10
CA THR I 182 -24.18 10.86 65.50
C THR I 182 -25.21 11.48 66.40
N LEU I 183 -25.74 10.70 67.33
CA LEU I 183 -26.75 11.23 68.23
C LEU I 183 -26.09 11.88 69.44
N THR I 184 -26.08 13.22 69.44
CA THR I 184 -25.46 14.00 70.51
C THR I 184 -26.42 14.34 71.66
N LEU I 185 -26.46 13.49 72.69
CA LEU I 185 -27.32 13.72 73.84
C LEU I 185 -26.48 14.11 75.05
N THR I 186 -27.13 14.15 76.20
CA THR I 186 -26.48 14.46 77.46
C THR I 186 -26.01 13.09 77.89
N LYS I 187 -25.15 13.03 78.90
CA LYS I 187 -24.71 11.73 79.37
C LYS I 187 -25.88 11.12 80.16
N ASP I 188 -26.68 11.99 80.77
CA ASP I 188 -27.85 11.61 81.57
C ASP I 188 -28.95 11.07 80.68
N GLU I 189 -29.31 11.87 79.67
CA GLU I 189 -30.37 11.55 78.68
C GLU I 189 -30.00 10.29 77.90
N TYR I 190 -28.88 9.68 78.30
CA TYR I 190 -28.33 8.44 77.71
C TYR I 190 -28.65 7.29 78.63
N GLU I 191 -28.71 7.62 79.90
CA GLU I 191 -28.99 6.67 80.94
C GLU I 191 -30.44 6.84 81.43
N ARG I 192 -31.32 7.09 80.46
CA ARG I 192 -32.75 7.31 80.69
C ARG I 192 -33.47 6.45 79.62
N HIS I 193 -32.66 5.73 78.83
CA HIS I 193 -33.17 4.85 77.77
C HIS I 193 -32.25 3.61 77.60
N ASN I 194 -32.61 2.66 76.73
CA ASN I 194 -31.80 1.44 76.55
C ASN I 194 -31.75 0.75 75.16
N SER I 195 -32.39 1.35 74.16
CA SER I 195 -32.41 0.78 72.80
C SER I 195 -31.98 1.85 71.77
N TYR I 196 -30.75 1.73 71.28
CA TYR I 196 -30.23 2.70 70.34
C TYR I 196 -30.17 2.23 68.89
N THR I 197 -30.88 2.94 68.01
CA THR I 197 -30.95 2.58 66.59
C THR I 197 -30.77 3.65 65.51
N CYS I 198 -30.06 3.26 64.46
CA CYS I 198 -29.73 4.09 63.31
C CYS I 198 -30.39 3.54 62.05
N GLU I 199 -31.54 4.08 61.66
CA GLU I 199 -32.24 3.60 60.46
C GLU I 199 -31.83 4.36 59.20
N ALA I 200 -31.49 3.62 58.13
CA ALA I 200 -31.09 4.24 56.87
C ALA I 200 -32.14 4.11 55.75
N THR I 201 -32.65 5.25 55.29
CA THR I 201 -33.64 5.29 54.21
C THR I 201 -32.98 5.65 52.89
N HIS I 202 -32.99 4.72 51.94
CA HIS I 202 -32.38 4.96 50.62
C HIS I 202 -33.10 4.25 49.45
N LYS I 203 -33.10 4.89 48.28
CA LYS I 203 -33.77 4.32 47.12
C LYS I 203 -33.29 2.94 46.71
N THR I 204 -32.05 2.63 47.04
CA THR I 204 -31.48 1.33 46.68
C THR I 204 -32.28 0.17 47.27
N SER I 205 -33.19 0.49 48.18
CA SER I 205 -33.99 -0.56 48.79
C SER I 205 -35.32 -0.07 49.33
N THR I 206 -36.26 -0.99 49.49
CA THR I 206 -37.59 -0.68 50.01
C THR I 206 -37.43 -0.59 51.52
N SER I 207 -37.11 -1.73 52.12
CA SER I 207 -36.90 -1.85 53.54
C SER I 207 -35.66 -1.05 53.95
N PRO I 208 -35.79 -0.16 54.94
CA PRO I 208 -34.66 0.65 55.40
C PRO I 208 -33.61 -0.16 56.18
N ILE I 209 -32.34 0.05 55.86
CA ILE I 209 -31.24 -0.65 56.52
C ILE I 209 -31.09 -0.19 57.95
N VAL I 210 -31.27 -1.11 58.89
CA VAL I 210 -31.21 -0.79 60.31
C VAL I 210 -30.08 -1.40 61.13
N LYS I 211 -29.28 -0.52 61.72
CA LYS I 211 -28.15 -0.88 62.56
C LYS I 211 -28.35 -0.25 63.93
N SER I 212 -28.27 -1.07 64.97
CA SER I 212 -28.47 -0.60 66.33
C SER I 212 -27.77 -1.47 67.38
N PHE I 213 -27.91 -1.06 68.62
CA PHE I 213 -27.33 -1.79 69.74
C PHE I 213 -28.03 -1.22 70.96
N ASN I 214 -27.94 -1.92 72.07
CA ASN I 214 -28.63 -1.46 73.25
C ASN I 214 -27.79 -1.24 74.50
N ARG I 215 -28.25 -0.29 75.29
CA ARG I 215 -27.63 0.08 76.56
C ARG I 215 -27.93 -1.02 77.57
N ASP J 1 11.82 21.51 43.07
CA ASP J 1 10.94 22.14 42.03
C ASP J 1 10.17 23.28 42.70
N VAL J 2 9.55 24.11 41.87
CA VAL J 2 8.78 25.25 42.34
C VAL J 2 8.02 25.01 43.65
N GLN J 3 8.68 25.20 44.78
CA GLN J 3 8.02 25.02 46.05
C GLN J 3 7.45 26.36 46.49
N LEU J 4 6.28 26.32 47.10
CA LEU J 4 5.66 27.55 47.56
C LEU J 4 4.90 27.25 48.86
N GLN J 5 5.56 27.54 49.98
CA GLN J 5 4.99 27.29 51.31
C GLN J 5 4.30 28.50 51.92
N GLU J 6 3.39 28.23 52.85
CA GLU J 6 2.64 29.28 53.52
C GLU J 6 2.75 29.14 55.02
N SER J 7 2.11 30.05 55.75
CA SER J 7 2.13 30.04 57.20
C SER J 7 0.95 29.27 57.80
N GLY J 8 1.11 28.87 59.06
CA GLY J 8 0.07 28.13 59.76
C GLY J 8 -1.25 28.86 59.89
N THR J 9 -2.28 28.13 60.31
CA THR J 9 -3.63 28.65 60.47
C THR J 9 -3.63 29.95 61.26
N VAL J 10 -4.62 30.80 61.02
CA VAL J 10 -4.73 32.06 61.72
C VAL J 10 -6.03 32.16 62.47
N LEU J 11 -5.96 32.71 63.69
CA LEU J 11 -7.12 32.91 64.53
C LEU J 11 -7.06 34.35 65.02
N ALA J 12 -8.08 35.14 64.68
CA ALA J 12 -8.07 36.55 65.08
C ALA J 12 -9.41 37.11 65.58
N ARG J 13 -9.32 38.12 66.43
CA ARG J 13 -10.49 38.79 67.03
C ARG J 13 -11.08 39.84 66.08
N PRO J 14 -12.42 40.00 66.10
CA PRO J 14 -13.09 40.97 65.23
C PRO J 14 -12.58 42.41 65.38
N GLY J 15 -11.96 42.91 64.31
CA GLY J 15 -11.45 44.27 64.30
C GLY J 15 -9.94 44.34 64.38
N ALA J 16 -9.33 43.23 64.78
CA ALA J 16 -7.88 43.13 64.93
C ALA J 16 -7.15 43.31 63.60
N SER J 17 -6.15 42.47 63.38
CA SER J 17 -5.39 42.54 62.15
C SER J 17 -4.49 41.32 62.08
N VAL J 18 -4.06 40.98 60.86
CA VAL J 18 -3.19 39.83 60.67
C VAL J 18 -2.31 40.04 59.46
N LYS J 19 -1.26 39.22 59.40
CA LYS J 19 -0.32 39.27 58.29
C LYS J 19 0.03 37.81 57.97
N MET J 20 0.21 37.49 56.69
CA MET J 20 0.54 36.14 56.31
C MET J 20 1.81 36.14 55.47
N SER J 21 2.43 34.97 55.34
CA SER J 21 3.67 34.83 54.57
C SER J 21 3.50 33.93 53.37
N CYS J 22 4.57 33.74 52.62
CA CYS J 22 4.53 32.87 51.46
C CYS J 22 5.90 32.82 50.81
N LYS J 23 6.79 32.06 51.43
CA LYS J 23 8.15 31.87 50.97
C LYS J 23 8.19 31.24 49.59
N ALA J 24 9.08 31.74 48.73
CA ALA J 24 9.24 31.20 47.39
C ALA J 24 10.50 30.30 47.37
N SER J 25 10.49 29.25 46.55
CA SER J 25 11.62 28.34 46.50
C SER J 25 11.70 27.47 45.26
N GLY J 26 12.55 27.85 44.33
CA GLY J 26 12.69 27.05 43.12
C GLY J 26 12.68 27.87 41.84
N TYR J 27 12.37 29.16 41.95
CA TYR J 27 12.32 30.05 40.80
C TYR J 27 12.75 31.47 41.21
N SER J 28 13.04 32.30 40.22
CA SER J 28 13.47 33.65 40.54
C SER J 28 12.30 34.41 41.16
N PHE J 29 12.41 34.63 42.47
CA PHE J 29 11.39 35.35 43.26
C PHE J 29 11.12 36.75 42.73
N THR J 30 12.06 37.29 41.98
CA THR J 30 11.94 38.63 41.44
C THR J 30 11.40 38.63 40.02
N SER J 31 11.45 37.48 39.38
CA SER J 31 10.99 37.38 38.01
C SER J 31 9.52 36.99 37.89
N TYR J 32 8.85 36.87 39.03
CA TYR J 32 7.43 36.51 39.06
C TYR J 32 6.66 37.49 39.94
N TRP J 33 5.35 37.31 40.00
CA TRP J 33 4.52 38.13 40.87
C TRP J 33 4.29 37.19 42.05
N MET J 34 3.02 37.04 42.43
CA MET J 34 2.60 36.20 43.54
C MET J 34 1.32 36.85 44.03
N HIS J 35 0.18 36.28 43.67
CA HIS J 35 -1.06 36.87 44.10
C HIS J 35 -1.68 36.15 45.26
N TRP J 36 -2.70 36.76 45.83
CA TRP J 36 -3.40 36.16 46.93
C TRP J 36 -4.86 36.03 46.54
N ILE J 37 -5.37 34.79 46.61
CA ILE J 37 -6.75 34.53 46.25
C ILE J 37 -7.56 34.21 47.51
N LYS J 38 -8.80 34.68 47.53
CA LYS J 38 -9.67 34.43 48.67
C LYS J 38 -10.81 33.51 48.28
N GLN J 39 -10.99 32.44 49.03
CA GLN J 39 -12.05 31.48 48.74
C GLN J 39 -12.92 31.17 49.97
N ARG J 40 -14.17 31.62 49.91
CA ARG J 40 -15.13 31.40 51.00
C ARG J 40 -16.09 30.27 50.62
N PRO J 41 -16.45 29.41 51.59
CA PRO J 41 -17.35 28.26 51.46
C PRO J 41 -18.26 28.23 50.22
N GLY J 42 -19.56 28.35 50.45
CA GLY J 42 -20.49 28.32 49.33
C GLY J 42 -20.28 29.54 48.45
N GLN J 43 -19.02 29.89 48.22
CA GLN J 43 -18.69 31.07 47.43
C GLN J 43 -17.81 30.81 46.21
N GLY J 44 -16.51 30.63 46.40
CA GLY J 44 -15.65 30.39 45.24
C GLY J 44 -14.26 30.99 45.23
N LEU J 45 -13.96 31.81 44.22
CA LEU J 45 -12.64 32.41 44.11
C LEU J 45 -12.59 33.89 43.75
N GLU J 46 -11.89 34.67 44.57
CA GLU J 46 -11.73 36.10 44.35
C GLU J 46 -10.26 36.46 44.39
N TRP J 47 -9.78 37.12 43.34
CA TRP J 47 -8.39 37.55 43.29
C TRP J 47 -8.28 38.73 44.26
N ILE J 48 -7.13 38.92 44.87
CA ILE J 48 -6.94 40.05 45.79
C ILE J 48 -5.99 41.05 45.12
N GLY J 49 -4.76 40.60 44.91
CA GLY J 49 -3.76 41.45 44.29
C GLY J 49 -2.48 40.67 44.13
N GLY J 50 -1.40 41.35 43.75
CA GLY J 50 -0.11 40.69 43.58
C GLY J 50 1.05 41.66 43.68
N VAL J 51 2.23 41.15 44.05
CA VAL J 51 3.46 41.94 44.20
C VAL J 51 4.59 41.56 43.24
N TYR J 52 5.28 42.57 42.73
CA TYR J 52 6.42 42.37 41.82
C TYR J 52 7.63 42.64 42.71
N PRO J 53 8.05 41.61 43.45
CA PRO J 53 9.19 41.68 44.36
C PRO J 53 10.32 42.60 43.89
N GLY J 54 10.62 42.52 42.61
CA GLY J 54 11.71 43.31 42.06
C GLY J 54 11.44 44.79 42.08
N ASP J 55 10.25 45.19 41.69
CA ASP J 55 9.92 46.61 41.67
C ASP J 55 9.16 46.92 42.93
N SER J 56 8.92 45.89 43.74
CA SER J 56 8.16 46.04 44.98
C SER J 56 6.83 46.66 44.60
N HIS J 57 6.54 46.63 43.30
CA HIS J 57 5.32 47.19 42.74
C HIS J 57 4.12 46.39 43.23
N THR J 58 2.93 46.97 43.10
CA THR J 58 1.74 46.29 43.58
C THR J 58 0.44 46.53 42.76
N SER J 59 -0.45 45.54 42.73
CA SER J 59 -1.72 45.66 42.01
C SER J 59 -2.83 45.09 42.87
N TYR J 60 -3.78 45.94 43.24
CA TYR J 60 -4.91 45.50 44.08
C TYR J 60 -6.24 45.60 43.34
N ASN J 61 -7.24 44.94 43.92
CA ASN J 61 -8.61 44.98 43.42
C ASN J 61 -9.34 45.90 44.41
N GLN J 62 -9.86 47.02 43.91
CA GLN J 62 -10.54 47.99 44.75
C GLN J 62 -11.41 47.39 45.87
N LYS J 63 -11.85 46.15 45.71
CA LYS J 63 -12.69 45.51 46.73
C LYS J 63 -11.87 45.20 47.98
N PHE J 64 -10.56 45.24 47.83
CA PHE J 64 -9.71 44.94 48.97
C PHE J 64 -8.69 46.00 49.29
N LYS J 65 -8.56 46.99 48.41
CA LYS J 65 -7.56 48.05 48.62
C LYS J 65 -7.36 48.38 50.10
N GLY J 66 -8.43 48.67 50.82
CA GLY J 66 -8.29 48.99 52.23
C GLY J 66 -8.35 47.81 53.19
N LYS J 67 -8.08 46.61 52.70
CA LYS J 67 -8.14 45.44 53.57
C LYS J 67 -6.86 44.59 53.61
N ALA J 68 -6.17 44.53 52.49
CA ALA J 68 -4.96 43.76 52.42
C ALA J 68 -3.78 44.63 52.00
N LYS J 69 -2.75 44.68 52.84
CA LYS J 69 -1.57 45.46 52.53
C LYS J 69 -0.54 44.38 52.17
N LEU J 70 -0.06 44.40 50.94
CA LEU J 70 0.92 43.40 50.55
C LEU J 70 2.32 43.97 50.54
N THR J 71 3.29 43.13 50.90
CA THR J 71 4.71 43.47 50.96
C THR J 71 5.50 42.23 50.53
N ALA J 72 6.82 42.31 50.56
CA ALA J 72 7.66 41.17 50.17
C ALA J 72 9.16 41.43 50.31
N VAL J 73 9.86 40.53 51.02
CA VAL J 73 11.29 40.67 51.21
C VAL J 73 12.03 39.87 50.15
N THR J 74 12.72 40.57 49.27
CA THR J 74 13.46 39.90 48.22
C THR J 74 14.32 38.84 48.89
N SER J 75 15.29 39.30 49.68
CA SER J 75 16.22 38.42 50.37
C SER J 75 15.56 37.25 51.09
N ALA J 76 14.43 37.50 51.73
CA ALA J 76 13.68 36.45 52.46
C ALA J 76 12.95 35.62 51.45
N SER J 77 12.73 36.22 50.28
CA SER J 77 12.07 35.56 49.18
C SER J 77 10.61 35.26 49.51
N THR J 78 10.01 36.13 50.33
CA THR J 78 8.62 35.94 50.71
C THR J 78 7.78 37.19 50.56
N ALA J 79 6.54 36.97 50.13
CA ALA J 79 5.58 38.05 49.96
C ALA J 79 4.63 37.97 51.14
N TYR J 80 3.98 39.09 51.45
CA TYR J 80 3.08 39.13 52.58
C TYR J 80 1.78 39.83 52.24
N MET J 81 0.77 39.54 53.04
CA MET J 81 -0.54 40.15 52.89
C MET J 81 -1.05 40.39 54.31
N GLU J 82 -1.40 41.64 54.59
CA GLU J 82 -1.86 42.03 55.91
C GLU J 82 -3.35 42.33 55.93
N LEU J 83 -4.08 41.61 56.78
CA LEU J 83 -5.52 41.81 56.90
C LEU J 83 -5.81 42.71 58.09
N SER J 84 -6.31 43.91 57.79
CA SER J 84 -6.63 44.89 58.82
C SER J 84 -8.09 44.84 59.27
N SER J 85 -8.41 45.61 60.31
CA SER J 85 -9.76 45.70 60.89
C SER J 85 -10.73 44.62 60.40
N LEU J 86 -10.49 43.39 60.87
CA LEU J 86 -11.29 42.21 60.52
C LEU J 86 -12.76 42.19 60.95
N THR J 87 -13.54 41.44 60.18
CA THR J 87 -14.98 41.24 60.42
C THR J 87 -15.11 39.72 60.45
N ASN J 88 -16.34 39.24 60.27
CA ASN J 88 -16.58 37.81 60.27
C ASN J 88 -16.55 37.31 58.82
N GLU J 89 -16.54 38.25 57.88
CA GLU J 89 -16.55 37.92 56.46
C GLU J 89 -15.18 37.63 55.92
N ASP J 90 -14.22 38.48 56.26
CA ASP J 90 -12.88 38.28 55.78
C ASP J 90 -12.40 36.89 56.19
N SER J 91 -13.15 36.24 57.07
CA SER J 91 -12.78 34.90 57.52
C SER J 91 -13.04 33.94 56.36
N ALA J 92 -11.96 33.33 55.87
CA ALA J 92 -12.00 32.40 54.76
C ALA J 92 -10.60 31.90 54.54
N VAL J 93 -10.44 31.03 53.54
CA VAL J 93 -9.12 30.52 53.24
C VAL J 93 -8.48 31.41 52.18
N TYR J 94 -7.25 31.81 52.44
CA TYR J 94 -6.56 32.64 51.48
C TYR J 94 -5.44 31.81 50.89
N TYR J 95 -5.33 31.87 49.57
CA TYR J 95 -4.30 31.14 48.87
C TYR J 95 -3.30 32.14 48.33
N CYS J 96 -2.09 31.66 48.18
CA CYS J 96 -1.02 32.46 47.64
C CYS J 96 -0.64 31.69 46.40
N THR J 97 -0.45 32.39 45.29
CA THR J 97 -0.03 31.75 44.06
C THR J 97 0.86 32.73 43.32
N ARG J 98 1.89 32.20 42.67
CA ARG J 98 2.85 33.01 41.93
C ARG J 98 2.19 33.35 40.60
N SER J 99 2.71 34.34 39.89
CA SER J 99 2.19 34.76 38.57
C SER J 99 3.25 35.36 37.64
N GLY J 100 3.14 35.02 36.36
CA GLY J 100 4.10 35.51 35.37
C GLY J 100 4.21 37.02 35.24
N PHE J 101 5.40 37.46 34.85
CA PHE J 101 5.69 38.86 34.66
C PHE J 101 5.05 39.31 33.31
N ASP J 102 4.05 38.55 32.85
CA ASP J 102 3.35 38.81 31.59
C ASP J 102 1.92 38.24 31.43
N TYR J 103 1.59 37.16 32.14
CA TYR J 103 0.25 36.52 32.04
C TYR J 103 -0.58 36.43 33.34
N GLY J 104 -0.97 35.21 33.74
CA GLY J 104 -1.65 35.11 35.03
C GLY J 104 -2.02 33.66 35.31
N ASN J 105 -1.92 33.08 36.51
CA ASN J 105 -2.24 31.65 36.80
C ASN J 105 -1.06 30.69 36.59
N GLU J 106 -0.73 29.92 37.62
CA GLU J 106 0.42 28.99 37.54
C GLU J 106 0.62 28.09 38.75
N ASP J 107 1.08 28.65 39.85
CA ASP J 107 1.29 27.83 41.05
C ASP J 107 0.58 28.31 42.24
N TRP J 108 -0.04 27.37 42.94
CA TRP J 108 -0.82 27.69 44.11
C TRP J 108 -0.21 27.11 45.37
N GLY J 109 -0.39 27.84 46.46
CA GLY J 109 0.13 27.42 47.73
C GLY J 109 -0.91 26.66 48.52
N GLN J 110 -0.43 25.79 49.40
CA GLN J 110 -1.30 25.00 50.26
C GLN J 110 -2.51 25.79 50.80
N GLY J 111 -2.35 27.09 50.97
CA GLY J 111 -3.45 27.91 51.46
C GLY J 111 -3.59 27.87 52.97
N THR J 112 -3.58 29.04 53.59
CA THR J 112 -3.70 29.14 55.04
C THR J 112 -5.13 29.44 55.47
N THR J 113 -5.77 28.52 56.22
CA THR J 113 -7.14 28.75 56.66
C THR J 113 -7.17 29.90 57.64
N LEU J 114 -8.28 30.63 57.65
CA LEU J 114 -8.41 31.81 58.51
C LEU J 114 -9.76 31.99 59.23
N THR J 115 -9.75 31.89 60.56
CA THR J 115 -10.95 32.07 61.38
C THR J 115 -10.90 33.37 62.17
N VAL J 116 -11.98 34.14 62.07
CA VAL J 116 -12.10 35.43 62.73
C VAL J 116 -13.19 35.51 63.80
N SER J 117 -13.17 34.58 64.75
CA SER J 117 -14.20 34.54 65.79
C SER J 117 -13.84 35.31 67.04
N SER J 118 -14.40 34.87 68.17
CA SER J 118 -14.16 35.47 69.48
C SER J 118 -14.07 34.35 70.52
N ALA J 119 -14.44 33.14 70.11
CA ALA J 119 -14.38 31.98 70.98
C ALA J 119 -12.89 31.68 71.16
N LYS J 120 -12.57 30.92 72.21
CA LYS J 120 -11.17 30.59 72.48
C LYS J 120 -10.80 29.22 71.93
N THR J 121 -9.60 29.17 71.33
CA THR J 121 -9.09 27.95 70.76
C THR J 121 -9.32 26.78 71.69
N THR J 122 -10.10 25.80 71.25
CA THR J 122 -10.32 24.64 72.10
C THR J 122 -9.72 23.42 71.40
N PRO J 123 -8.73 22.77 72.04
CA PRO J 123 -8.09 21.60 71.47
C PRO J 123 -9.10 20.47 71.25
N PRO J 124 -8.80 19.58 70.30
CA PRO J 124 -9.68 18.45 69.98
C PRO J 124 -9.97 17.51 71.14
N SER J 125 -10.48 16.34 70.77
CA SER J 125 -10.83 15.32 71.72
C SER J 125 -10.99 14.08 70.85
N VAL J 126 -10.01 13.21 70.93
CA VAL J 126 -10.01 12.00 70.13
C VAL J 126 -10.45 10.76 70.87
N TYR J 127 -11.49 10.15 70.31
CA TYR J 127 -12.08 8.94 70.84
C TYR J 127 -12.00 7.90 69.71
N PRO J 128 -11.64 6.64 70.04
CA PRO J 128 -11.54 5.55 69.05
C PRO J 128 -12.87 4.85 68.83
N LEU J 129 -13.15 4.49 67.58
CA LEU J 129 -14.39 3.81 67.26
C LEU J 129 -14.19 2.31 67.10
N ALA J 130 -14.65 1.55 68.11
CA ALA J 130 -14.56 0.10 68.16
C ALA J 130 -15.93 -0.58 68.09
N PRO J 131 -16.01 -1.67 67.30
CA PRO J 131 -17.27 -2.42 67.12
C PRO J 131 -17.76 -3.16 68.38
N GLY J 132 -18.92 -3.82 68.26
CA GLY J 132 -19.47 -4.57 69.37
C GLY J 132 -19.26 -6.05 69.11
N SER J 133 -17.98 -6.45 69.12
CA SER J 133 -17.54 -7.82 68.88
C SER J 133 -16.10 -7.78 68.32
N ALA J 134 -15.34 -8.86 68.54
CA ALA J 134 -13.97 -8.94 68.03
C ALA J 134 -14.08 -8.74 66.53
N ALA J 135 -15.33 -8.78 66.05
CA ALA J 135 -15.69 -8.60 64.65
C ALA J 135 -15.43 -9.85 63.81
N GLN J 136 -15.90 -10.99 64.30
CA GLN J 136 -15.77 -12.29 63.64
C GLN J 136 -14.54 -12.53 62.76
N THR J 137 -14.39 -13.77 62.30
CA THR J 137 -13.25 -14.14 61.46
C THR J 137 -13.40 -13.78 59.98
N ASN J 138 -12.25 -13.55 59.34
CA ASN J 138 -12.13 -13.21 57.92
C ASN J 138 -13.03 -12.13 57.34
N SER J 139 -14.06 -11.76 58.08
CA SER J 139 -14.96 -10.73 57.62
C SER J 139 -14.14 -9.44 57.67
N MET J 140 -14.27 -8.59 56.65
CA MET J 140 -13.54 -7.33 56.65
C MET J 140 -14.09 -6.40 57.75
N VAL J 141 -13.20 -5.67 58.41
CA VAL J 141 -13.60 -4.77 59.49
C VAL J 141 -13.32 -3.26 59.26
N THR J 142 -14.26 -2.41 59.67
CA THR J 142 -14.10 -0.96 59.51
C THR J 142 -13.91 -0.27 60.87
N LEU J 143 -12.73 0.32 61.06
CA LEU J 143 -12.46 1.03 62.30
C LEU J 143 -12.73 2.51 62.11
N GLY J 144 -12.94 3.20 63.22
CA GLY J 144 -13.22 4.61 63.14
C GLY J 144 -12.34 5.46 64.02
N CYS J 145 -12.73 6.72 64.16
CA CYS J 145 -11.97 7.66 64.96
C CYS J 145 -12.82 8.89 65.16
N LEU J 146 -12.93 9.35 66.40
CA LEU J 146 -13.73 10.54 66.62
C LEU J 146 -12.96 11.75 67.15
N VAL J 147 -13.16 12.87 66.44
CA VAL J 147 -12.54 14.14 66.78
C VAL J 147 -13.68 15.02 67.30
N LYS J 148 -13.73 15.16 68.63
CA LYS J 148 -14.81 15.93 69.26
C LYS J 148 -14.48 17.37 69.68
N GLY J 149 -15.45 18.25 69.44
CA GLY J 149 -15.32 19.65 69.79
C GLY J 149 -13.93 20.24 69.83
N TYR J 150 -13.55 20.89 68.73
CA TYR J 150 -12.24 21.54 68.63
C TYR J 150 -12.44 22.88 67.93
N PHE J 151 -11.40 23.71 67.84
CA PHE J 151 -11.56 25.01 67.19
C PHE J 151 -10.29 25.85 67.12
N PRO J 152 -10.06 26.53 65.97
CA PRO J 152 -11.00 26.47 64.85
C PRO J 152 -10.53 25.31 63.97
N GLU J 153 -10.73 25.41 62.65
CA GLU J 153 -10.26 24.33 61.79
C GLU J 153 -8.90 24.71 61.20
N PRO J 154 -8.21 23.75 60.56
CA PRO J 154 -8.60 22.35 60.34
C PRO J 154 -8.11 21.39 61.41
N VAL J 155 -7.77 20.18 60.98
CA VAL J 155 -7.28 19.13 61.87
C VAL J 155 -6.88 17.90 61.07
N THR J 156 -5.69 17.89 60.50
CA THR J 156 -5.23 16.75 59.72
C THR J 156 -5.49 15.43 60.43
N VAL J 157 -5.96 14.44 59.67
CA VAL J 157 -6.21 13.12 60.23
C VAL J 157 -5.78 12.04 59.23
N THR J 158 -5.03 11.06 59.72
CA THR J 158 -4.55 9.97 58.88
C THR J 158 -4.43 8.73 59.74
N TRP J 159 -4.09 7.62 59.10
CA TRP J 159 -3.93 6.36 59.81
C TRP J 159 -2.54 5.81 59.58
N ASN J 160 -2.06 5.05 60.56
CA ASN J 160 -0.74 4.44 60.50
C ASN J 160 0.28 5.40 59.91
N SER J 161 0.32 6.62 60.45
CA SER J 161 1.25 7.65 60.00
C SER J 161 1.17 7.87 58.48
N GLY J 162 0.05 7.45 57.90
CA GLY J 162 -0.11 7.62 56.48
C GLY J 162 0.07 6.36 55.63
N SER J 163 0.46 5.24 56.25
CA SER J 163 0.63 4.00 55.49
C SER J 163 -0.75 3.66 54.90
N LEU J 164 -1.68 3.33 55.78
CA LEU J 164 -3.04 3.02 55.37
C LEU J 164 -3.61 4.28 54.73
N SER J 165 -4.16 4.12 53.54
CA SER J 165 -4.71 5.27 52.84
C SER J 165 -5.91 4.81 52.01
N SER J 166 -5.79 3.62 51.45
CA SER J 166 -6.84 3.03 50.64
C SER J 166 -7.94 2.49 51.55
N GLY J 167 -9.18 2.90 51.28
CA GLY J 167 -10.30 2.44 52.08
C GLY J 167 -10.53 3.32 53.30
N VAL J 168 -10.21 4.60 53.16
CA VAL J 168 -10.36 5.56 54.25
C VAL J 168 -11.39 6.63 53.92
N HIS J 169 -12.14 7.04 54.95
CA HIS J 169 -13.14 8.09 54.81
C HIS J 169 -13.05 9.10 55.95
N THR J 170 -12.65 10.31 55.61
CA THR J 170 -12.50 11.38 56.58
C THR J 170 -13.59 12.42 56.36
N PHE J 171 -14.63 12.33 57.18
CA PHE J 171 -15.80 13.21 57.11
C PHE J 171 -15.50 14.64 57.53
N PRO J 172 -16.00 15.62 56.77
CA PRO J 172 -15.84 17.06 56.97
C PRO J 172 -16.40 17.65 58.26
N ALA J 173 -16.18 18.94 58.39
CA ALA J 173 -16.58 19.73 59.56
C ALA J 173 -18.06 19.75 59.92
N VAL J 174 -18.32 20.19 61.14
CA VAL J 174 -19.67 20.32 61.72
C VAL J 174 -19.55 21.15 63.00
N LEU J 175 -20.28 22.26 63.05
CA LEU J 175 -20.25 23.16 64.21
C LEU J 175 -21.02 22.68 65.44
N GLN J 176 -20.49 21.67 66.12
CA GLN J 176 -21.10 21.16 67.35
C GLN J 176 -21.10 22.35 68.31
N SER J 177 -22.24 23.02 68.44
CA SER J 177 -22.34 24.18 69.31
C SER J 177 -21.45 25.26 68.68
N ASP J 178 -20.36 25.60 69.36
CA ASP J 178 -19.42 26.59 68.81
C ASP J 178 -18.07 25.93 68.72
N LEU J 179 -18.13 24.60 68.76
CA LEU J 179 -16.98 23.72 68.62
C LEU J 179 -17.28 22.91 67.38
N TYR J 180 -16.28 22.20 66.87
CA TYR J 180 -16.48 21.39 65.68
C TYR J 180 -16.33 19.93 66.02
N THR J 181 -16.75 19.07 65.10
CA THR J 181 -16.63 17.63 65.34
C THR J 181 -16.39 16.85 64.07
N LEU J 182 -15.22 16.23 63.99
CA LEU J 182 -14.87 15.48 62.81
C LEU J 182 -14.70 13.99 63.10
N SER J 183 -14.98 13.19 62.08
CA SER J 183 -14.90 11.74 62.18
C SER J 183 -14.17 11.14 61.00
N SER J 184 -13.52 10.01 61.24
CA SER J 184 -12.77 9.30 60.22
C SER J 184 -13.13 7.82 60.32
N SER J 185 -12.83 7.07 59.27
CA SER J 185 -13.13 5.64 59.28
C SER J 185 -12.21 4.92 58.31
N VAL J 186 -11.70 3.78 58.74
CA VAL J 186 -10.83 3.00 57.87
C VAL J 186 -11.43 1.60 57.79
N THR J 187 -11.33 1.00 56.62
CA THR J 187 -11.88 -0.32 56.40
C THR J 187 -10.74 -1.26 56.15
N VAL J 188 -10.68 -2.37 56.88
CA VAL J 188 -9.59 -3.30 56.66
C VAL J 188 -9.93 -4.77 56.82
N PRO J 189 -9.21 -5.61 56.05
CA PRO J 189 -9.40 -7.07 56.10
C PRO J 189 -9.39 -7.55 57.54
N SER J 190 -9.98 -8.71 57.79
CA SER J 190 -10.01 -9.26 59.14
C SER J 190 -8.57 -9.67 59.49
N SER J 191 -7.68 -9.54 58.50
CA SER J 191 -6.28 -9.90 58.64
C SER J 191 -5.36 -8.88 59.32
N PRO J 192 -5.46 -7.57 58.96
CA PRO J 192 -4.59 -6.57 59.59
C PRO J 192 -4.84 -6.32 61.10
N ARG J 193 -6.11 -6.23 61.49
CA ARG J 193 -6.46 -5.98 62.87
C ARG J 193 -7.25 -7.17 63.42
N PRO J 194 -7.07 -7.48 64.72
CA PRO J 194 -6.18 -6.78 65.65
C PRO J 194 -4.76 -7.29 65.66
N SER J 195 -4.39 -8.11 64.69
CA SER J 195 -3.04 -8.65 64.65
C SER J 195 -1.99 -7.53 64.64
N GLU J 196 -2.23 -6.52 63.81
CA GLU J 196 -1.33 -5.38 63.68
C GLU J 196 -1.89 -4.22 64.50
N THR J 197 -1.07 -3.20 64.73
CA THR J 197 -1.46 -2.03 65.53
C THR J 197 -2.18 -0.96 64.70
N VAL J 198 -3.51 -0.89 64.84
CA VAL J 198 -4.29 0.09 64.11
C VAL J 198 -4.29 1.43 64.85
N THR J 199 -3.69 2.45 64.22
CA THR J 199 -3.61 3.76 64.85
C THR J 199 -4.18 4.90 64.01
N CYS J 200 -4.94 5.76 64.69
CA CYS J 200 -5.55 6.94 64.07
C CYS J 200 -4.82 8.18 64.60
N ASN J 201 -4.06 8.83 63.71
CA ASN J 201 -3.28 10.01 64.09
C ASN J 201 -4.01 11.32 63.79
N VAL J 202 -4.53 11.95 64.85
CA VAL J 202 -5.23 13.23 64.66
C VAL J 202 -4.28 14.36 65.03
N ALA J 203 -4.25 15.37 64.19
CA ALA J 203 -3.40 16.51 64.42
C ALA J 203 -4.22 17.77 64.29
N HIS J 204 -3.95 18.72 65.15
CA HIS J 204 -4.65 19.99 65.11
C HIS J 204 -3.59 21.05 65.35
N PRO J 205 -3.02 21.56 64.26
CA PRO J 205 -1.98 22.58 64.40
C PRO J 205 -2.46 23.74 65.26
N ALA J 206 -3.60 24.33 64.89
CA ALA J 206 -4.15 25.47 65.61
C ALA J 206 -3.86 25.46 67.10
N SER J 207 -3.79 24.27 67.68
CA SER J 207 -3.55 24.14 69.11
C SER J 207 -2.26 23.44 69.49
N SER J 208 -1.43 23.10 68.51
CA SER J 208 -0.18 22.42 68.79
C SER J 208 -0.44 21.03 69.43
N THR J 209 -1.60 20.45 69.10
CA THR J 209 -2.00 19.15 69.63
C THR J 209 -1.85 18.02 68.62
N LYS J 210 -1.10 17.00 69.00
CA LYS J 210 -0.91 15.82 68.17
C LYS J 210 -1.40 14.64 69.01
N VAL J 211 -2.07 13.68 68.39
CA VAL J 211 -2.57 12.54 69.14
C VAL J 211 -2.77 11.35 68.23
N ASP J 212 -2.25 10.22 68.67
CA ASP J 212 -2.34 8.97 67.93
C ASP J 212 -3.04 7.95 68.80
N LYS J 213 -4.24 7.54 68.41
CA LYS J 213 -4.99 6.57 69.19
C LYS J 213 -5.06 5.22 68.51
N LYS J 214 -4.71 4.17 69.25
CA LYS J 214 -4.70 2.80 68.75
C LYS J 214 -6.16 2.32 68.65
N ILE J 215 -6.39 1.03 68.43
CA ILE J 215 -7.76 0.53 68.33
C ILE J 215 -8.00 -0.77 69.13
#